data_2RQS
#
_entry.id   2RQS
#
_entity_poly.entity_id   1
_entity_poly.type   'polypeptide(L)'
_entity_poly.pdbx_seq_one_letter_code
;GPMGSMADKIKCSHILVKKQGEALAVQERLKAGEKFGKLAKELSIDGGSAKRDGSLGYFGRGKMVKPFEDAAFRLQVGEV
SEPVKSEFGYHVIKRLG
;
_entity_poly.pdbx_strand_id   A
#
# COMPACT_ATOMS: atom_id res chain seq x y z
N GLY A 1 -26.53 -6.08 -8.01
CA GLY A 1 -25.40 -5.86 -8.95
C GLY A 1 -25.19 -4.39 -9.28
N PRO A 2 -24.55 -3.64 -8.37
CA PRO A 2 -24.29 -2.20 -8.57
C PRO A 2 -23.26 -1.96 -9.67
N MET A 3 -23.22 -0.73 -10.17
CA MET A 3 -22.27 -0.36 -11.22
C MET A 3 -20.83 -0.43 -10.70
N GLY A 4 -19.96 -1.04 -11.49
CA GLY A 4 -18.57 -1.17 -11.10
C GLY A 4 -17.94 -2.46 -11.60
N SER A 5 -18.17 -2.76 -12.87
CA SER A 5 -17.62 -3.97 -13.47
C SER A 5 -16.16 -3.77 -13.88
N MET A 6 -15.47 -4.87 -14.15
CA MET A 6 -14.07 -4.83 -14.55
C MET A 6 -13.18 -4.37 -13.39
N ALA A 7 -12.35 -5.27 -12.90
CA ALA A 7 -11.44 -4.96 -11.79
C ALA A 7 -10.17 -5.80 -11.87
N ASP A 8 -9.66 -5.98 -13.08
CA ASP A 8 -8.44 -6.76 -13.30
C ASP A 8 -7.33 -6.30 -12.37
N LYS A 9 -7.27 -4.98 -12.15
CA LYS A 9 -6.26 -4.40 -11.30
C LYS A 9 -6.65 -4.43 -9.84
N ILE A 10 -5.69 -4.06 -9.01
CA ILE A 10 -5.90 -4.00 -7.57
C ILE A 10 -5.77 -2.56 -7.14
N LYS A 11 -6.65 -2.16 -6.25
CA LYS A 11 -6.66 -0.79 -5.77
C LYS A 11 -6.19 -0.74 -4.33
N CYS A 12 -4.91 -0.42 -4.15
CA CYS A 12 -4.29 -0.36 -2.84
C CYS A 12 -3.43 0.90 -2.71
N SER A 13 -2.81 1.08 -1.55
CA SER A 13 -1.95 2.23 -1.30
C SER A 13 -0.66 1.76 -0.63
N HIS A 14 0.38 2.58 -0.63
CA HIS A 14 1.64 2.18 -0.02
C HIS A 14 2.31 3.26 0.82
N ILE A 15 3.01 2.82 1.86
CA ILE A 15 3.72 3.70 2.77
C ILE A 15 5.16 3.20 2.96
N LEU A 16 6.08 4.10 3.30
CA LEU A 16 7.48 3.73 3.48
C LEU A 16 8.09 4.39 4.71
N VAL A 17 8.83 3.60 5.48
CA VAL A 17 9.50 4.09 6.67
C VAL A 17 10.79 3.33 6.93
N LYS A 18 11.87 4.03 7.22
CA LYS A 18 13.15 3.39 7.48
C LYS A 18 13.11 2.65 8.81
N LYS A 19 12.39 3.22 9.77
CA LYS A 19 12.24 2.59 11.08
C LYS A 19 11.31 1.39 10.93
N GLN A 20 11.89 0.29 10.44
CA GLN A 20 11.15 -0.94 10.19
C GLN A 20 10.22 -1.31 11.35
N GLY A 21 10.56 -0.88 12.56
CA GLY A 21 9.70 -1.20 13.69
C GLY A 21 8.37 -0.49 13.61
N GLU A 22 8.37 0.70 13.02
CA GLU A 22 7.14 1.47 12.88
C GLU A 22 6.22 0.80 11.88
N ALA A 23 6.80 0.34 10.77
CA ALA A 23 6.04 -0.34 9.73
C ALA A 23 5.13 -1.39 10.34
N LEU A 24 5.62 -2.08 11.36
CA LEU A 24 4.86 -3.11 12.05
C LEU A 24 3.77 -2.48 12.92
N ALA A 25 4.07 -1.30 13.45
CA ALA A 25 3.14 -0.57 14.30
C ALA A 25 2.03 0.08 13.48
N VAL A 26 2.42 0.86 12.47
CA VAL A 26 1.45 1.53 11.63
C VAL A 26 0.41 0.55 11.12
N GLN A 27 0.86 -0.61 10.64
CA GLN A 27 -0.07 -1.62 10.14
C GLN A 27 -1.09 -1.95 11.22
N GLU A 28 -0.64 -1.93 12.46
CA GLU A 28 -1.49 -2.21 13.62
C GLU A 28 -2.44 -1.05 13.90
N ARG A 29 -1.88 0.16 13.91
CA ARG A 29 -2.66 1.37 14.19
C ARG A 29 -3.47 1.83 12.98
N LEU A 30 -3.05 1.44 11.79
CA LEU A 30 -3.73 1.83 10.56
C LEU A 30 -5.22 1.51 10.63
N LYS A 31 -5.55 0.29 11.05
CA LYS A 31 -6.93 -0.14 11.16
C LYS A 31 -7.64 0.54 12.34
N ALA A 32 -6.86 1.24 13.17
CA ALA A 32 -7.41 1.92 14.33
C ALA A 32 -8.49 2.91 13.92
N GLY A 33 -8.45 3.35 12.67
CA GLY A 33 -9.41 4.31 12.18
C GLY A 33 -8.79 5.36 11.29
N GLU A 34 -7.45 5.43 11.31
CA GLU A 34 -6.74 6.41 10.50
C GLU A 34 -6.75 5.99 9.03
N LYS A 35 -6.63 6.99 8.15
CA LYS A 35 -6.62 6.71 6.71
C LYS A 35 -5.21 6.43 6.22
N PHE A 36 -5.07 5.34 5.46
CA PHE A 36 -3.77 4.96 4.92
C PHE A 36 -3.07 6.14 4.26
N GLY A 37 -3.81 6.82 3.39
CA GLY A 37 -3.26 7.97 2.70
C GLY A 37 -2.69 8.99 3.66
N LYS A 38 -3.32 9.12 4.83
CA LYS A 38 -2.87 10.06 5.85
C LYS A 38 -1.43 9.78 6.24
N LEU A 39 -1.16 8.53 6.62
CA LEU A 39 0.17 8.10 7.00
C LEU A 39 1.17 8.45 5.91
N ALA A 40 0.71 8.47 4.66
CA ALA A 40 1.57 8.78 3.52
C ALA A 40 2.32 10.09 3.75
N LYS A 41 1.57 11.13 4.08
CA LYS A 41 2.15 12.43 4.35
C LYS A 41 2.57 12.54 5.80
N GLU A 42 1.95 11.74 6.66
CA GLU A 42 2.22 11.77 8.10
C GLU A 42 3.61 11.23 8.46
N LEU A 43 3.83 9.92 8.29
CA LEU A 43 5.13 9.34 8.63
C LEU A 43 5.83 8.70 7.43
N SER A 44 5.11 8.51 6.33
CA SER A 44 5.68 7.89 5.14
C SER A 44 6.80 8.75 4.56
N ILE A 45 7.96 8.13 4.34
CA ILE A 45 9.11 8.83 3.78
C ILE A 45 9.14 8.70 2.26
N ASP A 46 8.22 7.90 1.72
CA ASP A 46 8.13 7.68 0.28
C ASP A 46 8.21 8.99 -0.48
N GLY A 47 9.00 9.01 -1.55
CA GLY A 47 9.16 10.21 -2.34
C GLY A 47 7.86 10.67 -2.96
N GLY A 48 7.93 11.76 -3.73
CA GLY A 48 6.77 12.37 -4.39
C GLY A 48 5.51 11.51 -4.39
N SER A 49 5.63 10.23 -4.68
CA SER A 49 4.47 9.34 -4.70
C SER A 49 3.64 9.45 -3.42
N ALA A 50 4.30 9.84 -2.32
CA ALA A 50 3.61 10.00 -1.05
C ALA A 50 2.70 11.22 -1.04
N LYS A 51 2.99 12.17 -1.94
CA LYS A 51 2.21 13.39 -2.04
C LYS A 51 0.81 13.11 -2.55
N ARG A 52 0.60 11.91 -3.10
CA ARG A 52 -0.71 11.52 -3.62
C ARG A 52 -1.38 10.54 -2.66
N ASP A 53 -1.00 10.61 -1.39
CA ASP A 53 -1.54 9.74 -0.36
C ASP A 53 -1.26 8.27 -0.67
N GLY A 54 -0.22 8.02 -1.46
CA GLY A 54 0.13 6.66 -1.82
C GLY A 54 -0.98 5.93 -2.54
N SER A 55 -1.91 6.69 -3.10
CA SER A 55 -3.03 6.10 -3.83
C SER A 55 -2.54 5.35 -5.06
N LEU A 56 -2.14 4.11 -4.85
CA LEU A 56 -1.64 3.27 -5.94
C LEU A 56 -2.74 3.01 -6.97
N GLY A 57 -3.99 3.10 -6.54
CA GLY A 57 -5.10 2.89 -7.44
C GLY A 57 -5.07 1.52 -8.10
N TYR A 58 -5.79 1.38 -9.21
CA TYR A 58 -5.85 0.11 -9.92
C TYR A 58 -4.51 -0.24 -10.56
N PHE A 59 -3.88 -1.28 -10.03
CA PHE A 59 -2.62 -1.76 -10.59
C PHE A 59 -2.79 -3.19 -11.05
N GLY A 60 -1.95 -3.62 -11.98
CA GLY A 60 -2.05 -4.97 -12.49
C GLY A 60 -0.79 -5.78 -12.22
N ARG A 61 -0.74 -6.99 -12.77
CA ARG A 61 0.41 -7.86 -12.60
C ARG A 61 1.55 -7.39 -13.46
N GLY A 62 2.26 -6.38 -12.99
CA GLY A 62 3.37 -5.85 -13.74
C GLY A 62 3.56 -4.36 -13.55
N LYS A 63 3.32 -3.87 -12.34
CA LYS A 63 3.46 -2.45 -12.05
C LYS A 63 4.31 -2.22 -10.81
N MET A 64 4.06 -3.02 -9.77
CA MET A 64 4.81 -2.88 -8.51
C MET A 64 5.86 -3.98 -8.38
N VAL A 65 6.76 -3.81 -7.40
CA VAL A 65 7.81 -4.78 -7.16
C VAL A 65 7.21 -6.16 -6.89
N LYS A 66 8.03 -7.21 -7.05
CA LYS A 66 7.58 -8.58 -6.86
C LYS A 66 6.98 -8.82 -5.46
N PRO A 67 7.68 -8.38 -4.39
CA PRO A 67 7.19 -8.57 -3.02
C PRO A 67 5.93 -7.78 -2.73
N PHE A 68 5.86 -6.59 -3.31
CA PHE A 68 4.71 -5.71 -3.13
C PHE A 68 3.52 -6.20 -3.95
N GLU A 69 3.76 -6.46 -5.23
CA GLU A 69 2.72 -6.94 -6.13
C GLU A 69 2.08 -8.20 -5.57
N ASP A 70 2.87 -9.00 -4.87
CA ASP A 70 2.38 -10.24 -4.27
C ASP A 70 1.35 -9.95 -3.18
N ALA A 71 1.73 -9.10 -2.23
CA ALA A 71 0.84 -8.73 -1.14
C ALA A 71 -0.25 -7.76 -1.59
N ALA A 72 -0.12 -7.25 -2.80
CA ALA A 72 -1.10 -6.31 -3.34
C ALA A 72 -2.45 -6.97 -3.59
N PHE A 73 -2.42 -8.22 -4.05
CA PHE A 73 -3.65 -8.96 -4.34
C PHE A 73 -3.93 -10.03 -3.29
N ARG A 74 -3.29 -9.94 -2.13
CA ARG A 74 -3.49 -10.92 -1.07
C ARG A 74 -4.45 -10.37 -0.02
N LEU A 75 -4.48 -9.05 0.14
CA LEU A 75 -5.35 -8.42 1.11
C LEU A 75 -6.56 -7.79 0.44
N GLN A 76 -7.38 -8.64 -0.17
CA GLN A 76 -8.60 -8.17 -0.83
C GLN A 76 -9.62 -7.72 0.21
N VAL A 77 -9.42 -8.16 1.45
CA VAL A 77 -10.30 -7.81 2.54
C VAL A 77 -10.22 -6.31 2.84
N GLY A 78 -9.08 -5.71 2.51
CA GLY A 78 -8.90 -4.31 2.76
C GLY A 78 -8.20 -4.05 4.07
N GLU A 79 -7.03 -4.61 4.21
CA GLU A 79 -6.27 -4.48 5.44
C GLU A 79 -4.79 -4.25 5.15
N VAL A 80 -4.02 -4.02 6.20
CA VAL A 80 -2.60 -3.82 6.03
C VAL A 80 -1.89 -5.16 5.90
N SER A 81 -0.84 -5.20 5.10
CA SER A 81 -0.10 -6.44 4.88
C SER A 81 1.22 -6.45 5.63
N GLU A 82 1.80 -7.64 5.76
CA GLU A 82 3.06 -7.83 6.47
C GLU A 82 4.13 -6.85 5.98
N PRO A 83 5.11 -6.53 6.86
CA PRO A 83 6.19 -5.63 6.51
C PRO A 83 7.00 -6.13 5.32
N VAL A 84 6.79 -5.50 4.17
CA VAL A 84 7.50 -5.88 2.96
C VAL A 84 8.65 -4.93 2.67
N LYS A 85 9.87 -5.46 2.65
CA LYS A 85 11.05 -4.66 2.38
C LYS A 85 11.54 -4.86 0.95
N SER A 86 11.43 -3.81 0.15
CA SER A 86 11.88 -3.87 -1.25
C SER A 86 13.13 -3.02 -1.43
N GLU A 87 13.55 -2.85 -2.67
CA GLU A 87 14.72 -2.04 -2.98
C GLU A 87 14.55 -0.60 -2.51
N PHE A 88 13.30 -0.21 -2.26
CA PHE A 88 12.99 1.15 -1.82
C PHE A 88 13.02 1.25 -0.28
N GLY A 89 12.49 0.24 0.39
CA GLY A 89 12.46 0.24 1.85
C GLY A 89 11.37 -0.63 2.43
N TYR A 90 10.99 -0.37 3.67
CA TYR A 90 9.96 -1.12 4.34
C TYR A 90 8.58 -0.60 3.92
N HIS A 91 7.98 -1.29 2.96
CA HIS A 91 6.69 -0.91 2.41
C HIS A 91 5.51 -1.41 3.23
N VAL A 92 4.33 -0.90 2.88
CA VAL A 92 3.07 -1.27 3.53
C VAL A 92 1.96 -1.25 2.49
N ILE A 93 0.90 -2.03 2.68
CA ILE A 93 -0.18 -2.07 1.70
C ILE A 93 -1.57 -2.21 2.33
N LYS A 94 -2.43 -1.25 2.03
CA LYS A 94 -3.82 -1.26 2.51
C LYS A 94 -4.76 -1.04 1.33
N ARG A 95 -5.59 -2.03 1.04
CA ARG A 95 -6.50 -1.95 -0.10
C ARG A 95 -7.41 -0.74 -0.04
N LEU A 96 -7.51 -0.06 -1.16
CA LEU A 96 -8.33 1.12 -1.31
C LEU A 96 -8.74 1.29 -2.76
N GLY A 97 -10.03 1.20 -3.02
CA GLY A 97 -10.53 1.35 -4.36
C GLY A 97 -11.99 1.75 -4.40
N GLY A 1 -25.29 1.49 -10.75
CA GLY A 1 -23.99 1.66 -11.44
C GLY A 1 -23.98 1.06 -12.83
N PRO A 2 -23.18 1.62 -13.75
CA PRO A 2 -23.08 1.12 -15.13
C PRO A 2 -22.82 -0.39 -15.18
N MET A 3 -22.89 -0.95 -16.39
CA MET A 3 -22.66 -2.38 -16.58
C MET A 3 -21.39 -2.61 -17.39
N GLY A 4 -20.56 -3.54 -16.93
CA GLY A 4 -19.32 -3.85 -17.63
C GLY A 4 -18.14 -3.05 -17.10
N SER A 5 -17.89 -3.17 -15.80
CA SER A 5 -16.79 -2.44 -15.17
C SER A 5 -15.50 -3.26 -15.24
N MET A 6 -14.36 -2.56 -15.30
CA MET A 6 -13.06 -3.22 -15.36
C MET A 6 -12.27 -2.97 -14.10
N ALA A 7 -11.87 -4.04 -13.42
CA ALA A 7 -11.10 -3.94 -12.20
C ALA A 7 -9.90 -4.89 -12.22
N ASP A 8 -9.32 -5.08 -13.40
CA ASP A 8 -8.16 -5.96 -13.55
C ASP A 8 -7.05 -5.57 -12.57
N LYS A 9 -7.01 -4.29 -12.24
CA LYS A 9 -6.00 -3.76 -11.33
C LYS A 9 -6.42 -3.92 -9.88
N ILE A 10 -5.50 -3.53 -9.01
CA ILE A 10 -5.73 -3.58 -7.59
C ILE A 10 -5.59 -2.17 -7.04
N LYS A 11 -6.47 -1.84 -6.12
CA LYS A 11 -6.46 -0.51 -5.54
C LYS A 11 -6.02 -0.57 -4.08
N CYS A 12 -4.76 -0.27 -3.86
CA CYS A 12 -4.16 -0.32 -2.52
C CYS A 12 -3.42 0.99 -2.22
N SER A 13 -2.83 1.07 -1.03
CA SER A 13 -2.09 2.24 -0.60
C SER A 13 -0.63 1.85 -0.34
N HIS A 14 0.26 2.84 -0.26
CA HIS A 14 1.68 2.55 -0.03
C HIS A 14 2.29 3.54 0.96
N ILE A 15 3.16 3.02 1.83
CA ILE A 15 3.84 3.83 2.83
C ILE A 15 5.20 3.23 3.18
N LEU A 16 6.28 3.98 2.94
CA LEU A 16 7.63 3.49 3.24
C LEU A 16 8.24 4.22 4.43
N VAL A 17 8.89 3.47 5.30
CA VAL A 17 9.55 4.03 6.47
C VAL A 17 10.79 3.22 6.83
N LYS A 18 11.89 3.91 7.12
CA LYS A 18 13.14 3.23 7.46
C LYS A 18 13.02 2.53 8.81
N LYS A 19 12.31 3.15 9.73
CA LYS A 19 12.10 2.56 11.04
C LYS A 19 11.14 1.39 10.93
N GLN A 20 11.68 0.27 10.45
CA GLN A 20 10.90 -0.94 10.21
C GLN A 20 9.99 -1.30 11.37
N GLY A 21 10.31 -0.88 12.58
CA GLY A 21 9.46 -1.21 13.70
C GLY A 21 8.13 -0.51 13.59
N GLU A 22 8.15 0.66 12.98
CA GLU A 22 6.93 1.41 12.78
C GLU A 22 6.06 0.74 11.73
N ALA A 23 6.73 0.20 10.71
CA ALA A 23 6.05 -0.50 9.62
C ALA A 23 5.11 -1.56 10.19
N LEU A 24 5.55 -2.23 11.25
CA LEU A 24 4.75 -3.26 11.90
C LEU A 24 3.58 -2.64 12.66
N ALA A 25 3.78 -1.43 13.17
CA ALA A 25 2.76 -0.74 13.93
C ALA A 25 1.77 -0.04 13.01
N VAL A 26 2.27 0.58 11.95
CA VAL A 26 1.42 1.30 11.00
C VAL A 26 0.27 0.42 10.52
N GLN A 27 0.52 -0.88 10.38
CA GLN A 27 -0.52 -1.79 9.94
C GLN A 27 -1.67 -1.77 10.94
N GLU A 28 -1.34 -1.89 12.22
CA GLU A 28 -2.35 -1.85 13.28
C GLU A 28 -2.85 -0.43 13.49
N ARG A 29 -2.00 0.54 13.17
CA ARG A 29 -2.31 1.96 13.33
C ARG A 29 -3.20 2.48 12.19
N LEU A 30 -2.97 1.96 10.99
CA LEU A 30 -3.72 2.38 9.82
C LEU A 30 -5.22 2.26 10.06
N LYS A 31 -5.68 1.05 10.36
CA LYS A 31 -7.09 0.81 10.62
C LYS A 31 -7.55 1.45 11.93
N ALA A 32 -6.59 1.94 12.72
CA ALA A 32 -6.89 2.56 14.01
C ALA A 32 -7.49 3.96 13.86
N GLY A 33 -8.52 4.08 13.02
CA GLY A 33 -9.17 5.37 12.84
C GLY A 33 -8.44 6.30 11.89
N GLU A 34 -7.22 5.96 11.51
CA GLU A 34 -6.44 6.81 10.62
C GLU A 34 -6.58 6.33 9.17
N LYS A 35 -6.33 7.24 8.24
CA LYS A 35 -6.41 6.93 6.82
C LYS A 35 -5.04 6.92 6.17
N PHE A 36 -4.86 6.01 5.22
CA PHE A 36 -3.59 5.88 4.49
C PHE A 36 -3.11 7.25 4.00
N GLY A 37 -4.06 8.14 3.75
CA GLY A 37 -3.74 9.47 3.28
C GLY A 37 -2.85 10.23 4.26
N LYS A 38 -3.08 9.99 5.55
CA LYS A 38 -2.29 10.66 6.58
C LYS A 38 -0.89 10.09 6.67
N LEU A 39 -0.80 8.77 6.74
CA LEU A 39 0.50 8.09 6.84
C LEU A 39 1.43 8.52 5.71
N ALA A 40 0.88 8.75 4.53
CA ALA A 40 1.68 9.16 3.38
C ALA A 40 2.54 10.37 3.73
N LYS A 41 1.91 11.40 4.26
CA LYS A 41 2.62 12.61 4.66
C LYS A 41 3.17 12.47 6.08
N GLU A 42 2.54 11.58 6.86
CA GLU A 42 2.95 11.39 8.25
C GLU A 42 4.28 10.64 8.39
N LEU A 43 4.32 9.35 8.00
CA LEU A 43 5.56 8.59 8.13
C LEU A 43 6.11 8.08 6.79
N SER A 44 5.30 8.10 5.73
CA SER A 44 5.78 7.62 4.44
C SER A 44 6.92 8.50 3.93
N ILE A 45 8.04 7.86 3.61
CA ILE A 45 9.21 8.60 3.15
C ILE A 45 9.48 8.42 1.66
N ASP A 46 9.07 7.27 1.10
CA ASP A 46 9.31 7.00 -0.30
C ASP A 46 8.04 6.58 -1.05
N GLY A 47 7.52 7.47 -1.87
CA GLY A 47 6.33 7.14 -2.63
C GLY A 47 5.82 8.30 -3.47
N GLY A 48 5.31 8.01 -4.65
CA GLY A 48 4.77 9.04 -5.50
C GLY A 48 3.37 9.38 -5.08
N SER A 49 2.65 8.37 -4.61
CA SER A 49 1.28 8.56 -4.15
C SER A 49 1.26 9.15 -2.75
N ALA A 50 2.42 9.49 -2.19
CA ALA A 50 2.48 10.08 -0.87
C ALA A 50 1.87 11.48 -0.94
N LYS A 51 1.90 12.03 -2.14
CA LYS A 51 1.34 13.34 -2.40
C LYS A 51 -0.14 13.22 -2.72
N ARG A 52 -0.55 12.00 -3.08
CA ARG A 52 -1.93 11.70 -3.42
C ARG A 52 -2.63 10.95 -2.29
N ASP A 53 -2.11 11.14 -1.07
CA ASP A 53 -2.66 10.48 0.12
C ASP A 53 -2.44 8.97 0.09
N GLY A 54 -1.25 8.57 -0.35
CA GLY A 54 -0.91 7.16 -0.41
C GLY A 54 -1.93 6.33 -1.17
N SER A 55 -2.58 6.95 -2.15
CA SER A 55 -3.57 6.26 -2.95
C SER A 55 -2.95 5.65 -4.20
N LEU A 56 -2.42 4.43 -4.06
CA LEU A 56 -1.80 3.74 -5.19
C LEU A 56 -2.77 3.67 -6.36
N GLY A 57 -4.03 3.43 -6.06
CA GLY A 57 -5.05 3.34 -7.09
C GLY A 57 -5.02 2.02 -7.83
N TYR A 58 -5.74 1.95 -8.94
CA TYR A 58 -5.80 0.71 -9.73
C TYR A 58 -4.48 0.43 -10.42
N PHE A 59 -3.80 -0.62 -9.96
CA PHE A 59 -2.55 -1.05 -10.58
C PHE A 59 -2.66 -2.51 -10.95
N GLY A 60 -1.92 -2.92 -11.96
CA GLY A 60 -1.96 -4.30 -12.39
C GLY A 60 -0.78 -5.10 -11.87
N ARG A 61 -0.67 -6.35 -12.32
CA ARG A 61 0.41 -7.21 -11.88
C ARG A 61 1.59 -7.11 -12.83
N GLY A 62 2.58 -6.33 -12.44
CA GLY A 62 3.75 -6.15 -13.26
C GLY A 62 4.38 -4.76 -13.15
N LYS A 63 3.70 -3.85 -12.45
CA LYS A 63 4.19 -2.49 -12.30
C LYS A 63 5.03 -2.35 -11.02
N MET A 64 4.58 -2.97 -9.94
CA MET A 64 5.28 -2.89 -8.66
C MET A 64 6.28 -4.03 -8.51
N VAL A 65 7.17 -3.90 -7.53
CA VAL A 65 8.18 -4.92 -7.27
C VAL A 65 7.54 -6.27 -6.99
N LYS A 66 8.34 -7.33 -7.07
CA LYS A 66 7.84 -8.69 -6.85
C LYS A 66 7.21 -8.87 -5.46
N PRO A 67 7.89 -8.44 -4.39
CA PRO A 67 7.37 -8.59 -3.02
C PRO A 67 6.13 -7.73 -2.79
N PHE A 68 6.13 -6.55 -3.37
CA PHE A 68 5.01 -5.62 -3.24
C PHE A 68 3.84 -6.08 -4.08
N GLU A 69 4.10 -6.36 -5.36
CA GLU A 69 3.07 -6.81 -6.28
C GLU A 69 2.39 -8.07 -5.75
N ASP A 70 3.16 -8.89 -5.04
CA ASP A 70 2.63 -10.12 -4.47
C ASP A 70 1.61 -9.84 -3.38
N ALA A 71 1.98 -8.97 -2.44
CA ALA A 71 1.10 -8.60 -1.34
C ALA A 71 -0.03 -7.67 -1.79
N ALA A 72 0.06 -7.18 -3.02
CA ALA A 72 -0.95 -6.28 -3.56
C ALA A 72 -2.27 -6.99 -3.79
N PHE A 73 -2.20 -8.12 -4.50
CA PHE A 73 -3.40 -8.91 -4.80
C PHE A 73 -3.61 -10.01 -3.77
N ARG A 74 -2.95 -9.90 -2.63
CA ARG A 74 -3.07 -10.91 -1.57
C ARG A 74 -4.09 -10.46 -0.53
N LEU A 75 -4.21 -9.15 -0.35
CA LEU A 75 -5.14 -8.59 0.62
C LEU A 75 -6.39 -8.05 -0.05
N GLN A 76 -7.19 -8.94 -0.63
CA GLN A 76 -8.42 -8.55 -1.28
C GLN A 76 -9.48 -8.21 -0.24
N VAL A 77 -9.25 -8.64 0.99
CA VAL A 77 -10.16 -8.39 2.10
C VAL A 77 -10.18 -6.90 2.43
N GLY A 78 -9.08 -6.22 2.13
CA GLY A 78 -8.99 -4.80 2.41
C GLY A 78 -8.32 -4.55 3.74
N GLU A 79 -7.09 -5.00 3.85
CA GLU A 79 -6.34 -4.85 5.07
C GLU A 79 -4.88 -4.54 4.79
N VAL A 80 -4.12 -4.30 5.85
CA VAL A 80 -2.71 -4.01 5.70
C VAL A 80 -1.94 -5.31 5.53
N SER A 81 -0.85 -5.26 4.76
CA SER A 81 -0.06 -6.46 4.50
C SER A 81 1.24 -6.46 5.32
N GLU A 82 1.79 -7.66 5.50
CA GLU A 82 3.01 -7.84 6.27
C GLU A 82 4.13 -6.90 5.85
N PRO A 83 5.07 -6.62 6.77
CA PRO A 83 6.20 -5.74 6.49
C PRO A 83 7.03 -6.25 5.33
N VAL A 84 6.91 -5.57 4.19
CA VAL A 84 7.65 -5.95 2.99
C VAL A 84 8.87 -5.06 2.80
N LYS A 85 10.03 -5.58 3.16
CA LYS A 85 11.28 -4.83 3.03
C LYS A 85 11.93 -5.12 1.68
N SER A 86 11.98 -4.11 0.82
CA SER A 86 12.57 -4.25 -0.50
C SER A 86 13.82 -3.38 -0.61
N GLU A 87 14.38 -3.31 -1.81
CA GLU A 87 15.58 -2.50 -2.05
C GLU A 87 15.33 -1.05 -1.70
N PHE A 88 14.05 -0.65 -1.65
CA PHE A 88 13.68 0.72 -1.33
C PHE A 88 13.50 0.90 0.18
N GLY A 89 13.21 -0.18 0.89
CA GLY A 89 13.02 -0.10 2.33
C GLY A 89 11.83 -0.91 2.82
N TYR A 90 11.45 -0.68 4.07
CA TYR A 90 10.34 -1.38 4.66
C TYR A 90 9.03 -0.83 4.11
N HIS A 91 8.46 -1.52 3.13
CA HIS A 91 7.22 -1.08 2.48
C HIS A 91 5.99 -1.46 3.29
N VAL A 92 4.86 -0.88 2.90
CA VAL A 92 3.57 -1.12 3.54
C VAL A 92 2.46 -1.01 2.50
N ILE A 93 1.34 -1.71 2.73
CA ILE A 93 0.25 -1.67 1.76
C ILE A 93 -1.12 -1.88 2.41
N LYS A 94 -2.03 -0.95 2.12
CA LYS A 94 -3.39 -1.02 2.63
C LYS A 94 -4.38 -0.86 1.49
N ARG A 95 -5.17 -1.90 1.23
CA ARG A 95 -6.13 -1.89 0.13
C ARG A 95 -7.12 -0.74 0.24
N LEU A 96 -7.32 -0.07 -0.90
CA LEU A 96 -8.23 1.04 -0.98
C LEU A 96 -8.68 1.23 -2.42
N GLY A 97 -9.97 1.07 -2.65
CA GLY A 97 -10.51 1.21 -3.98
C GLY A 97 -12.00 1.51 -3.97
N GLY A 1 -17.35 -16.07 -21.23
CA GLY A 1 -17.00 -15.07 -20.19
C GLY A 1 -17.28 -13.65 -20.62
N PRO A 2 -17.57 -12.74 -19.67
CA PRO A 2 -17.85 -11.34 -19.97
C PRO A 2 -16.62 -10.58 -20.46
N MET A 3 -16.74 -9.97 -21.64
CA MET A 3 -15.63 -9.22 -22.23
C MET A 3 -15.69 -7.75 -21.80
N GLY A 4 -14.53 -7.21 -21.41
CA GLY A 4 -14.47 -5.83 -20.99
C GLY A 4 -14.03 -5.68 -19.55
N SER A 5 -12.85 -6.19 -19.23
CA SER A 5 -12.31 -6.11 -17.88
C SER A 5 -12.10 -4.66 -17.47
N MET A 6 -11.91 -4.43 -16.18
CA MET A 6 -11.70 -3.07 -15.66
C MET A 6 -11.11 -3.11 -14.25
N ALA A 7 -11.65 -3.99 -13.41
CA ALA A 7 -11.17 -4.09 -12.04
C ALA A 7 -10.11 -5.17 -11.89
N ASP A 8 -9.50 -5.57 -13.01
CA ASP A 8 -8.46 -6.59 -13.00
C ASP A 8 -7.32 -6.17 -12.07
N LYS A 9 -7.18 -4.86 -11.88
CA LYS A 9 -6.14 -4.32 -11.04
C LYS A 9 -6.53 -4.28 -9.57
N ILE A 10 -5.57 -3.91 -8.75
CA ILE A 10 -5.79 -3.80 -7.32
C ILE A 10 -5.74 -2.34 -6.93
N LYS A 11 -6.68 -1.95 -6.11
CA LYS A 11 -6.74 -0.58 -5.66
C LYS A 11 -6.35 -0.52 -4.19
N CYS A 12 -5.06 -0.33 -3.94
CA CYS A 12 -4.55 -0.28 -2.59
C CYS A 12 -3.66 0.94 -2.37
N SER A 13 -3.14 1.07 -1.16
CA SER A 13 -2.28 2.20 -0.81
C SER A 13 -0.95 1.68 -0.26
N HIS A 14 0.06 2.55 -0.21
CA HIS A 14 1.37 2.12 0.29
C HIS A 14 2.04 3.19 1.16
N ILE A 15 2.92 2.72 2.02
CA ILE A 15 3.67 3.59 2.93
C ILE A 15 5.09 3.06 3.11
N LEU A 16 6.07 3.97 3.13
CA LEU A 16 7.46 3.55 3.25
C LEU A 16 8.18 4.27 4.40
N VAL A 17 8.91 3.50 5.20
CA VAL A 17 9.68 4.05 6.31
C VAL A 17 10.85 3.15 6.66
N LYS A 18 12.02 3.74 6.84
CA LYS A 18 13.20 2.96 7.21
C LYS A 18 13.00 2.37 8.61
N LYS A 19 12.02 2.91 9.33
CA LYS A 19 11.68 2.46 10.65
C LYS A 19 10.98 1.09 10.57
N GLN A 20 11.77 0.05 10.38
CA GLN A 20 11.23 -1.30 10.24
C GLN A 20 10.20 -1.63 11.31
N GLY A 21 10.46 -1.22 12.56
CA GLY A 21 9.53 -1.52 13.62
C GLY A 21 8.22 -0.77 13.49
N GLU A 22 8.29 0.42 12.93
CA GLU A 22 7.11 1.24 12.74
C GLU A 22 6.18 0.59 11.72
N ALA A 23 6.77 0.11 10.64
CA ALA A 23 6.03 -0.55 9.57
C ALA A 23 5.04 -1.56 10.14
N LEU A 24 5.48 -2.27 11.18
CA LEU A 24 4.65 -3.27 11.85
C LEU A 24 3.57 -2.61 12.68
N ALA A 25 3.85 -1.40 13.18
CA ALA A 25 2.89 -0.67 14.00
C ALA A 25 1.82 0.00 13.15
N VAL A 26 2.24 0.79 12.17
CA VAL A 26 1.31 1.50 11.29
C VAL A 26 0.25 0.57 10.72
N GLN A 27 0.60 -0.68 10.46
CA GLN A 27 -0.39 -1.62 9.92
C GLN A 27 -1.56 -1.77 10.89
N GLU A 28 -1.24 -1.97 12.17
CA GLU A 28 -2.26 -2.10 13.20
C GLU A 28 -2.89 -0.74 13.50
N ARG A 29 -2.10 0.32 13.30
CA ARG A 29 -2.54 1.68 13.56
C ARG A 29 -3.42 2.22 12.44
N LEU A 30 -3.08 1.83 11.21
CA LEU A 30 -3.81 2.27 10.04
C LEU A 30 -5.31 2.01 10.18
N LYS A 31 -5.68 0.76 10.39
CA LYS A 31 -7.08 0.38 10.55
C LYS A 31 -7.63 0.87 11.89
N ALA A 32 -6.76 1.37 12.76
CA ALA A 32 -7.16 1.85 14.06
C ALA A 32 -8.16 3.00 13.94
N GLY A 33 -8.13 3.68 12.79
CA GLY A 33 -9.03 4.79 12.56
C GLY A 33 -8.44 5.81 11.61
N GLU A 34 -7.12 5.78 11.46
CA GLU A 34 -6.44 6.71 10.58
C GLU A 34 -6.52 6.25 9.13
N LYS A 35 -6.36 7.19 8.20
CA LYS A 35 -6.43 6.87 6.78
C LYS A 35 -5.03 6.79 6.17
N PHE A 36 -4.89 5.93 5.17
CA PHE A 36 -3.61 5.74 4.48
C PHE A 36 -3.02 7.08 4.07
N GLY A 37 -3.89 7.99 3.59
CA GLY A 37 -3.43 9.29 3.16
C GLY A 37 -2.70 10.05 4.25
N LYS A 38 -3.13 9.87 5.50
CA LYS A 38 -2.51 10.54 6.63
C LYS A 38 -1.07 10.08 6.82
N LEU A 39 -0.90 8.76 6.94
CA LEU A 39 0.43 8.18 7.13
C LEU A 39 1.36 8.59 6.00
N ALA A 40 0.80 8.77 4.81
CA ALA A 40 1.59 9.15 3.65
C ALA A 40 2.44 10.38 3.96
N LYS A 41 1.79 11.41 4.46
CA LYS A 41 2.48 12.65 4.82
C LYS A 41 3.02 12.57 6.25
N GLU A 42 2.41 11.71 7.07
CA GLU A 42 2.80 11.59 8.47
C GLU A 42 4.18 10.94 8.67
N LEU A 43 4.31 9.65 8.36
CA LEU A 43 5.60 8.97 8.53
C LEU A 43 6.14 8.40 7.22
N SER A 44 5.31 8.36 6.19
CA SER A 44 5.73 7.81 4.90
C SER A 44 6.85 8.65 4.29
N ILE A 45 7.91 7.97 3.84
CA ILE A 45 9.05 8.64 3.22
C ILE A 45 8.97 8.54 1.70
N ASP A 46 8.03 7.74 1.21
CA ASP A 46 7.84 7.56 -0.23
C ASP A 46 7.86 8.90 -0.97
N GLY A 47 8.59 8.93 -2.07
CA GLY A 47 8.71 10.15 -2.85
C GLY A 47 7.38 10.64 -3.39
N GLY A 48 7.43 11.75 -4.14
CA GLY A 48 6.25 12.38 -4.74
C GLY A 48 4.97 11.56 -4.69
N SER A 49 5.06 10.26 -4.95
CA SER A 49 3.88 9.39 -4.93
C SER A 49 3.09 9.56 -3.62
N ALA A 50 3.76 10.03 -2.57
CA ALA A 50 3.10 10.25 -1.29
C ALA A 50 2.15 11.44 -1.34
N LYS A 51 2.36 12.32 -2.31
CA LYS A 51 1.54 13.51 -2.47
C LYS A 51 0.11 13.17 -2.90
N ARG A 52 -0.10 11.93 -3.31
CA ARG A 52 -1.42 11.48 -3.74
C ARG A 52 -2.07 10.62 -2.67
N ASP A 53 -1.64 10.82 -1.41
CA ASP A 53 -2.17 10.07 -0.27
C ASP A 53 -1.79 8.59 -0.37
N GLY A 54 -0.76 8.29 -1.15
CA GLY A 54 -0.31 6.93 -1.30
C GLY A 54 -1.34 6.05 -2.00
N SER A 55 -2.29 6.68 -2.68
CA SER A 55 -3.33 5.96 -3.39
C SER A 55 -2.75 5.21 -4.58
N LEU A 56 -2.25 4.00 -4.33
CA LEU A 56 -1.67 3.18 -5.39
C LEU A 56 -2.66 3.00 -6.54
N GLY A 57 -3.95 3.13 -6.24
CA GLY A 57 -4.97 2.98 -7.26
C GLY A 57 -4.93 1.62 -7.92
N TYR A 58 -5.62 1.48 -9.04
CA TYR A 58 -5.66 0.20 -9.75
C TYR A 58 -4.30 -0.17 -10.33
N PHE A 59 -3.70 -1.22 -9.77
CA PHE A 59 -2.43 -1.72 -10.27
C PHE A 59 -2.62 -3.13 -10.76
N GLY A 60 -1.76 -3.57 -11.65
CA GLY A 60 -1.87 -4.91 -12.20
C GLY A 60 -0.60 -5.72 -11.99
N ARG A 61 -0.58 -6.92 -12.58
CA ARG A 61 0.58 -7.79 -12.45
C ARG A 61 1.67 -7.36 -13.41
N GLY A 62 2.41 -6.34 -13.02
CA GLY A 62 3.48 -5.84 -13.86
C GLY A 62 3.70 -4.34 -13.73
N LYS A 63 3.54 -3.83 -12.51
CA LYS A 63 3.72 -2.40 -12.27
C LYS A 63 4.52 -2.16 -10.99
N MET A 64 4.14 -2.83 -9.92
CA MET A 64 4.82 -2.69 -8.64
C MET A 64 5.87 -3.78 -8.44
N VAL A 65 6.68 -3.65 -7.41
CA VAL A 65 7.72 -4.64 -7.11
C VAL A 65 7.11 -6.01 -6.88
N LYS A 66 7.93 -7.05 -7.03
CA LYS A 66 7.48 -8.43 -6.86
C LYS A 66 6.95 -8.71 -5.45
N PRO A 67 7.70 -8.30 -4.40
CA PRO A 67 7.28 -8.54 -3.02
C PRO A 67 5.99 -7.79 -2.68
N PHE A 68 5.91 -6.56 -3.16
CA PHE A 68 4.73 -5.73 -2.92
C PHE A 68 3.56 -6.19 -3.78
N GLU A 69 3.79 -6.30 -5.09
CA GLU A 69 2.76 -6.73 -6.02
C GLU A 69 2.17 -8.07 -5.59
N ASP A 70 3.01 -8.90 -4.99
CA ASP A 70 2.58 -10.22 -4.51
C ASP A 70 1.55 -10.09 -3.40
N ALA A 71 1.90 -9.32 -2.37
CA ALA A 71 1.01 -9.12 -1.23
C ALA A 71 -0.13 -8.14 -1.58
N ALA A 72 -0.03 -7.51 -2.76
CA ALA A 72 -1.05 -6.57 -3.19
C ALA A 72 -2.39 -7.25 -3.43
N PHE A 73 -2.35 -8.37 -4.14
CA PHE A 73 -3.57 -9.13 -4.43
C PHE A 73 -3.81 -10.22 -3.40
N ARG A 74 -3.14 -10.11 -2.26
CA ARG A 74 -3.30 -11.10 -1.19
C ARG A 74 -4.27 -10.60 -0.13
N LEU A 75 -4.32 -9.29 0.05
CA LEU A 75 -5.20 -8.69 1.04
C LEU A 75 -6.49 -8.19 0.38
N GLN A 76 -7.19 -9.09 -0.28
CA GLN A 76 -8.45 -8.74 -0.92
C GLN A 76 -9.47 -8.33 0.12
N VAL A 77 -9.26 -8.79 1.35
CA VAL A 77 -10.14 -8.45 2.46
C VAL A 77 -10.12 -6.94 2.69
N GLY A 78 -9.01 -6.33 2.32
CA GLY A 78 -8.86 -4.90 2.50
C GLY A 78 -8.23 -4.56 3.82
N GLU A 79 -7.01 -4.99 4.00
CA GLU A 79 -6.30 -4.75 5.24
C GLU A 79 -4.84 -4.44 4.96
N VAL A 80 -4.11 -4.12 6.01
CA VAL A 80 -2.70 -3.85 5.85
C VAL A 80 -1.95 -5.16 5.74
N SER A 81 -0.86 -5.17 4.98
CA SER A 81 -0.10 -6.40 4.78
C SER A 81 1.19 -6.40 5.59
N GLU A 82 1.74 -7.60 5.75
CA GLU A 82 2.97 -7.80 6.49
C GLU A 82 4.07 -6.84 6.05
N PRO A 83 5.13 -6.68 6.86
CA PRO A 83 6.23 -5.79 6.55
C PRO A 83 7.02 -6.26 5.33
N VAL A 84 6.80 -5.59 4.20
CA VAL A 84 7.50 -5.94 2.97
C VAL A 84 8.64 -4.95 2.72
N LYS A 85 9.86 -5.36 3.06
CA LYS A 85 11.02 -4.52 2.86
C LYS A 85 11.72 -4.84 1.55
N SER A 86 11.72 -3.87 0.64
CA SER A 86 12.36 -4.05 -0.66
C SER A 86 13.67 -3.28 -0.72
N GLU A 87 14.31 -3.28 -1.88
CA GLU A 87 15.57 -2.57 -2.05
C GLU A 87 15.42 -1.09 -1.71
N PHE A 88 14.18 -0.60 -1.73
CA PHE A 88 13.90 0.80 -1.43
C PHE A 88 13.69 1.02 0.07
N GLY A 89 13.00 0.08 0.71
CA GLY A 89 12.75 0.21 2.14
C GLY A 89 11.57 -0.63 2.60
N TYR A 90 11.18 -0.43 3.86
CA TYR A 90 10.08 -1.17 4.44
C TYR A 90 8.75 -0.64 3.90
N HIS A 91 8.10 -1.44 3.05
CA HIS A 91 6.84 -1.04 2.44
C HIS A 91 5.64 -1.56 3.20
N VAL A 92 4.46 -1.06 2.82
CA VAL A 92 3.20 -1.45 3.43
C VAL A 92 2.08 -1.39 2.38
N ILE A 93 1.04 -2.20 2.55
CA ILE A 93 -0.05 -2.20 1.57
C ILE A 93 -1.42 -2.16 2.25
N LYS A 94 -2.21 -1.14 1.90
CA LYS A 94 -3.55 -1.00 2.45
C LYS A 94 -4.56 -0.79 1.32
N ARG A 95 -5.39 -1.80 1.09
CA ARG A 95 -6.38 -1.75 0.02
C ARG A 95 -7.33 -0.56 0.14
N LEU A 96 -7.61 0.03 -1.00
CA LEU A 96 -8.49 1.17 -1.12
C LEU A 96 -8.94 1.32 -2.57
N GLY A 97 -10.22 1.18 -2.81
CA GLY A 97 -10.76 1.31 -4.15
C GLY A 97 -12.23 1.63 -4.16
N GLY A 1 -17.24 2.53 -29.62
CA GLY A 1 -17.60 2.54 -28.18
C GLY A 1 -17.06 1.32 -27.45
N PRO A 2 -15.78 1.34 -27.05
CA PRO A 2 -15.15 0.22 -26.33
C PRO A 2 -15.69 0.07 -24.92
N MET A 3 -16.23 -1.11 -24.62
CA MET A 3 -16.79 -1.39 -23.31
C MET A 3 -16.28 -2.72 -22.76
N GLY A 4 -16.11 -2.80 -21.46
CA GLY A 4 -15.63 -4.02 -20.84
C GLY A 4 -14.58 -3.77 -19.77
N SER A 5 -14.96 -3.00 -18.76
CA SER A 5 -14.05 -2.68 -17.66
C SER A 5 -14.03 -3.79 -16.62
N MET A 6 -12.83 -4.28 -16.31
CA MET A 6 -12.67 -5.35 -15.34
C MET A 6 -11.91 -4.85 -14.11
N ALA A 7 -11.89 -5.67 -13.07
CA ALA A 7 -11.19 -5.31 -11.84
C ALA A 7 -9.91 -6.12 -11.67
N ASP A 8 -9.31 -6.51 -12.80
CA ASP A 8 -8.07 -7.28 -12.77
C ASP A 8 -7.00 -6.57 -11.94
N LYS A 9 -7.13 -5.25 -11.84
CA LYS A 9 -6.19 -4.43 -11.09
C LYS A 9 -6.55 -4.39 -9.61
N ILE A 10 -5.59 -3.96 -8.81
CA ILE A 10 -5.79 -3.82 -7.38
C ILE A 10 -5.78 -2.36 -7.03
N LYS A 11 -6.71 -1.98 -6.20
CA LYS A 11 -6.81 -0.61 -5.77
C LYS A 11 -6.41 -0.51 -4.31
N CYS A 12 -5.12 -0.32 -4.06
CA CYS A 12 -4.61 -0.24 -2.72
C CYS A 12 -3.70 0.98 -2.53
N SER A 13 -3.17 1.14 -1.33
CA SER A 13 -2.29 2.27 -1.02
C SER A 13 -0.98 1.75 -0.42
N HIS A 14 0.04 2.60 -0.40
CA HIS A 14 1.34 2.21 0.15
C HIS A 14 1.95 3.26 1.05
N ILE A 15 2.84 2.83 1.93
CA ILE A 15 3.53 3.71 2.86
C ILE A 15 4.93 3.17 3.17
N LEU A 16 5.95 4.01 2.95
CA LEU A 16 7.33 3.59 3.19
C LEU A 16 7.90 4.23 4.46
N VAL A 17 8.61 3.42 5.24
CA VAL A 17 9.24 3.89 6.46
C VAL A 17 10.50 3.09 6.76
N LYS A 18 11.58 3.77 7.12
CA LYS A 18 12.86 3.12 7.40
C LYS A 18 12.82 2.35 8.71
N LYS A 19 12.12 2.88 9.71
CA LYS A 19 12.00 2.20 10.98
C LYS A 19 11.07 1.01 10.82
N GLN A 20 11.63 -0.06 10.27
CA GLN A 20 10.86 -1.27 9.98
C GLN A 20 9.98 -1.71 11.13
N GLY A 21 10.35 -1.36 12.35
CA GLY A 21 9.53 -1.75 13.48
C GLY A 21 8.19 -1.05 13.44
N GLU A 22 8.19 0.15 12.87
CA GLU A 22 6.96 0.92 12.73
C GLU A 22 6.09 0.32 11.63
N ALA A 23 6.74 -0.14 10.57
CA ALA A 23 6.03 -0.76 9.45
C ALA A 23 5.09 -1.84 9.99
N LEU A 24 5.52 -2.50 11.06
CA LEU A 24 4.71 -3.54 11.69
C LEU A 24 3.54 -2.91 12.46
N ALA A 25 3.82 -1.79 13.11
CA ALA A 25 2.82 -1.09 13.90
C ALA A 25 1.81 -0.35 13.02
N VAL A 26 2.31 0.38 12.03
CA VAL A 26 1.44 1.14 11.13
C VAL A 26 0.26 0.29 10.65
N GLN A 27 0.51 -0.99 10.40
CA GLN A 27 -0.56 -1.87 9.93
C GLN A 27 -1.69 -1.90 10.96
N GLU A 28 -1.34 -2.08 12.23
CA GLU A 28 -2.32 -2.10 13.30
C GLU A 28 -2.82 -0.69 13.60
N ARG A 29 -1.95 0.29 13.37
CA ARG A 29 -2.28 1.70 13.63
C ARG A 29 -3.12 2.30 12.51
N LEU A 30 -2.99 1.75 11.31
CA LEU A 30 -3.75 2.25 10.17
C LEU A 30 -5.21 1.88 10.30
N LYS A 31 -5.47 0.65 10.70
CA LYS A 31 -6.80 0.14 10.88
C LYS A 31 -7.45 0.72 12.13
N ALA A 32 -6.67 1.41 12.96
CA ALA A 32 -7.17 2.00 14.19
C ALA A 32 -8.22 3.08 13.90
N GLY A 33 -8.11 3.71 12.74
CA GLY A 33 -9.04 4.73 12.36
C GLY A 33 -8.43 5.77 11.45
N GLU A 34 -7.10 5.83 11.41
CA GLU A 34 -6.39 6.78 10.56
C GLU A 34 -6.47 6.37 9.10
N LYS A 35 -6.29 7.34 8.21
CA LYS A 35 -6.34 7.08 6.78
C LYS A 35 -4.94 6.94 6.20
N PHE A 36 -4.77 5.99 5.28
CA PHE A 36 -3.49 5.75 4.64
C PHE A 36 -2.89 7.05 4.10
N GLY A 37 -3.76 7.94 3.65
CA GLY A 37 -3.31 9.21 3.11
C GLY A 37 -2.56 10.03 4.14
N LYS A 38 -3.01 9.98 5.39
CA LYS A 38 -2.37 10.72 6.47
C LYS A 38 -0.95 10.22 6.70
N LEU A 39 -0.81 8.91 6.89
CA LEU A 39 0.49 8.31 7.12
C LEU A 39 1.47 8.68 6.01
N ALA A 40 0.94 8.89 4.81
CA ALA A 40 1.77 9.26 3.66
C ALA A 40 2.66 10.45 4.00
N LYS A 41 2.05 11.53 4.45
CA LYS A 41 2.78 12.72 4.82
C LYS A 41 3.26 12.62 6.27
N GLU A 42 2.59 11.80 7.07
CA GLU A 42 2.92 11.67 8.49
C GLU A 42 4.26 10.95 8.72
N LEU A 43 4.34 9.66 8.41
CA LEU A 43 5.58 8.91 8.61
C LEU A 43 6.13 8.33 7.31
N SER A 44 5.32 8.32 6.25
CA SER A 44 5.77 7.77 4.98
C SER A 44 6.93 8.58 4.40
N ILE A 45 7.94 7.86 3.92
CA ILE A 45 9.11 8.50 3.34
C ILE A 45 9.01 8.56 1.81
N ASP A 46 8.07 7.80 1.25
CA ASP A 46 7.85 7.76 -0.19
C ASP A 46 7.85 9.16 -0.79
N GLY A 47 8.55 9.31 -1.91
CA GLY A 47 8.64 10.61 -2.57
C GLY A 47 7.29 11.10 -3.04
N GLY A 48 7.29 12.28 -3.69
CA GLY A 48 6.07 12.92 -4.20
C GLY A 48 4.83 12.05 -4.19
N SER A 49 4.94 10.81 -4.65
CA SER A 49 3.80 9.89 -4.68
C SER A 49 3.10 9.83 -3.31
N ALA A 50 3.85 10.13 -2.26
CA ALA A 50 3.32 10.11 -0.90
C ALA A 50 2.37 11.28 -0.68
N LYS A 51 2.50 12.31 -1.51
CA LYS A 51 1.65 13.49 -1.43
C LYS A 51 0.29 13.22 -2.08
N ARG A 52 0.16 12.04 -2.66
CA ARG A 52 -1.06 11.63 -3.33
C ARG A 52 -1.82 10.62 -2.46
N ASP A 53 -1.57 10.68 -1.16
CA ASP A 53 -2.20 9.78 -0.20
C ASP A 53 -1.84 8.32 -0.49
N GLY A 54 -0.73 8.13 -1.20
CA GLY A 54 -0.29 6.78 -1.54
C GLY A 54 -1.33 6.00 -2.31
N SER A 55 -2.27 6.70 -2.93
CA SER A 55 -3.31 6.06 -3.72
C SER A 55 -2.72 5.27 -4.88
N LEU A 56 -2.33 4.03 -4.61
CA LEU A 56 -1.75 3.17 -5.64
C LEU A 56 -2.75 2.95 -6.77
N GLY A 57 -4.04 3.09 -6.45
CA GLY A 57 -5.07 2.89 -7.45
C GLY A 57 -5.00 1.53 -8.10
N TYR A 58 -5.69 1.37 -9.23
CA TYR A 58 -5.71 0.09 -9.94
C TYR A 58 -4.34 -0.27 -10.49
N PHE A 59 -3.84 -1.43 -10.06
CA PHE A 59 -2.57 -1.95 -10.54
C PHE A 59 -2.72 -3.44 -10.82
N GLY A 60 -1.98 -3.92 -11.79
CA GLY A 60 -2.06 -5.32 -12.14
C GLY A 60 -0.80 -6.09 -11.73
N ARG A 61 -0.73 -7.35 -12.13
CA ARG A 61 0.42 -8.17 -11.80
C ARG A 61 1.53 -7.96 -12.82
N GLY A 62 2.36 -6.96 -12.56
CA GLY A 62 3.45 -6.66 -13.46
C GLY A 62 3.77 -5.18 -13.52
N LYS A 63 3.68 -4.51 -12.37
CA LYS A 63 3.98 -3.08 -12.29
C LYS A 63 4.82 -2.76 -11.07
N MET A 64 4.44 -3.32 -9.92
CA MET A 64 5.17 -3.09 -8.68
C MET A 64 6.18 -4.20 -8.41
N VAL A 65 7.03 -4.01 -7.40
CA VAL A 65 8.03 -5.00 -7.04
C VAL A 65 7.40 -6.36 -6.78
N LYS A 66 8.21 -7.42 -6.89
CA LYS A 66 7.72 -8.78 -6.69
C LYS A 66 7.13 -9.00 -5.30
N PRO A 67 7.83 -8.57 -4.23
CA PRO A 67 7.34 -8.76 -2.86
C PRO A 67 6.08 -7.96 -2.59
N PHE A 68 6.04 -6.74 -3.12
CA PHE A 68 4.89 -5.87 -2.93
C PHE A 68 3.73 -6.32 -3.82
N GLU A 69 4.02 -6.56 -5.09
CA GLU A 69 3.01 -7.00 -6.03
C GLU A 69 2.32 -8.26 -5.53
N ASP A 70 3.09 -9.09 -4.82
CA ASP A 70 2.55 -10.33 -4.27
C ASP A 70 1.52 -10.05 -3.17
N ALA A 71 1.90 -9.22 -2.22
CA ALA A 71 1.02 -8.85 -1.12
C ALA A 71 -0.06 -7.88 -1.57
N ALA A 72 0.08 -7.35 -2.78
CA ALA A 72 -0.90 -6.40 -3.31
C ALA A 72 -2.26 -7.05 -3.55
N PHE A 73 -2.24 -8.26 -4.11
CA PHE A 73 -3.47 -9.00 -4.39
C PHE A 73 -3.72 -10.09 -3.35
N ARG A 74 -3.03 -10.00 -2.22
CA ARG A 74 -3.19 -10.99 -1.15
C ARG A 74 -4.18 -10.51 -0.11
N LEU A 75 -4.31 -9.20 0.03
CA LEU A 75 -5.23 -8.61 1.00
C LEU A 75 -6.48 -8.09 0.32
N GLN A 76 -7.24 -8.99 -0.28
CA GLN A 76 -8.48 -8.61 -0.94
C GLN A 76 -9.53 -8.23 0.09
N VAL A 77 -9.30 -8.64 1.33
CA VAL A 77 -10.20 -8.34 2.43
C VAL A 77 -10.23 -6.84 2.69
N GLY A 78 -9.14 -6.17 2.35
CA GLY A 78 -9.05 -4.74 2.55
C GLY A 78 -8.37 -4.40 3.86
N GLU A 79 -7.15 -4.88 4.00
CA GLU A 79 -6.39 -4.66 5.21
C GLU A 79 -4.94 -4.37 4.91
N VAL A 80 -4.17 -4.07 5.94
CA VAL A 80 -2.75 -3.80 5.77
C VAL A 80 -1.97 -5.09 5.74
N SER A 81 -0.89 -5.13 4.96
CA SER A 81 -0.07 -6.33 4.83
C SER A 81 1.24 -6.19 5.61
N GLU A 82 1.86 -7.33 5.87
CA GLU A 82 3.12 -7.37 6.62
C GLU A 82 4.17 -6.41 6.05
N PRO A 83 5.09 -5.95 6.89
CA PRO A 83 6.15 -5.04 6.46
C PRO A 83 7.01 -5.65 5.38
N VAL A 84 6.83 -5.18 4.16
CA VAL A 84 7.59 -5.68 3.01
C VAL A 84 8.72 -4.73 2.66
N LYS A 85 9.95 -5.14 2.95
CA LYS A 85 11.12 -4.33 2.66
C LYS A 85 11.68 -4.63 1.28
N SER A 86 11.60 -3.66 0.38
CA SER A 86 12.10 -3.80 -0.97
C SER A 86 13.39 -3.00 -1.13
N GLU A 87 13.89 -2.92 -2.36
CA GLU A 87 15.11 -2.17 -2.63
C GLU A 87 14.95 -0.69 -2.29
N PHE A 88 13.71 -0.25 -2.13
CA PHE A 88 13.43 1.14 -1.81
C PHE A 88 13.28 1.34 -0.30
N GLY A 89 12.71 0.36 0.38
CA GLY A 89 12.52 0.46 1.83
C GLY A 89 11.45 -0.47 2.34
N TYR A 90 11.02 -0.24 3.57
CA TYR A 90 10.00 -1.06 4.19
C TYR A 90 8.62 -0.57 3.76
N HIS A 91 8.06 -1.26 2.77
CA HIS A 91 6.77 -0.90 2.20
C HIS A 91 5.59 -1.45 3.01
N VAL A 92 4.40 -0.97 2.66
CA VAL A 92 3.16 -1.39 3.28
C VAL A 92 2.04 -1.31 2.26
N ILE A 93 1.02 -2.16 2.40
CA ILE A 93 -0.09 -2.15 1.45
C ILE A 93 -1.45 -2.11 2.13
N LYS A 94 -2.24 -1.09 1.79
CA LYS A 94 -3.58 -0.93 2.34
C LYS A 94 -4.58 -0.73 1.20
N ARG A 95 -5.43 -1.72 1.00
CA ARG A 95 -6.43 -1.68 -0.07
C ARG A 95 -7.35 -0.48 0.04
N LEU A 96 -7.64 0.10 -1.12
CA LEU A 96 -8.50 1.25 -1.25
C LEU A 96 -8.95 1.39 -2.72
N GLY A 97 -10.24 1.26 -2.94
CA GLY A 97 -10.77 1.37 -4.29
C GLY A 97 -12.25 1.72 -4.31
N GLY A 1 -23.43 -9.22 -20.35
CA GLY A 1 -23.15 -8.47 -19.09
C GLY A 1 -22.19 -7.31 -19.32
N PRO A 2 -21.49 -6.85 -18.27
CA PRO A 2 -20.54 -5.74 -18.37
C PRO A 2 -19.54 -5.94 -19.50
N MET A 3 -19.33 -4.90 -20.30
CA MET A 3 -18.39 -4.96 -21.41
C MET A 3 -17.45 -3.75 -21.39
N GLY A 4 -16.15 -4.03 -21.45
CA GLY A 4 -15.16 -2.96 -21.43
C GLY A 4 -14.63 -2.68 -20.05
N SER A 5 -15.52 -2.61 -19.07
CA SER A 5 -15.13 -2.35 -17.70
C SER A 5 -14.48 -3.58 -17.07
N MET A 6 -13.26 -3.41 -16.56
CA MET A 6 -12.53 -4.51 -15.94
C MET A 6 -11.91 -4.06 -14.62
N ALA A 7 -11.72 -5.02 -13.71
CA ALA A 7 -11.12 -4.73 -12.41
C ALA A 7 -10.03 -5.73 -12.06
N ASP A 8 -9.37 -6.26 -13.09
CA ASP A 8 -8.30 -7.23 -12.89
C ASP A 8 -7.19 -6.64 -12.00
N LYS A 9 -7.14 -5.31 -11.94
CA LYS A 9 -6.14 -4.63 -11.14
C LYS A 9 -6.56 -4.50 -9.69
N ILE A 10 -5.59 -4.10 -8.87
CA ILE A 10 -5.83 -3.90 -7.45
C ILE A 10 -5.75 -2.43 -7.14
N LYS A 11 -6.68 -1.98 -6.36
CA LYS A 11 -6.72 -0.59 -5.96
C LYS A 11 -6.34 -0.47 -4.51
N CYS A 12 -5.03 -0.31 -4.27
CA CYS A 12 -4.51 -0.19 -2.91
C CYS A 12 -3.55 0.98 -2.80
N SER A 13 -3.00 1.18 -1.61
CA SER A 13 -2.05 2.27 -1.36
C SER A 13 -0.81 1.76 -0.65
N HIS A 14 0.26 2.55 -0.65
CA HIS A 14 1.50 2.13 0.00
C HIS A 14 2.11 3.20 0.90
N ILE A 15 2.91 2.75 1.87
CA ILE A 15 3.57 3.61 2.83
C ILE A 15 4.99 3.11 3.11
N LEU A 16 5.99 3.95 2.82
CA LEU A 16 7.38 3.57 3.04
C LEU A 16 7.98 4.24 4.26
N VAL A 17 8.58 3.44 5.14
CA VAL A 17 9.21 3.95 6.34
C VAL A 17 10.52 3.19 6.60
N LYS A 18 11.58 3.92 6.91
CA LYS A 18 12.88 3.29 7.16
C LYS A 18 12.87 2.55 8.49
N LYS A 19 12.19 3.12 9.48
CA LYS A 19 12.08 2.50 10.78
C LYS A 19 11.15 1.29 10.66
N GLN A 20 11.70 0.20 10.14
CA GLN A 20 10.96 -1.03 9.90
C GLN A 20 10.10 -1.45 11.08
N GLY A 21 10.49 -1.06 12.28
CA GLY A 21 9.70 -1.43 13.44
C GLY A 21 8.36 -0.75 13.41
N GLU A 22 8.32 0.45 12.84
CA GLU A 22 7.09 1.20 12.71
C GLU A 22 6.16 0.53 11.71
N ALA A 23 6.75 0.03 10.63
CA ALA A 23 5.98 -0.64 9.59
C ALA A 23 5.09 -1.71 10.21
N LEU A 24 5.63 -2.38 11.22
CA LEU A 24 4.89 -3.43 11.93
C LEU A 24 3.81 -2.83 12.84
N ALA A 25 4.05 -1.62 13.32
CA ALA A 25 3.11 -0.95 14.20
C ALA A 25 2.02 -0.21 13.42
N VAL A 26 2.42 0.47 12.35
CA VAL A 26 1.48 1.21 11.52
C VAL A 26 0.37 0.31 11.01
N GLN A 27 0.71 -0.92 10.63
CA GLN A 27 -0.28 -1.85 10.12
C GLN A 27 -1.43 -2.00 11.12
N GLU A 28 -1.11 -2.29 12.37
CA GLU A 28 -2.12 -2.44 13.42
C GLU A 28 -2.68 -1.08 13.82
N ARG A 29 -1.85 -0.05 13.74
CA ARG A 29 -2.23 1.30 14.11
C ARG A 29 -3.12 1.95 13.05
N LEU A 30 -2.98 1.50 11.81
CA LEU A 30 -3.75 2.04 10.69
C LEU A 30 -5.25 1.89 10.94
N LYS A 31 -5.67 0.69 11.33
CA LYS A 31 -7.09 0.44 11.60
C LYS A 31 -7.54 1.12 12.89
N ALA A 32 -6.59 1.66 13.65
CA ALA A 32 -6.91 2.33 14.90
C ALA A 32 -7.92 3.45 14.70
N GLY A 33 -8.00 3.95 13.47
CA GLY A 33 -8.92 5.02 13.16
C GLY A 33 -8.31 6.07 12.26
N GLU A 34 -6.99 6.00 12.05
CA GLU A 34 -6.29 6.95 11.20
C GLU A 34 -6.48 6.62 9.73
N LYS A 35 -6.40 7.64 8.88
CA LYS A 35 -6.56 7.45 7.45
C LYS A 35 -5.24 7.04 6.80
N PHE A 36 -5.29 6.05 5.92
CA PHE A 36 -4.10 5.56 5.24
C PHE A 36 -3.35 6.71 4.56
N GLY A 37 -4.09 7.54 3.82
CA GLY A 37 -3.48 8.66 3.14
C GLY A 37 -2.72 9.57 4.09
N LYS A 38 -3.23 9.70 5.31
CA LYS A 38 -2.60 10.54 6.32
C LYS A 38 -1.16 10.08 6.59
N LEU A 39 -1.01 8.78 6.84
CA LEU A 39 0.31 8.21 7.12
C LEU A 39 1.30 8.57 6.02
N ALA A 40 0.80 8.68 4.79
CA ALA A 40 1.65 9.02 3.65
C ALA A 40 2.48 10.26 3.95
N LYS A 41 1.80 11.32 4.33
CA LYS A 41 2.45 12.58 4.68
C LYS A 41 2.90 12.59 6.14
N GLU A 42 2.24 11.77 6.96
CA GLU A 42 2.53 11.72 8.39
C GLU A 42 3.90 11.08 8.69
N LEU A 43 4.04 9.78 8.44
CA LEU A 43 5.33 9.11 8.71
C LEU A 43 5.95 8.51 7.46
N SER A 44 5.18 8.37 6.39
CA SER A 44 5.71 7.79 5.16
C SER A 44 6.80 8.66 4.57
N ILE A 45 7.86 8.02 4.09
CA ILE A 45 8.99 8.73 3.49
C ILE A 45 8.90 8.70 1.96
N ASP A 46 7.98 7.90 1.43
CA ASP A 46 7.78 7.79 -0.01
C ASP A 46 7.76 9.17 -0.66
N GLY A 47 8.45 9.31 -1.78
CA GLY A 47 8.52 10.57 -2.47
C GLY A 47 7.15 11.02 -2.96
N GLY A 48 7.12 12.17 -3.65
CA GLY A 48 5.88 12.76 -4.15
C GLY A 48 4.66 11.86 -4.10
N SER A 49 4.80 10.61 -4.52
CA SER A 49 3.68 9.66 -4.50
C SER A 49 3.00 9.63 -3.12
N ALA A 50 3.76 9.99 -2.09
CA ALA A 50 3.23 10.01 -0.72
C ALA A 50 2.26 11.18 -0.55
N LYS A 51 2.55 12.25 -1.29
CA LYS A 51 1.74 13.45 -1.25
C LYS A 51 0.35 13.20 -1.85
N ARG A 52 0.23 12.10 -2.60
CA ARG A 52 -1.03 11.74 -3.23
C ARG A 52 -1.69 10.60 -2.46
N ASP A 53 -1.35 10.48 -1.18
CA ASP A 53 -1.89 9.44 -0.32
C ASP A 53 -1.45 8.05 -0.79
N GLY A 54 -0.40 8.00 -1.61
CA GLY A 54 0.09 6.74 -2.10
C GLY A 54 -0.99 5.92 -2.80
N SER A 55 -1.97 6.62 -3.35
CA SER A 55 -3.07 5.96 -4.06
C SER A 55 -2.55 5.15 -5.22
N LEU A 56 -2.14 3.92 -4.94
CA LEU A 56 -1.62 3.03 -5.98
C LEU A 56 -2.67 2.76 -7.04
N GLY A 57 -3.94 3.00 -6.68
CA GLY A 57 -5.03 2.78 -7.63
C GLY A 57 -4.98 1.42 -8.27
N TYR A 58 -5.80 1.22 -9.30
CA TYR A 58 -5.85 -0.06 -10.01
C TYR A 58 -4.50 -0.40 -10.65
N PHE A 59 -3.85 -1.43 -10.12
CA PHE A 59 -2.58 -1.89 -10.66
C PHE A 59 -2.70 -3.37 -10.97
N GLY A 60 -1.77 -3.88 -11.76
CA GLY A 60 -1.81 -5.29 -12.12
C GLY A 60 -0.49 -5.99 -11.84
N ARG A 61 -0.40 -7.25 -12.25
CA ARG A 61 0.81 -8.03 -12.04
C ARG A 61 1.79 -7.81 -13.17
N GLY A 62 2.71 -6.90 -12.97
CA GLY A 62 3.69 -6.60 -13.99
C GLY A 62 4.12 -5.15 -13.99
N LYS A 63 4.22 -4.56 -12.80
CA LYS A 63 4.62 -3.17 -12.68
C LYS A 63 5.30 -2.91 -11.33
N MET A 64 4.75 -3.47 -10.27
CA MET A 64 5.31 -3.29 -8.93
C MET A 64 6.31 -4.40 -8.60
N VAL A 65 7.07 -4.19 -7.53
CA VAL A 65 8.08 -5.16 -7.10
C VAL A 65 7.44 -6.51 -6.80
N LYS A 66 8.23 -7.57 -6.88
CA LYS A 66 7.74 -8.92 -6.64
C LYS A 66 7.13 -9.09 -5.25
N PRO A 67 7.81 -8.63 -4.18
CA PRO A 67 7.30 -8.76 -2.82
C PRO A 67 6.01 -7.98 -2.60
N PHE A 68 5.97 -6.79 -3.17
CA PHE A 68 4.79 -5.93 -3.05
C PHE A 68 3.66 -6.44 -3.94
N GLU A 69 3.98 -6.69 -5.20
CA GLU A 69 2.99 -7.19 -6.15
C GLU A 69 2.32 -8.45 -5.62
N ASP A 70 3.08 -9.23 -4.87
CA ASP A 70 2.56 -10.48 -4.31
C ASP A 70 1.49 -10.19 -3.25
N ALA A 71 1.83 -9.33 -2.29
CA ALA A 71 0.89 -8.97 -1.23
C ALA A 71 -0.20 -8.02 -1.74
N ALA A 72 -0.01 -7.52 -2.97
CA ALA A 72 -0.97 -6.59 -3.56
C ALA A 72 -2.34 -7.25 -3.75
N PHE A 73 -2.33 -8.49 -4.23
CA PHE A 73 -3.58 -9.22 -4.45
C PHE A 73 -3.89 -10.16 -3.30
N ARG A 74 -3.23 -9.95 -2.16
CA ARG A 74 -3.44 -10.80 -0.99
C ARG A 74 -4.41 -10.15 -0.02
N LEU A 75 -4.47 -8.81 -0.01
CA LEU A 75 -5.36 -8.09 0.88
C LEU A 75 -6.66 -7.72 0.19
N GLN A 76 -7.31 -8.71 -0.42
CA GLN A 76 -8.57 -8.49 -1.11
C GLN A 76 -9.59 -7.93 -0.13
N VAL A 77 -9.49 -8.37 1.13
CA VAL A 77 -10.38 -7.91 2.17
C VAL A 77 -10.21 -6.42 2.40
N GLY A 78 -9.02 -5.91 2.09
CA GLY A 78 -8.73 -4.50 2.28
C GLY A 78 -8.17 -4.22 3.64
N GLU A 79 -6.94 -4.63 3.81
CA GLU A 79 -6.26 -4.46 5.08
C GLU A 79 -4.81 -4.12 4.84
N VAL A 80 -4.07 -3.89 5.91
CA VAL A 80 -2.66 -3.58 5.78
C VAL A 80 -1.89 -4.88 5.55
N SER A 81 -0.78 -4.80 4.82
CA SER A 81 0.01 -5.98 4.53
C SER A 81 1.28 -6.03 5.38
N GLU A 82 1.75 -7.24 5.61
CA GLU A 82 2.94 -7.47 6.41
C GLU A 82 4.11 -6.61 5.95
N PRO A 83 5.06 -6.35 6.86
CA PRO A 83 6.24 -5.55 6.55
C PRO A 83 6.98 -6.07 5.32
N VAL A 84 6.80 -5.39 4.20
CA VAL A 84 7.45 -5.77 2.96
C VAL A 84 8.63 -4.85 2.67
N LYS A 85 9.84 -5.34 2.92
CA LYS A 85 11.04 -4.54 2.69
C LYS A 85 11.58 -4.79 1.29
N SER A 86 11.51 -3.77 0.44
CA SER A 86 12.00 -3.86 -0.93
C SER A 86 13.29 -3.07 -1.09
N GLU A 87 13.82 -3.02 -2.30
CA GLU A 87 15.04 -2.28 -2.58
C GLU A 87 14.87 -0.80 -2.23
N PHE A 88 13.62 -0.36 -2.14
CA PHE A 88 13.33 1.03 -1.82
C PHE A 88 13.21 1.25 -0.31
N GLY A 89 12.57 0.31 0.38
CA GLY A 89 12.41 0.42 1.82
C GLY A 89 11.34 -0.50 2.35
N TYR A 90 10.90 -0.23 3.58
CA TYR A 90 9.88 -1.03 4.22
C TYR A 90 8.50 -0.56 3.76
N HIS A 91 7.94 -1.27 2.79
CA HIS A 91 6.65 -0.92 2.21
C HIS A 91 5.47 -1.45 3.02
N VAL A 92 4.29 -0.93 2.69
CA VAL A 92 3.04 -1.33 3.32
C VAL A 92 1.93 -1.29 2.28
N ILE A 93 0.89 -2.08 2.45
CA ILE A 93 -0.19 -2.10 1.45
C ILE A 93 -1.58 -2.12 2.08
N LYS A 94 -2.38 -1.12 1.75
CA LYS A 94 -3.76 -1.01 2.22
C LYS A 94 -4.71 -0.77 1.05
N ARG A 95 -5.56 -1.75 0.77
CA ARG A 95 -6.51 -1.65 -0.34
C ARG A 95 -7.43 -0.44 -0.22
N LEU A 96 -7.65 0.19 -1.35
CA LEU A 96 -8.51 1.34 -1.49
C LEU A 96 -8.94 1.50 -2.95
N GLY A 97 -10.23 1.37 -3.19
CA GLY A 97 -10.74 1.51 -4.55
C GLY A 97 -12.21 1.86 -4.58
N GLY A 1 -15.94 -1.73 -29.12
CA GLY A 1 -15.31 -1.30 -27.84
C GLY A 1 -14.57 -2.42 -27.15
N PRO A 2 -13.50 -2.11 -26.39
CA PRO A 2 -12.71 -3.10 -25.68
C PRO A 2 -13.46 -3.69 -24.48
N MET A 3 -14.22 -4.75 -24.73
CA MET A 3 -14.98 -5.40 -23.67
C MET A 3 -14.07 -6.18 -22.74
N GLY A 4 -14.44 -6.23 -21.46
CA GLY A 4 -13.63 -6.96 -20.49
C GLY A 4 -13.27 -6.10 -19.28
N SER A 5 -13.70 -4.83 -19.29
CA SER A 5 -13.41 -3.93 -18.20
C SER A 5 -14.04 -4.42 -16.90
N MET A 6 -13.25 -4.46 -15.84
CA MET A 6 -13.73 -4.92 -14.54
C MET A 6 -12.68 -4.67 -13.45
N ALA A 7 -12.86 -5.32 -12.31
CA ALA A 7 -11.93 -5.17 -11.20
C ALA A 7 -10.81 -6.22 -11.26
N ASP A 8 -10.21 -6.36 -12.44
CA ASP A 8 -9.13 -7.31 -12.64
C ASP A 8 -7.90 -6.91 -11.84
N LYS A 9 -7.62 -5.61 -11.81
CA LYS A 9 -6.47 -5.09 -11.07
C LYS A 9 -6.82 -4.86 -9.61
N ILE A 10 -5.82 -4.48 -8.82
CA ILE A 10 -6.02 -4.26 -7.40
C ILE A 10 -5.81 -2.81 -7.06
N LYS A 11 -6.69 -2.30 -6.23
CA LYS A 11 -6.64 -0.92 -5.81
C LYS A 11 -6.19 -0.84 -4.35
N CYS A 12 -4.89 -0.64 -4.17
CA CYS A 12 -4.31 -0.59 -2.83
C CYS A 12 -3.62 0.75 -2.56
N SER A 13 -3.08 0.88 -1.36
CA SER A 13 -2.38 2.09 -0.94
C SER A 13 -0.93 1.73 -0.57
N HIS A 14 -0.06 2.73 -0.49
CA HIS A 14 1.34 2.45 -0.17
C HIS A 14 1.90 3.43 0.87
N ILE A 15 2.87 2.93 1.63
CA ILE A 15 3.53 3.70 2.67
C ILE A 15 4.92 3.15 2.94
N LEU A 16 5.93 4.01 2.88
CA LEU A 16 7.31 3.58 3.09
C LEU A 16 7.90 4.20 4.36
N VAL A 17 8.47 3.34 5.20
CA VAL A 17 9.10 3.78 6.43
C VAL A 17 10.35 2.93 6.69
N LYS A 18 11.45 3.58 7.05
CA LYS A 18 12.69 2.86 7.31
C LYS A 18 12.68 2.17 8.68
N LYS A 19 12.03 2.81 9.65
CA LYS A 19 11.93 2.23 10.98
C LYS A 19 10.97 1.06 10.91
N GLN A 20 11.48 -0.07 10.42
CA GLN A 20 10.68 -1.28 10.23
C GLN A 20 9.81 -1.61 11.43
N GLY A 21 10.20 -1.17 12.61
CA GLY A 21 9.38 -1.46 13.77
C GLY A 21 8.06 -0.74 13.68
N GLU A 22 8.08 0.43 13.04
CA GLU A 22 6.87 1.20 12.84
C GLU A 22 6.01 0.54 11.78
N ALA A 23 6.66 -0.01 10.76
CA ALA A 23 5.97 -0.69 9.68
C ALA A 23 5.04 -1.76 10.27
N LEU A 24 5.51 -2.40 11.34
CA LEU A 24 4.73 -3.43 12.02
C LEU A 24 3.58 -2.81 12.81
N ALA A 25 3.78 -1.57 13.26
CA ALA A 25 2.77 -0.87 14.05
C ALA A 25 1.76 -0.17 13.15
N VAL A 26 2.25 0.48 12.10
CA VAL A 26 1.40 1.21 11.18
C VAL A 26 0.31 0.31 10.60
N GLN A 27 0.66 -0.95 10.35
CA GLN A 27 -0.30 -1.89 9.80
C GLN A 27 -1.54 -1.99 10.68
N GLU A 28 -1.33 -2.25 11.98
CA GLU A 28 -2.42 -2.34 12.93
C GLU A 28 -2.99 -0.95 13.25
N ARG A 29 -2.15 0.06 13.11
CA ARG A 29 -2.53 1.44 13.39
C ARG A 29 -3.35 2.05 12.26
N LEU A 30 -3.04 1.66 11.03
CA LEU A 30 -3.74 2.17 9.85
C LEU A 30 -5.24 1.98 9.98
N LYS A 31 -5.66 0.73 10.18
CA LYS A 31 -7.08 0.42 10.34
C LYS A 31 -7.61 0.91 11.68
N ALA A 32 -6.71 1.33 12.56
CA ALA A 32 -7.10 1.81 13.89
C ALA A 32 -8.06 2.98 13.79
N GLY A 33 -8.02 3.68 12.66
CA GLY A 33 -8.89 4.82 12.46
C GLY A 33 -8.26 5.87 11.57
N GLU A 34 -6.95 5.80 11.39
CA GLU A 34 -6.23 6.75 10.56
C GLU A 34 -6.39 6.42 9.09
N LYS A 35 -6.21 7.41 8.23
CA LYS A 35 -6.35 7.23 6.80
C LYS A 35 -4.98 7.09 6.13
N PHE A 36 -4.89 6.19 5.16
CA PHE A 36 -3.65 5.95 4.44
C PHE A 36 -3.04 7.27 3.95
N GLY A 37 -3.90 8.23 3.65
CA GLY A 37 -3.44 9.52 3.18
C GLY A 37 -2.62 10.25 4.23
N LYS A 38 -2.98 10.06 5.49
CA LYS A 38 -2.27 10.71 6.59
C LYS A 38 -0.85 10.16 6.73
N LEU A 39 -0.74 8.85 6.85
CA LEU A 39 0.56 8.18 6.98
C LEU A 39 1.49 8.59 5.85
N ALA A 40 0.92 8.82 4.67
CA ALA A 40 1.70 9.21 3.50
C ALA A 40 2.58 10.40 3.83
N LYS A 41 1.96 11.44 4.36
CA LYS A 41 2.68 12.65 4.75
C LYS A 41 3.25 12.54 6.17
N GLU A 42 2.64 11.66 6.98
CA GLU A 42 3.04 11.52 8.38
C GLU A 42 4.39 10.82 8.55
N LEU A 43 4.47 9.52 8.24
CA LEU A 43 5.73 8.79 8.39
C LEU A 43 6.23 8.20 7.07
N SER A 44 5.38 8.21 6.06
CA SER A 44 5.76 7.66 4.75
C SER A 44 6.90 8.46 4.14
N ILE A 45 7.87 7.75 3.56
CA ILE A 45 9.01 8.40 2.91
C ILE A 45 8.91 8.31 1.39
N ASP A 46 7.86 7.62 0.92
CA ASP A 46 7.62 7.48 -0.51
C ASP A 46 7.77 8.80 -1.24
N GLY A 47 8.45 8.78 -2.38
CA GLY A 47 8.66 9.99 -3.14
C GLY A 47 7.35 10.59 -3.62
N GLY A 48 7.45 11.70 -4.37
CA GLY A 48 6.28 12.43 -4.89
C GLY A 48 4.95 11.69 -4.77
N SER A 49 4.94 10.39 -5.07
CA SER A 49 3.72 9.60 -4.99
C SER A 49 3.02 9.77 -3.63
N ALA A 50 3.77 10.22 -2.63
CA ALA A 50 3.21 10.43 -1.29
C ALA A 50 2.26 11.61 -1.28
N LYS A 51 2.39 12.49 -2.27
CA LYS A 51 1.54 13.66 -2.38
C LYS A 51 0.15 13.25 -2.88
N ARG A 52 0.01 11.98 -3.21
CA ARG A 52 -1.24 11.43 -3.71
C ARG A 52 -1.94 10.63 -2.62
N ASP A 53 -1.63 10.95 -1.36
CA ASP A 53 -2.20 10.26 -0.21
C ASP A 53 -1.95 8.76 -0.27
N GLY A 54 -0.80 8.39 -0.84
CA GLY A 54 -0.44 6.99 -0.95
C GLY A 54 -1.53 6.15 -1.57
N SER A 55 -2.39 6.78 -2.36
CA SER A 55 -3.48 6.09 -3.02
C SER A 55 -3.01 5.49 -4.34
N LEU A 56 -2.48 4.27 -4.26
CA LEU A 56 -1.99 3.58 -5.45
C LEU A 56 -3.12 3.32 -6.43
N GLY A 57 -4.36 3.43 -5.95
CA GLY A 57 -5.51 3.20 -6.81
C GLY A 57 -5.44 1.87 -7.51
N TYR A 58 -6.37 1.67 -8.43
CA TYR A 58 -6.41 0.43 -9.19
C TYR A 58 -5.13 0.20 -9.97
N PHE A 59 -4.43 -0.87 -9.61
CA PHE A 59 -3.21 -1.24 -10.29
C PHE A 59 -3.17 -2.74 -10.48
N GLY A 60 -2.67 -3.15 -11.62
CA GLY A 60 -2.61 -4.57 -11.91
C GLY A 60 -1.30 -5.19 -11.47
N ARG A 61 -1.10 -6.46 -11.82
CA ARG A 61 0.11 -7.17 -11.46
C ARG A 61 1.16 -6.99 -12.53
N GLY A 62 2.11 -6.08 -12.30
CA GLY A 62 3.15 -5.85 -13.26
C GLY A 62 3.63 -4.40 -13.29
N LYS A 63 3.67 -3.77 -12.13
CA LYS A 63 4.12 -2.37 -12.04
C LYS A 63 4.75 -2.07 -10.69
N MET A 64 5.16 -3.11 -9.96
CA MET A 64 5.79 -2.93 -8.66
C MET A 64 6.76 -4.07 -8.35
N VAL A 65 7.48 -3.95 -7.24
CA VAL A 65 8.43 -4.98 -6.85
C VAL A 65 7.74 -6.31 -6.62
N LYS A 66 8.50 -7.40 -6.69
CA LYS A 66 7.95 -8.74 -6.51
C LYS A 66 7.33 -8.95 -5.12
N PRO A 67 8.03 -8.56 -4.03
CA PRO A 67 7.52 -8.73 -2.67
C PRO A 67 6.26 -7.90 -2.43
N PHE A 68 6.26 -6.69 -2.95
CA PHE A 68 5.13 -5.79 -2.79
C PHE A 68 3.98 -6.20 -3.69
N GLU A 69 4.26 -6.40 -4.97
CA GLU A 69 3.25 -6.81 -5.94
C GLU A 69 2.58 -8.11 -5.50
N ASP A 70 3.35 -8.96 -4.85
CA ASP A 70 2.85 -10.24 -4.38
C ASP A 70 1.78 -10.05 -3.30
N ALA A 71 2.10 -9.23 -2.30
CA ALA A 71 1.18 -8.95 -1.20
C ALA A 71 0.06 -8.02 -1.62
N ALA A 72 0.17 -7.45 -2.83
CA ALA A 72 -0.85 -6.53 -3.33
C ALA A 72 -2.18 -7.24 -3.58
N PHE A 73 -2.11 -8.39 -4.25
CA PHE A 73 -3.31 -9.16 -4.56
C PHE A 73 -3.58 -10.21 -3.49
N ARG A 74 -2.97 -10.07 -2.32
CA ARG A 74 -3.16 -11.01 -1.23
C ARG A 74 -4.15 -10.47 -0.20
N LEU A 75 -4.24 -9.15 -0.11
CA LEU A 75 -5.14 -8.51 0.83
C LEU A 75 -6.38 -7.97 0.15
N GLN A 76 -7.11 -8.84 -0.53
CA GLN A 76 -8.33 -8.45 -1.21
C GLN A 76 -9.40 -8.09 -0.19
N VAL A 77 -9.20 -8.54 1.04
CA VAL A 77 -10.13 -8.26 2.14
C VAL A 77 -10.16 -6.77 2.46
N GLY A 78 -9.05 -6.10 2.18
CA GLY A 78 -8.95 -4.68 2.48
C GLY A 78 -8.28 -4.43 3.79
N GLU A 79 -7.06 -4.92 3.92
CA GLU A 79 -6.32 -4.78 5.15
C GLU A 79 -4.86 -4.45 4.87
N VAL A 80 -4.10 -4.23 5.92
CA VAL A 80 -2.68 -3.93 5.77
C VAL A 80 -1.88 -5.22 5.71
N SER A 81 -0.77 -5.21 4.97
CA SER A 81 0.06 -6.39 4.83
C SER A 81 1.34 -6.27 5.65
N GLU A 82 1.93 -7.42 5.97
CA GLU A 82 3.15 -7.46 6.77
C GLU A 82 4.24 -6.55 6.21
N PRO A 83 5.18 -6.14 7.07
CA PRO A 83 6.28 -5.27 6.66
C PRO A 83 7.07 -5.88 5.51
N VAL A 84 6.89 -5.33 4.32
CA VAL A 84 7.59 -5.83 3.14
C VAL A 84 8.77 -4.92 2.80
N LYS A 85 9.98 -5.44 3.05
CA LYS A 85 11.19 -4.68 2.78
C LYS A 85 11.71 -4.97 1.38
N SER A 86 11.66 -3.96 0.52
CA SER A 86 12.14 -4.09 -0.85
C SER A 86 13.41 -3.29 -1.05
N GLU A 87 13.86 -3.18 -2.29
CA GLU A 87 15.08 -2.43 -2.60
C GLU A 87 14.96 -0.98 -2.14
N PHE A 88 13.74 -0.52 -1.89
CA PHE A 88 13.50 0.85 -1.45
C PHE A 88 13.44 0.94 0.07
N GLY A 89 12.82 -0.04 0.71
CA GLY A 89 12.70 -0.04 2.16
C GLY A 89 11.52 -0.83 2.66
N TYR A 90 11.18 -0.63 3.93
CA TYR A 90 10.08 -1.32 4.54
C TYR A 90 8.76 -0.73 4.05
N HIS A 91 8.16 -1.41 3.07
CA HIS A 91 6.92 -0.97 2.46
C HIS A 91 5.69 -1.47 3.21
N VAL A 92 4.54 -0.93 2.84
CA VAL A 92 3.26 -1.30 3.43
C VAL A 92 2.16 -1.24 2.37
N ILE A 93 1.16 -2.11 2.49
CA ILE A 93 0.07 -2.14 1.51
C ILE A 93 -1.30 -2.23 2.17
N LYS A 94 -2.17 -1.27 1.86
CA LYS A 94 -3.52 -1.24 2.40
C LYS A 94 -4.53 -1.08 1.26
N ARG A 95 -5.29 -2.14 0.99
CA ARG A 95 -6.25 -2.15 -0.10
C ARG A 95 -7.27 -1.02 0.05
N LEU A 96 -7.47 -0.30 -1.05
CA LEU A 96 -8.39 0.80 -1.10
C LEU A 96 -8.79 1.09 -2.54
N GLY A 97 -10.07 0.92 -2.83
CA GLY A 97 -10.57 1.16 -4.16
C GLY A 97 -12.06 1.44 -4.19
N GLY A 1 -24.82 3.60 -20.50
CA GLY A 1 -24.15 2.49 -19.79
C GLY A 1 -22.66 2.47 -20.01
N PRO A 2 -21.90 3.32 -19.29
CA PRO A 2 -20.45 3.39 -19.42
C PRO A 2 -19.78 2.03 -19.28
N MET A 3 -18.65 1.84 -19.95
CA MET A 3 -17.92 0.58 -19.90
C MET A 3 -16.42 0.83 -19.97
N GLY A 4 -15.66 0.01 -19.25
CA GLY A 4 -14.21 0.15 -19.24
C GLY A 4 -13.62 -0.04 -17.86
N SER A 5 -14.40 0.26 -16.84
CA SER A 5 -13.94 0.12 -15.46
C SER A 5 -14.21 -1.28 -14.93
N MET A 6 -13.27 -1.82 -14.16
CA MET A 6 -13.40 -3.15 -13.59
C MET A 6 -12.61 -3.26 -12.29
N ALA A 7 -12.66 -4.44 -11.67
CA ALA A 7 -11.94 -4.66 -10.41
C ALA A 7 -10.94 -5.82 -10.55
N ASP A 8 -10.54 -6.11 -11.78
CA ASP A 8 -9.58 -7.19 -12.03
C ASP A 8 -8.31 -6.96 -11.24
N LYS A 9 -7.80 -5.73 -11.30
CA LYS A 9 -6.60 -5.35 -10.60
C LYS A 9 -6.91 -4.93 -9.16
N ILE A 10 -5.88 -4.59 -8.40
CA ILE A 10 -6.07 -4.22 -7.00
C ILE A 10 -5.82 -2.75 -6.79
N LYS A 11 -6.69 -2.15 -6.02
CA LYS A 11 -6.60 -0.74 -5.72
C LYS A 11 -6.23 -0.57 -4.26
N CYS A 12 -4.93 -0.54 -3.98
CA CYS A 12 -4.44 -0.41 -2.61
C CYS A 12 -3.58 0.84 -2.45
N SER A 13 -3.09 1.06 -1.23
CA SER A 13 -2.25 2.22 -0.93
C SER A 13 -0.88 1.75 -0.44
N HIS A 14 0.11 2.64 -0.44
CA HIS A 14 1.45 2.28 0.00
C HIS A 14 2.05 3.33 0.94
N ILE A 15 2.87 2.85 1.86
CA ILE A 15 3.53 3.72 2.84
C ILE A 15 4.93 3.17 3.16
N LEU A 16 5.96 3.94 2.80
CA LEU A 16 7.33 3.53 3.03
C LEU A 16 7.93 4.17 4.28
N VAL A 17 8.50 3.36 5.15
CA VAL A 17 9.15 3.84 6.36
C VAL A 17 10.39 3.00 6.64
N LYS A 18 11.50 3.65 6.97
CA LYS A 18 12.73 2.92 7.23
C LYS A 18 12.64 2.19 8.57
N LYS A 19 11.98 2.80 9.54
CA LYS A 19 11.80 2.18 10.84
C LYS A 19 10.82 1.02 10.70
N GLN A 20 11.32 -0.09 10.18
CA GLN A 20 10.54 -1.28 9.93
C GLN A 20 9.65 -1.67 11.11
N GLY A 21 10.02 -1.28 12.31
CA GLY A 21 9.21 -1.62 13.45
C GLY A 21 7.88 -0.91 13.38
N GLU A 22 7.90 0.28 12.80
CA GLU A 22 6.70 1.06 12.64
C GLU A 22 5.81 0.42 11.58
N ALA A 23 6.45 -0.06 10.52
CA ALA A 23 5.74 -0.71 9.43
C ALA A 23 4.84 -1.82 9.98
N LEU A 24 5.34 -2.50 11.01
CA LEU A 24 4.59 -3.57 11.66
C LEU A 24 3.45 -3.01 12.50
N ALA A 25 3.64 -1.80 13.01
CA ALA A 25 2.65 -1.15 13.86
C ALA A 25 1.61 -0.38 13.04
N VAL A 26 2.07 0.33 12.02
CA VAL A 26 1.19 1.11 11.17
C VAL A 26 0.07 0.26 10.58
N GLN A 27 0.39 -1.01 10.31
CA GLN A 27 -0.61 -1.92 9.75
C GLN A 27 -1.89 -1.90 10.59
N GLU A 28 -1.76 -2.16 11.89
CA GLU A 28 -2.89 -2.15 12.80
C GLU A 28 -3.36 -0.72 13.07
N ARG A 29 -2.40 0.20 13.03
CA ARG A 29 -2.67 1.62 13.28
C ARG A 29 -3.50 2.24 12.16
N LEU A 30 -3.23 1.83 10.93
CA LEU A 30 -3.95 2.36 9.77
C LEU A 30 -5.45 2.23 9.94
N LYS A 31 -5.93 1.00 10.13
CA LYS A 31 -7.35 0.75 10.30
C LYS A 31 -7.84 1.23 11.67
N ALA A 32 -6.90 1.60 12.53
CA ALA A 32 -7.23 2.06 13.88
C ALA A 32 -8.15 3.28 13.82
N GLY A 33 -8.13 3.98 12.69
CA GLY A 33 -8.94 5.15 12.54
C GLY A 33 -8.31 6.18 11.61
N GLU A 34 -6.99 6.06 11.41
CA GLU A 34 -6.27 6.98 10.54
C GLU A 34 -6.46 6.61 9.08
N LYS A 35 -6.26 7.58 8.20
CA LYS A 35 -6.40 7.37 6.77
C LYS A 35 -5.04 7.10 6.11
N PHE A 36 -5.03 6.14 5.19
CA PHE A 36 -3.79 5.77 4.48
C PHE A 36 -3.09 7.02 3.93
N GLY A 37 -3.89 7.99 3.50
CA GLY A 37 -3.34 9.21 2.96
C GLY A 37 -2.57 10.01 3.99
N LYS A 38 -3.02 9.95 5.24
CA LYS A 38 -2.36 10.68 6.33
C LYS A 38 -0.94 10.17 6.55
N LEU A 39 -0.82 8.86 6.75
CA LEU A 39 0.49 8.24 6.98
C LEU A 39 1.48 8.62 5.89
N ALA A 40 0.98 8.77 4.67
CA ALA A 40 1.82 9.13 3.53
C ALA A 40 2.67 10.35 3.86
N LYS A 41 1.99 11.41 4.28
CA LYS A 41 2.67 12.64 4.64
C LYS A 41 3.13 12.61 6.10
N GLU A 42 2.48 11.79 6.91
CA GLU A 42 2.80 11.70 8.33
C GLU A 42 4.16 11.05 8.60
N LEU A 43 4.28 9.75 8.35
CA LEU A 43 5.56 9.06 8.60
C LEU A 43 6.15 8.44 7.33
N SER A 44 5.36 8.35 6.26
CA SER A 44 5.84 7.77 5.01
C SER A 44 6.97 8.59 4.41
N ILE A 45 7.98 7.90 3.92
CA ILE A 45 9.14 8.54 3.31
C ILE A 45 9.07 8.44 1.78
N ASP A 46 8.10 7.67 1.29
CA ASP A 46 7.91 7.48 -0.15
C ASP A 46 7.96 8.82 -0.88
N GLY A 47 8.67 8.84 -2.00
CA GLY A 47 8.81 10.05 -2.78
C GLY A 47 7.48 10.55 -3.31
N GLY A 48 7.52 11.65 -4.06
CA GLY A 48 6.33 12.28 -4.63
C GLY A 48 5.05 11.46 -4.53
N SER A 49 5.11 10.17 -4.84
CA SER A 49 3.93 9.31 -4.77
C SER A 49 3.24 9.44 -3.41
N ALA A 50 4.02 9.75 -2.38
CA ALA A 50 3.47 9.91 -1.03
C ALA A 50 2.67 11.19 -0.91
N LYS A 51 2.99 12.14 -1.79
CA LYS A 51 2.32 13.42 -1.82
C LYS A 51 0.89 13.28 -2.33
N ARG A 52 0.61 12.11 -2.88
CA ARG A 52 -0.70 11.81 -3.42
C ARG A 52 -1.49 10.90 -2.47
N ASP A 53 -1.12 10.96 -1.19
CA ASP A 53 -1.78 10.16 -0.16
C ASP A 53 -1.39 8.67 -0.27
N GLY A 54 -0.40 8.37 -1.11
CA GLY A 54 0.03 7.01 -1.28
C GLY A 54 -1.05 6.13 -1.88
N SER A 55 -2.00 6.76 -2.57
CA SER A 55 -3.09 6.05 -3.20
C SER A 55 -2.62 5.35 -4.47
N LEU A 56 -2.15 4.12 -4.30
CA LEU A 56 -1.66 3.33 -5.42
C LEU A 56 -2.79 3.05 -6.41
N GLY A 57 -4.03 3.27 -5.98
CA GLY A 57 -5.17 3.04 -6.84
C GLY A 57 -5.11 1.70 -7.52
N TYR A 58 -6.01 1.48 -8.46
CA TYR A 58 -6.06 0.23 -9.19
C TYR A 58 -4.74 -0.08 -9.86
N PHE A 59 -4.19 -1.23 -9.54
CA PHE A 59 -2.95 -1.70 -10.13
C PHE A 59 -2.98 -3.19 -10.25
N GLY A 60 -2.45 -3.68 -11.36
CA GLY A 60 -2.45 -5.11 -11.60
C GLY A 60 -1.08 -5.73 -11.43
N ARG A 61 -0.98 -7.02 -11.76
CA ARG A 61 0.28 -7.74 -11.65
C ARG A 61 1.25 -7.28 -12.72
N GLY A 62 2.01 -6.26 -12.40
CA GLY A 62 2.96 -5.74 -13.34
C GLY A 62 3.17 -4.24 -13.22
N LYS A 63 3.15 -3.74 -11.98
CA LYS A 63 3.32 -2.31 -11.74
C LYS A 63 4.25 -2.05 -10.56
N MET A 64 4.09 -2.84 -9.49
CA MET A 64 4.92 -2.67 -8.30
C MET A 64 5.96 -3.79 -8.18
N VAL A 65 6.84 -3.67 -7.20
CA VAL A 65 7.88 -4.65 -6.98
C VAL A 65 7.29 -6.05 -6.76
N LYS A 66 8.13 -7.07 -6.93
CA LYS A 66 7.68 -8.46 -6.78
C LYS A 66 7.14 -8.76 -5.38
N PRO A 67 7.85 -8.36 -4.31
CA PRO A 67 7.41 -8.63 -2.94
C PRO A 67 6.13 -7.88 -2.62
N PHE A 68 6.06 -6.63 -3.06
CA PHE A 68 4.89 -5.80 -2.82
C PHE A 68 3.73 -6.26 -3.70
N GLU A 69 3.99 -6.38 -4.99
CA GLU A 69 2.97 -6.82 -5.94
C GLU A 69 2.39 -8.17 -5.52
N ASP A 70 3.23 -8.99 -4.90
CA ASP A 70 2.80 -10.31 -4.44
C ASP A 70 1.76 -10.19 -3.33
N ALA A 71 2.09 -9.39 -2.31
CA ALA A 71 1.19 -9.18 -1.18
C ALA A 71 0.04 -8.24 -1.56
N ALA A 72 0.15 -7.59 -2.72
CA ALA A 72 -0.88 -6.67 -3.17
C ALA A 72 -2.20 -7.39 -3.39
N PHE A 73 -2.15 -8.50 -4.12
CA PHE A 73 -3.35 -9.29 -4.40
C PHE A 73 -3.54 -10.40 -3.37
N ARG A 74 -2.84 -10.30 -2.24
CA ARG A 74 -2.95 -11.29 -1.19
C ARG A 74 -3.91 -10.84 -0.10
N LEU A 75 -4.06 -9.53 0.04
CA LEU A 75 -4.96 -8.96 1.04
C LEU A 75 -6.25 -8.47 0.40
N GLN A 76 -6.90 -9.34 -0.34
CA GLN A 76 -8.16 -9.00 -0.99
C GLN A 76 -9.19 -8.60 0.05
N VAL A 77 -8.98 -9.06 1.28
CA VAL A 77 -9.87 -8.75 2.39
C VAL A 77 -9.91 -7.25 2.64
N GLY A 78 -8.83 -6.57 2.28
CA GLY A 78 -8.76 -5.14 2.48
C GLY A 78 -8.09 -4.79 3.79
N GLU A 79 -6.89 -5.29 3.96
CA GLU A 79 -6.15 -5.06 5.18
C GLU A 79 -4.69 -4.74 4.88
N VAL A 80 -3.93 -4.44 5.92
CA VAL A 80 -2.53 -4.13 5.74
C VAL A 80 -1.69 -5.40 5.75
N SER A 81 -0.60 -5.42 4.98
CA SER A 81 0.25 -6.59 4.90
C SER A 81 1.54 -6.39 5.68
N GLU A 82 2.20 -7.51 6.00
CA GLU A 82 3.44 -7.50 6.76
C GLU A 82 4.47 -6.54 6.16
N PRO A 83 5.41 -6.06 6.98
CA PRO A 83 6.46 -5.15 6.54
C PRO A 83 7.26 -5.74 5.39
N VAL A 84 7.03 -5.24 4.18
CA VAL A 84 7.73 -5.71 3.00
C VAL A 84 8.85 -4.74 2.64
N LYS A 85 10.09 -5.14 2.90
CA LYS A 85 11.24 -4.31 2.61
C LYS A 85 11.79 -4.57 1.21
N SER A 86 11.66 -3.58 0.33
CA SER A 86 12.14 -3.70 -1.03
C SER A 86 13.42 -2.87 -1.19
N GLU A 87 13.88 -2.74 -2.43
CA GLU A 87 15.09 -1.98 -2.71
C GLU A 87 14.92 -0.50 -2.31
N PHE A 88 13.68 -0.09 -2.08
CA PHE A 88 13.38 1.28 -1.70
C PHE A 88 13.24 1.43 -0.19
N GLY A 89 12.67 0.42 0.46
CA GLY A 89 12.49 0.48 1.91
C GLY A 89 11.40 -0.44 2.40
N TYR A 90 10.99 -0.25 3.65
CA TYR A 90 9.97 -1.06 4.25
C TYR A 90 8.60 -0.58 3.80
N HIS A 91 8.05 -1.26 2.80
CA HIS A 91 6.75 -0.91 2.23
C HIS A 91 5.58 -1.47 3.02
N VAL A 92 4.39 -0.99 2.66
CA VAL A 92 3.15 -1.42 3.29
C VAL A 92 2.01 -1.35 2.27
N ILE A 93 1.05 -2.27 2.36
CA ILE A 93 -0.06 -2.29 1.41
C ILE A 93 -1.42 -2.21 2.11
N LYS A 94 -2.20 -1.19 1.75
CA LYS A 94 -3.52 -1.01 2.33
C LYS A 94 -4.56 -0.83 1.21
N ARG A 95 -5.41 -1.84 1.03
CA ARG A 95 -6.43 -1.80 -0.01
C ARG A 95 -7.35 -0.61 0.12
N LEU A 96 -7.56 0.06 -1.01
CA LEU A 96 -8.41 1.23 -1.10
C LEU A 96 -8.77 1.50 -2.56
N GLY A 97 -10.05 1.40 -2.87
CA GLY A 97 -10.50 1.65 -4.23
C GLY A 97 -11.97 2.02 -4.31
N GLY A 1 -18.19 9.40 -21.55
CA GLY A 1 -19.01 8.25 -21.09
C GLY A 1 -18.36 6.91 -21.39
N PRO A 2 -17.56 6.38 -20.44
CA PRO A 2 -16.88 5.08 -20.62
C PRO A 2 -17.86 3.91 -20.62
N MET A 3 -17.45 2.81 -21.24
CA MET A 3 -18.29 1.63 -21.32
C MET A 3 -17.43 0.35 -21.23
N GLY A 4 -17.67 -0.44 -20.19
CA GLY A 4 -16.93 -1.67 -20.02
C GLY A 4 -15.79 -1.53 -19.03
N SER A 5 -16.13 -1.14 -17.80
CA SER A 5 -15.11 -0.96 -16.77
C SER A 5 -14.86 -2.27 -16.02
N MET A 6 -13.59 -2.58 -15.78
CA MET A 6 -13.22 -3.79 -15.08
C MET A 6 -12.53 -3.47 -13.75
N ALA A 7 -12.09 -4.49 -13.04
CA ALA A 7 -11.42 -4.31 -11.76
C ALA A 7 -10.21 -5.24 -11.63
N ASP A 8 -9.61 -5.60 -12.75
CA ASP A 8 -8.44 -6.48 -12.75
C ASP A 8 -7.32 -5.88 -11.90
N LYS A 9 -7.36 -4.56 -11.72
CA LYS A 9 -6.37 -3.85 -10.95
C LYS A 9 -6.69 -3.88 -9.47
N ILE A 10 -5.70 -3.51 -8.66
CA ILE A 10 -5.89 -3.45 -7.22
C ILE A 10 -5.86 -2.01 -6.77
N LYS A 11 -6.78 -1.68 -5.91
CA LYS A 11 -6.89 -0.34 -5.39
C LYS A 11 -6.42 -0.31 -3.95
N CYS A 12 -5.12 -0.10 -3.77
CA CYS A 12 -4.52 -0.07 -2.44
C CYS A 12 -3.64 1.16 -2.28
N SER A 13 -3.04 1.30 -1.10
CA SER A 13 -2.16 2.43 -0.80
C SER A 13 -0.77 1.93 -0.42
N HIS A 14 0.22 2.82 -0.45
CA HIS A 14 1.58 2.43 -0.11
C HIS A 14 2.22 3.39 0.90
N ILE A 15 3.14 2.86 1.71
CA ILE A 15 3.82 3.65 2.72
C ILE A 15 5.19 3.03 3.04
N LEU A 16 6.25 3.85 3.01
CA LEU A 16 7.59 3.36 3.31
C LEU A 16 8.23 4.12 4.45
N VAL A 17 8.91 3.38 5.32
CA VAL A 17 9.62 3.97 6.46
C VAL A 17 10.81 3.12 6.84
N LYS A 18 11.94 3.76 7.11
CA LYS A 18 13.12 3.03 7.53
C LYS A 18 12.86 2.38 8.88
N LYS A 19 11.86 2.90 9.58
CA LYS A 19 11.46 2.39 10.87
C LYS A 19 10.76 1.04 10.71
N GLN A 20 11.55 0.00 10.47
CA GLN A 20 11.01 -1.34 10.25
C GLN A 20 9.98 -1.73 11.31
N GLY A 21 10.17 -1.25 12.54
CA GLY A 21 9.23 -1.58 13.59
C GLY A 21 7.91 -0.86 13.44
N GLU A 22 7.96 0.34 12.89
CA GLU A 22 6.77 1.12 12.68
C GLU A 22 5.89 0.46 11.62
N ALA A 23 6.54 -0.01 10.56
CA ALA A 23 5.86 -0.67 9.46
C ALA A 23 4.92 -1.76 9.99
N LEU A 24 5.36 -2.44 11.04
CA LEU A 24 4.57 -3.51 11.66
C LEU A 24 3.39 -2.92 12.43
N ALA A 25 3.60 -1.74 13.01
CA ALA A 25 2.56 -1.07 13.79
C ALA A 25 1.56 -0.37 12.89
N VAL A 26 2.05 0.32 11.87
CA VAL A 26 1.18 1.03 10.95
C VAL A 26 0.04 0.15 10.47
N GLN A 27 0.31 -1.13 10.27
CA GLN A 27 -0.73 -2.04 9.83
C GLN A 27 -1.89 -2.02 10.83
N GLU A 28 -1.55 -2.17 12.11
CA GLU A 28 -2.53 -2.13 13.18
C GLU A 28 -3.03 -0.70 13.42
N ARG A 29 -2.14 0.26 13.16
CA ARG A 29 -2.43 1.67 13.38
C ARG A 29 -3.29 2.28 12.27
N LEU A 30 -3.10 1.81 11.04
CA LEU A 30 -3.83 2.33 9.90
C LEU A 30 -5.34 2.32 10.16
N LYS A 31 -5.87 1.18 10.55
CA LYS A 31 -7.29 1.05 10.84
C LYS A 31 -7.67 1.79 12.13
N ALA A 32 -6.66 2.24 12.87
CA ALA A 32 -6.88 2.94 14.13
C ALA A 32 -7.43 4.36 13.94
N GLY A 33 -8.44 4.50 13.09
CA GLY A 33 -9.05 5.80 12.87
C GLY A 33 -8.27 6.69 11.91
N GLU A 34 -7.05 6.29 11.56
CA GLU A 34 -6.24 7.08 10.64
C GLU A 34 -6.46 6.63 9.20
N LYS A 35 -6.24 7.55 8.26
CA LYS A 35 -6.41 7.25 6.85
C LYS A 35 -5.08 7.07 6.15
N PHE A 36 -5.02 6.07 5.26
CA PHE A 36 -3.81 5.78 4.50
C PHE A 36 -3.21 7.05 3.92
N GLY A 37 -4.09 8.01 3.59
CA GLY A 37 -3.63 9.26 3.02
C GLY A 37 -2.75 10.03 3.97
N LYS A 38 -3.04 9.93 5.26
CA LYS A 38 -2.26 10.62 6.28
C LYS A 38 -0.84 10.05 6.38
N LEU A 39 -0.75 8.72 6.53
CA LEU A 39 0.54 8.05 6.64
C LEU A 39 1.46 8.42 5.49
N ALA A 40 0.90 8.60 4.30
CA ALA A 40 1.70 8.95 3.13
C ALA A 40 2.57 10.16 3.42
N LYS A 41 1.95 11.23 3.90
CA LYS A 41 2.67 12.44 4.23
C LYS A 41 3.22 12.38 5.65
N GLU A 42 2.59 11.53 6.49
CA GLU A 42 3.00 11.41 7.88
C GLU A 42 4.33 10.67 8.06
N LEU A 43 4.38 9.37 7.73
CA LEU A 43 5.62 8.61 7.90
C LEU A 43 6.17 8.04 6.59
N SER A 44 5.36 8.02 5.53
CA SER A 44 5.84 7.48 4.26
C SER A 44 6.99 8.33 3.73
N ILE A 45 8.10 7.67 3.43
CA ILE A 45 9.27 8.37 2.94
C ILE A 45 9.54 8.15 1.46
N ASP A 46 9.09 7.02 0.92
CA ASP A 46 9.33 6.72 -0.49
C ASP A 46 8.06 6.37 -1.25
N GLY A 47 7.57 7.33 -2.03
CA GLY A 47 6.39 7.08 -2.83
C GLY A 47 5.94 8.31 -3.60
N GLY A 48 5.46 8.11 -4.81
CA GLY A 48 4.98 9.21 -5.61
C GLY A 48 3.59 9.62 -5.21
N SER A 49 2.81 8.62 -4.81
CA SER A 49 1.44 8.85 -4.38
C SER A 49 1.39 9.44 -2.97
N ALA A 50 2.56 9.60 -2.34
CA ALA A 50 2.59 10.17 -1.00
C ALA A 50 2.04 11.59 -1.03
N LYS A 51 2.08 12.19 -2.21
CA LYS A 51 1.57 13.53 -2.41
C LYS A 51 0.09 13.48 -2.79
N ARG A 52 -0.42 12.25 -2.97
CA ARG A 52 -1.80 12.02 -3.34
C ARG A 52 -2.50 11.14 -2.31
N ASP A 53 -1.98 11.14 -1.08
CA ASP A 53 -2.55 10.34 0.00
C ASP A 53 -2.20 8.85 -0.17
N GLY A 54 -1.08 8.60 -0.84
CA GLY A 54 -0.63 7.23 -1.06
C GLY A 54 -1.69 6.38 -1.74
N SER A 55 -2.64 7.03 -2.40
CA SER A 55 -3.69 6.31 -3.10
C SER A 55 -3.17 5.68 -4.38
N LEU A 56 -2.59 4.50 -4.25
CA LEU A 56 -2.04 3.77 -5.38
C LEU A 56 -3.11 3.50 -6.42
N GLY A 57 -4.38 3.53 -5.99
CA GLY A 57 -5.48 3.29 -6.91
C GLY A 57 -5.36 1.96 -7.62
N TYR A 58 -6.12 1.80 -8.71
CA TYR A 58 -6.10 0.56 -9.47
C TYR A 58 -4.73 0.31 -10.11
N PHE A 59 -4.11 -0.80 -9.73
CA PHE A 59 -2.83 -1.19 -10.30
C PHE A 59 -2.80 -2.69 -10.50
N GLY A 60 -2.25 -3.12 -11.61
CA GLY A 60 -2.17 -4.53 -11.93
C GLY A 60 -0.83 -5.13 -11.59
N ARG A 61 -0.62 -6.40 -11.95
CA ARG A 61 0.62 -7.07 -11.67
C ARG A 61 1.64 -6.73 -12.74
N GLY A 62 2.50 -5.78 -12.43
CA GLY A 62 3.51 -5.37 -13.37
C GLY A 62 3.85 -3.89 -13.25
N LYS A 63 3.86 -3.38 -12.02
CA LYS A 63 4.17 -1.98 -11.77
C LYS A 63 5.02 -1.83 -10.52
N MET A 64 4.62 -2.50 -9.44
CA MET A 64 5.35 -2.44 -8.18
C MET A 64 6.38 -3.56 -8.09
N VAL A 65 7.25 -3.48 -7.07
CA VAL A 65 8.28 -4.49 -6.88
C VAL A 65 7.67 -5.87 -6.69
N LYS A 66 8.49 -6.90 -6.85
CA LYS A 66 8.03 -8.29 -6.71
C LYS A 66 7.45 -8.57 -5.33
N PRO A 67 8.15 -8.18 -4.25
CA PRO A 67 7.66 -8.43 -2.89
C PRO A 67 6.39 -7.65 -2.58
N PHE A 68 6.34 -6.43 -3.07
CA PHE A 68 5.18 -5.57 -2.85
C PHE A 68 4.01 -6.01 -3.72
N GLU A 69 4.27 -6.18 -5.01
CA GLU A 69 3.24 -6.61 -5.94
C GLU A 69 2.62 -7.93 -5.50
N ASP A 70 3.42 -8.77 -4.87
CA ASP A 70 2.96 -10.06 -4.38
C ASP A 70 1.89 -9.87 -3.30
N ALA A 71 2.21 -9.06 -2.30
CA ALA A 71 1.29 -8.80 -1.20
C ALA A 71 0.15 -7.88 -1.63
N ALA A 72 0.26 -7.31 -2.83
CA ALA A 72 -0.76 -6.40 -3.34
C ALA A 72 -2.06 -7.14 -3.64
N PHE A 73 -1.95 -8.24 -4.39
CA PHE A 73 -3.12 -9.04 -4.74
C PHE A 73 -3.34 -10.18 -3.75
N ARG A 74 -2.72 -10.08 -2.58
CA ARG A 74 -2.86 -11.11 -1.56
C ARG A 74 -3.84 -10.68 -0.49
N LEU A 75 -4.00 -9.36 -0.33
CA LEU A 75 -4.93 -8.83 0.66
C LEU A 75 -6.21 -8.33 0.01
N GLN A 76 -6.86 -9.21 -0.73
CA GLN A 76 -8.11 -8.87 -1.39
C GLN A 76 -9.18 -8.55 -0.34
N VAL A 77 -8.95 -9.00 0.88
CA VAL A 77 -9.88 -8.76 1.99
C VAL A 77 -9.97 -7.27 2.29
N GLY A 78 -8.90 -6.55 1.97
CA GLY A 78 -8.88 -5.12 2.21
C GLY A 78 -8.22 -4.81 3.53
N GLU A 79 -7.00 -5.26 3.69
CA GLU A 79 -6.27 -5.05 4.92
C GLU A 79 -4.83 -4.69 4.65
N VAL A 80 -4.09 -4.39 5.71
CA VAL A 80 -2.69 -4.04 5.57
C VAL A 80 -1.85 -5.31 5.48
N SER A 81 -0.73 -5.25 4.77
CA SER A 81 0.12 -6.42 4.59
C SER A 81 1.38 -6.32 5.44
N GLU A 82 1.93 -7.49 5.77
CA GLU A 82 3.13 -7.60 6.60
C GLU A 82 4.26 -6.71 6.11
N PRO A 83 5.25 -6.47 6.98
CA PRO A 83 6.41 -5.64 6.66
C PRO A 83 7.18 -6.18 5.46
N VAL A 84 7.01 -5.52 4.33
CA VAL A 84 7.70 -5.92 3.11
C VAL A 84 8.90 -5.01 2.85
N LYS A 85 10.09 -5.52 3.18
CA LYS A 85 11.32 -4.76 2.99
C LYS A 85 11.93 -5.04 1.62
N SER A 86 11.94 -4.04 0.76
CA SER A 86 12.49 -4.18 -0.57
C SER A 86 13.81 -3.41 -0.69
N GLU A 87 14.33 -3.31 -1.91
CA GLU A 87 15.58 -2.60 -2.16
C GLU A 87 15.49 -1.15 -1.69
N PHE A 88 14.26 -0.64 -1.56
CA PHE A 88 14.05 0.74 -1.13
C PHE A 88 13.92 0.84 0.40
N GLY A 89 13.21 -0.12 0.99
CA GLY A 89 13.02 -0.12 2.43
C GLY A 89 11.80 -0.89 2.87
N TYR A 90 11.40 -0.67 4.11
CA TYR A 90 10.25 -1.34 4.68
C TYR A 90 8.96 -0.76 4.11
N HIS A 91 8.40 -1.46 3.11
CA HIS A 91 7.18 -1.02 2.45
C HIS A 91 5.93 -1.41 3.23
N VAL A 92 4.80 -0.86 2.80
CA VAL A 92 3.51 -1.13 3.41
C VAL A 92 2.40 -1.05 2.36
N ILE A 93 1.32 -1.81 2.57
CA ILE A 93 0.22 -1.81 1.61
C ILE A 93 -1.14 -1.80 2.31
N LYS A 94 -1.96 -0.81 1.98
CA LYS A 94 -3.29 -0.71 2.56
C LYS A 94 -4.34 -0.56 1.47
N ARG A 95 -5.14 -1.60 1.28
CA ARG A 95 -6.18 -1.61 0.26
C ARG A 95 -7.18 -0.48 0.44
N LEU A 96 -7.51 0.16 -0.68
CA LEU A 96 -8.45 1.25 -0.73
C LEU A 96 -8.97 1.43 -2.16
N GLY A 97 -10.25 1.24 -2.33
CA GLY A 97 -10.85 1.39 -3.64
C GLY A 97 -12.35 1.66 -3.58
N GLY A 1 -19.93 -12.22 -20.17
CA GLY A 1 -18.73 -12.13 -19.30
C GLY A 1 -18.84 -11.04 -18.25
N PRO A 2 -17.98 -11.08 -17.21
CA PRO A 2 -18.00 -10.08 -16.13
C PRO A 2 -17.95 -8.65 -16.68
N MET A 3 -19.12 -8.07 -16.93
CA MET A 3 -19.20 -6.71 -17.45
C MET A 3 -19.47 -5.73 -16.32
N GLY A 4 -18.77 -4.60 -16.35
CA GLY A 4 -18.97 -3.59 -15.32
C GLY A 4 -17.92 -3.68 -14.21
N SER A 5 -17.83 -4.85 -13.60
CA SER A 5 -16.87 -5.06 -12.52
C SER A 5 -15.53 -5.53 -13.07
N MET A 6 -14.48 -4.79 -12.75
CA MET A 6 -13.13 -5.13 -13.22
C MET A 6 -12.13 -5.06 -12.07
N ALA A 7 -11.61 -6.23 -11.67
CA ALA A 7 -10.65 -6.30 -10.59
C ALA A 7 -9.38 -7.04 -11.02
N ASP A 8 -9.11 -7.02 -12.32
CA ASP A 8 -7.92 -7.69 -12.86
C ASP A 8 -6.67 -7.18 -12.15
N LYS A 9 -6.67 -5.90 -11.81
CA LYS A 9 -5.56 -5.28 -11.13
C LYS A 9 -5.90 -5.03 -9.66
N ILE A 10 -4.95 -4.49 -8.91
CA ILE A 10 -5.18 -4.26 -7.49
C ILE A 10 -5.31 -2.80 -7.19
N LYS A 11 -6.08 -2.52 -6.17
CA LYS A 11 -6.33 -1.16 -5.75
C LYS A 11 -5.99 -1.01 -4.29
N CYS A 12 -4.70 -0.94 -3.99
CA CYS A 12 -4.24 -0.78 -2.61
C CYS A 12 -3.49 0.53 -2.41
N SER A 13 -3.03 0.74 -1.18
CA SER A 13 -2.29 1.96 -0.83
C SER A 13 -0.87 1.59 -0.43
N HIS A 14 0.03 2.56 -0.40
CA HIS A 14 1.43 2.29 -0.04
C HIS A 14 1.97 3.28 0.98
N ILE A 15 2.94 2.80 1.75
CA ILE A 15 3.58 3.61 2.79
C ILE A 15 4.99 3.07 3.06
N LEU A 16 5.99 3.92 2.93
CA LEU A 16 7.37 3.51 3.15
C LEU A 16 7.97 4.17 4.39
N VAL A 17 8.60 3.36 5.24
CA VAL A 17 9.24 3.86 6.45
C VAL A 17 10.51 3.09 6.75
N LYS A 18 11.58 3.80 7.08
CA LYS A 18 12.86 3.17 7.37
C LYS A 18 12.85 2.45 8.70
N LYS A 19 12.13 3.00 9.68
CA LYS A 19 12.02 2.39 10.98
C LYS A 19 11.09 1.18 10.87
N GLN A 20 11.63 0.09 10.36
CA GLN A 20 10.86 -1.13 10.13
C GLN A 20 9.98 -1.51 11.30
N GLY A 21 10.33 -1.11 12.50
CA GLY A 21 9.50 -1.45 13.64
C GLY A 21 8.17 -0.75 13.57
N GLU A 22 8.18 0.43 12.98
CA GLU A 22 6.96 1.21 12.82
C GLU A 22 6.06 0.56 11.78
N ALA A 23 6.68 0.03 10.73
CA ALA A 23 5.94 -0.63 9.66
C ALA A 23 4.99 -1.67 10.25
N LEU A 24 5.45 -2.35 11.30
CA LEU A 24 4.65 -3.36 11.98
C LEU A 24 3.55 -2.71 12.82
N ALA A 25 3.81 -1.50 13.29
CA ALA A 25 2.85 -0.78 14.11
C ALA A 25 1.83 -0.03 13.25
N VAL A 26 2.32 0.62 12.19
CA VAL A 26 1.46 1.37 11.30
C VAL A 26 0.34 0.50 10.74
N GLN A 27 0.66 -0.75 10.42
CA GLN A 27 -0.34 -1.67 9.89
C GLN A 27 -1.53 -1.78 10.84
N GLU A 28 -1.22 -2.05 12.11
CA GLU A 28 -2.26 -2.17 13.14
C GLU A 28 -2.82 -0.79 13.51
N ARG A 29 -1.98 0.23 13.38
CA ARG A 29 -2.36 1.60 13.72
C ARG A 29 -3.20 2.24 12.61
N LEU A 30 -2.97 1.82 11.37
CA LEU A 30 -3.69 2.36 10.22
C LEU A 30 -5.20 2.22 10.42
N LYS A 31 -5.64 0.99 10.67
CA LYS A 31 -7.06 0.71 10.89
C LYS A 31 -7.52 1.25 12.25
N ALA A 32 -6.58 1.68 13.08
CA ALA A 32 -6.89 2.20 14.40
C ALA A 32 -7.82 3.41 14.30
N GLY A 33 -7.80 4.08 13.15
CA GLY A 33 -8.63 5.24 12.95
C GLY A 33 -8.02 6.23 11.98
N GLU A 34 -6.71 6.11 11.76
CA GLU A 34 -6.01 6.99 10.84
C GLU A 34 -6.19 6.55 9.40
N LYS A 35 -6.01 7.48 8.47
CA LYS A 35 -6.18 7.18 7.06
C LYS A 35 -4.83 7.02 6.38
N PHE A 36 -4.72 6.03 5.49
CA PHE A 36 -3.49 5.77 4.77
C PHE A 36 -2.91 7.06 4.18
N GLY A 37 -3.79 8.00 3.87
CA GLY A 37 -3.36 9.26 3.31
C GLY A 37 -2.51 10.07 4.28
N LYS A 38 -2.86 9.99 5.56
CA LYS A 38 -2.13 10.71 6.61
C LYS A 38 -0.71 10.17 6.73
N LEU A 39 -0.59 8.86 6.92
CA LEU A 39 0.72 8.23 7.06
C LEU A 39 1.61 8.59 5.88
N ALA A 40 1.01 8.78 4.72
CA ALA A 40 1.76 9.12 3.51
C ALA A 40 2.66 10.32 3.77
N LYS A 41 2.07 11.39 4.27
CA LYS A 41 2.81 12.60 4.59
C LYS A 41 3.40 12.54 6.00
N GLU A 42 2.81 11.70 6.85
CA GLU A 42 3.25 11.60 8.24
C GLU A 42 4.62 10.91 8.40
N LEU A 43 4.69 9.61 8.13
CA LEU A 43 5.96 8.88 8.26
C LEU A 43 6.41 8.26 6.95
N SER A 44 5.52 8.21 5.98
CA SER A 44 5.85 7.63 4.68
C SER A 44 6.95 8.42 3.98
N ILE A 45 7.91 7.70 3.40
CA ILE A 45 9.02 8.33 2.68
C ILE A 45 8.78 8.28 1.18
N ASP A 46 7.73 7.57 0.77
CA ASP A 46 7.39 7.43 -0.64
C ASP A 46 7.45 8.78 -1.36
N GLY A 47 8.05 8.77 -2.55
CA GLY A 47 8.18 10.00 -3.32
C GLY A 47 6.83 10.57 -3.72
N GLY A 48 6.89 11.68 -4.47
CA GLY A 48 5.68 12.39 -4.93
C GLY A 48 4.37 11.64 -4.75
N SER A 49 4.35 10.35 -5.06
CA SER A 49 3.14 9.55 -4.92
C SER A 49 2.51 9.70 -3.53
N ALA A 50 3.29 10.20 -2.56
CA ALA A 50 2.79 10.40 -1.20
C ALA A 50 1.82 11.56 -1.16
N LYS A 51 1.91 12.43 -2.17
CA LYS A 51 1.06 13.58 -2.29
C LYS A 51 -0.34 13.18 -2.72
N ARG A 52 -0.46 11.92 -3.12
CA ARG A 52 -1.73 11.37 -3.57
C ARG A 52 -2.34 10.48 -2.49
N ASP A 53 -1.97 10.74 -1.23
CA ASP A 53 -2.46 9.98 -0.08
C ASP A 53 -2.10 8.51 -0.20
N GLY A 54 -0.99 8.23 -0.91
CA GLY A 54 -0.55 6.86 -1.08
C GLY A 54 -1.59 5.98 -1.72
N SER A 55 -2.55 6.59 -2.40
CA SER A 55 -3.61 5.85 -3.06
C SER A 55 -3.09 5.23 -4.35
N LEU A 56 -2.54 4.04 -4.23
CA LEU A 56 -2.00 3.33 -5.38
C LEU A 56 -3.11 3.00 -6.38
N GLY A 57 -4.36 3.09 -5.93
CA GLY A 57 -5.49 2.81 -6.80
C GLY A 57 -5.31 1.55 -7.60
N TYR A 58 -6.19 1.34 -8.56
CA TYR A 58 -6.12 0.16 -9.39
C TYR A 58 -4.89 0.14 -10.27
N PHE A 59 -3.99 -0.78 -9.98
CA PHE A 59 -2.79 -0.97 -10.76
C PHE A 59 -2.49 -2.45 -10.85
N GLY A 60 -1.91 -2.84 -11.96
CA GLY A 60 -1.59 -4.24 -12.16
C GLY A 60 -0.09 -4.49 -12.19
N ARG A 61 0.30 -5.72 -12.50
CA ARG A 61 1.70 -6.07 -12.55
C ARG A 61 2.33 -5.52 -13.81
N GLY A 62 3.63 -5.31 -13.77
CA GLY A 62 4.32 -4.78 -14.92
C GLY A 62 5.49 -3.89 -14.54
N LYS A 63 5.32 -3.12 -13.47
CA LYS A 63 6.37 -2.22 -12.98
C LYS A 63 6.38 -2.16 -11.46
N MET A 64 5.89 -3.23 -10.83
CA MET A 64 5.86 -3.29 -9.37
C MET A 64 6.81 -4.37 -8.86
N VAL A 65 7.14 -4.29 -7.57
CA VAL A 65 8.05 -5.28 -6.98
C VAL A 65 7.30 -6.58 -6.64
N LYS A 66 8.00 -7.69 -6.75
CA LYS A 66 7.42 -9.01 -6.49
C LYS A 66 6.85 -9.13 -5.07
N PRO A 67 7.58 -8.66 -4.04
CA PRO A 67 7.11 -8.76 -2.66
C PRO A 67 5.86 -7.92 -2.41
N PHE A 68 5.84 -6.72 -2.96
CA PHE A 68 4.71 -5.81 -2.81
C PHE A 68 3.54 -6.25 -3.69
N GLU A 69 3.84 -6.51 -4.96
CA GLU A 69 2.82 -6.95 -5.91
C GLU A 69 2.17 -8.25 -5.45
N ASP A 70 2.96 -9.08 -4.78
CA ASP A 70 2.47 -10.36 -4.29
C ASP A 70 1.39 -10.17 -3.23
N ALA A 71 1.65 -9.28 -2.28
CA ALA A 71 0.70 -9.02 -1.20
C ALA A 71 -0.49 -8.18 -1.69
N ALA A 72 -0.32 -7.52 -2.82
CA ALA A 72 -1.37 -6.68 -3.39
C ALA A 72 -2.68 -7.46 -3.55
N PHE A 73 -2.61 -8.60 -4.22
CA PHE A 73 -3.80 -9.42 -4.44
C PHE A 73 -4.03 -10.40 -3.29
N ARG A 74 -3.41 -10.16 -2.15
CA ARG A 74 -3.56 -11.03 -0.99
C ARG A 74 -4.55 -10.43 0.00
N LEU A 75 -4.58 -9.10 0.06
CA LEU A 75 -5.48 -8.41 0.98
C LEU A 75 -6.68 -7.82 0.26
N GLN A 76 -7.55 -8.70 -0.21
CA GLN A 76 -8.77 -8.27 -0.90
C GLN A 76 -9.81 -7.81 0.11
N VAL A 77 -9.60 -8.17 1.38
CA VAL A 77 -10.49 -7.80 2.46
C VAL A 77 -10.41 -6.29 2.74
N GLY A 78 -9.27 -5.70 2.43
CA GLY A 78 -9.10 -4.29 2.67
C GLY A 78 -8.38 -4.04 3.98
N GLU A 79 -7.18 -4.56 4.07
CA GLU A 79 -6.39 -4.43 5.28
C GLU A 79 -4.92 -4.22 4.97
N VAL A 80 -4.12 -4.03 6.00
CA VAL A 80 -2.71 -3.83 5.81
C VAL A 80 -1.99 -5.18 5.73
N SER A 81 -0.92 -5.25 4.97
CA SER A 81 -0.18 -6.51 4.81
C SER A 81 1.11 -6.50 5.62
N GLU A 82 1.67 -7.69 5.82
CA GLU A 82 2.88 -7.86 6.59
C GLU A 82 3.99 -6.92 6.13
N PRO A 83 4.97 -6.66 7.02
CA PRO A 83 6.10 -5.78 6.72
C PRO A 83 6.86 -6.25 5.49
N VAL A 84 6.65 -5.56 4.37
CA VAL A 84 7.33 -5.91 3.13
C VAL A 84 8.50 -4.96 2.87
N LYS A 85 9.71 -5.46 3.07
CA LYS A 85 10.90 -4.66 2.85
C LYS A 85 11.51 -4.96 1.49
N SER A 86 11.47 -3.98 0.60
CA SER A 86 12.03 -4.13 -0.75
C SER A 86 13.28 -3.27 -0.90
N GLU A 87 13.80 -3.20 -2.12
CA GLU A 87 14.99 -2.42 -2.40
C GLU A 87 14.78 -0.95 -2.00
N PHE A 88 13.52 -0.54 -1.90
CA PHE A 88 13.18 0.82 -1.54
C PHE A 88 13.08 0.99 -0.03
N GLY A 89 12.67 -0.07 0.67
CA GLY A 89 12.55 0.00 2.11
C GLY A 89 11.37 -0.79 2.64
N TYR A 90 11.07 -0.61 3.92
CA TYR A 90 9.97 -1.29 4.56
C TYR A 90 8.64 -0.70 4.11
N HIS A 91 8.01 -1.35 3.14
CA HIS A 91 6.74 -0.86 2.59
C HIS A 91 5.54 -1.41 3.36
N VAL A 92 4.38 -0.85 3.05
CA VAL A 92 3.13 -1.25 3.66
C VAL A 92 2.03 -1.27 2.60
N ILE A 93 1.21 -2.32 2.59
CA ILE A 93 0.15 -2.44 1.60
C ILE A 93 -1.24 -2.48 2.23
N LYS A 94 -2.09 -1.54 1.85
CA LYS A 94 -3.45 -1.48 2.35
C LYS A 94 -4.44 -1.38 1.19
N ARG A 95 -5.16 -2.46 0.93
CA ARG A 95 -6.14 -2.49 -0.16
C ARG A 95 -7.20 -1.42 0.01
N LEU A 96 -7.46 -0.69 -1.08
CA LEU A 96 -8.44 0.36 -1.12
C LEU A 96 -8.83 0.67 -2.57
N GLY A 97 -10.07 0.42 -2.91
CA GLY A 97 -10.54 0.68 -4.25
C GLY A 97 -12.05 0.85 -4.33
N GLY A 1 -14.70 -16.62 -17.37
CA GLY A 1 -16.15 -16.32 -17.27
C GLY A 1 -16.52 -14.97 -17.86
N PRO A 2 -16.50 -13.90 -17.04
CA PRO A 2 -16.83 -12.55 -17.50
C PRO A 2 -16.02 -12.14 -18.73
N MET A 3 -16.47 -11.09 -19.41
CA MET A 3 -15.78 -10.61 -20.61
C MET A 3 -15.78 -9.08 -20.64
N GLY A 4 -14.60 -8.49 -20.52
CA GLY A 4 -14.48 -7.05 -20.53
C GLY A 4 -14.20 -6.46 -19.16
N SER A 5 -13.36 -7.14 -18.39
CA SER A 5 -13.01 -6.69 -17.05
C SER A 5 -12.20 -5.41 -17.11
N MET A 6 -12.59 -4.42 -16.31
CA MET A 6 -11.90 -3.14 -16.28
C MET A 6 -11.17 -2.94 -14.94
N ALA A 7 -11.63 -3.65 -13.91
CA ALA A 7 -11.02 -3.55 -12.59
C ALA A 7 -10.01 -4.67 -12.37
N ASP A 8 -9.41 -5.15 -13.45
CA ASP A 8 -8.41 -6.21 -13.36
C ASP A 8 -7.28 -5.82 -12.42
N LYS A 9 -7.10 -4.50 -12.23
CA LYS A 9 -6.07 -3.98 -11.37
C LYS A 9 -6.51 -3.96 -9.93
N ILE A 10 -5.55 -3.77 -9.03
CA ILE A 10 -5.83 -3.70 -7.62
C ILE A 10 -5.59 -2.29 -7.13
N LYS A 11 -6.48 -1.83 -6.29
CA LYS A 11 -6.39 -0.48 -5.77
C LYS A 11 -5.94 -0.49 -4.31
N CYS A 12 -4.64 -0.27 -4.11
CA CYS A 12 -4.05 -0.29 -2.78
C CYS A 12 -3.27 1.00 -2.52
N SER A 13 -2.69 1.09 -1.33
CA SER A 13 -1.89 2.26 -0.93
C SER A 13 -0.47 1.84 -0.59
N HIS A 14 0.45 2.80 -0.54
CA HIS A 14 1.84 2.49 -0.22
C HIS A 14 2.40 3.42 0.84
N ILE A 15 3.34 2.90 1.63
CA ILE A 15 3.97 3.65 2.70
C ILE A 15 5.36 3.09 3.04
N LEU A 16 6.36 3.97 3.13
CA LEU A 16 7.72 3.54 3.44
C LEU A 16 8.26 4.26 4.68
N VAL A 17 8.94 3.49 5.53
CA VAL A 17 9.54 4.03 6.74
C VAL A 17 10.80 3.25 7.09
N LYS A 18 11.88 3.96 7.42
CA LYS A 18 13.14 3.30 7.75
C LYS A 18 13.05 2.57 9.08
N LYS A 19 12.32 3.15 10.03
CA LYS A 19 12.14 2.52 11.32
C LYS A 19 11.20 1.33 11.16
N GLN A 20 11.76 0.24 10.65
CA GLN A 20 11.02 -0.98 10.38
C GLN A 20 10.10 -1.41 11.52
N GLY A 21 10.42 -1.02 12.74
CA GLY A 21 9.58 -1.40 13.85
C GLY A 21 8.23 -0.74 13.76
N GLU A 22 8.22 0.47 13.20
CA GLU A 22 6.99 1.21 13.01
C GLU A 22 6.14 0.54 11.93
N ALA A 23 6.81 0.07 10.90
CA ALA A 23 6.14 -0.60 9.79
C ALA A 23 5.19 -1.67 10.30
N LEU A 24 5.64 -2.39 11.35
CA LEU A 24 4.82 -3.43 11.96
C LEU A 24 3.68 -2.83 12.77
N ALA A 25 3.90 -1.63 13.31
CA ALA A 25 2.89 -0.96 14.13
C ALA A 25 1.89 -0.20 13.27
N VAL A 26 2.37 0.39 12.18
CA VAL A 26 1.50 1.15 11.29
C VAL A 26 0.35 0.30 10.77
N GLN A 27 0.60 -0.99 10.58
CA GLN A 27 -0.44 -1.88 10.09
C GLN A 27 -1.61 -1.89 11.06
N GLU A 28 -1.30 -2.09 12.34
CA GLU A 28 -2.32 -2.08 13.38
C GLU A 28 -2.81 -0.66 13.65
N ARG A 29 -1.93 0.30 13.38
CA ARG A 29 -2.22 1.72 13.59
C ARG A 29 -3.10 2.28 12.48
N LEU A 30 -2.91 1.78 11.27
CA LEU A 30 -3.66 2.23 10.10
C LEU A 30 -5.17 2.16 10.36
N LYS A 31 -5.65 0.96 10.65
CA LYS A 31 -7.07 0.77 10.92
C LYS A 31 -7.47 1.35 12.28
N ALA A 32 -6.47 1.73 13.07
CA ALA A 32 -6.72 2.28 14.40
C ALA A 32 -7.64 3.49 14.33
N GLY A 33 -7.69 4.13 13.16
CA GLY A 33 -8.52 5.30 13.00
C GLY A 33 -7.95 6.26 11.97
N GLU A 34 -6.68 6.11 11.65
CA GLU A 34 -6.02 6.97 10.66
C GLU A 34 -6.24 6.44 9.25
N LYS A 35 -6.12 7.32 8.27
CA LYS A 35 -6.30 6.93 6.88
C LYS A 35 -4.96 6.73 6.19
N PHE A 36 -4.90 5.74 5.31
CA PHE A 36 -3.68 5.42 4.57
C PHE A 36 -3.07 6.68 3.98
N GLY A 37 -3.93 7.65 3.66
CA GLY A 37 -3.46 8.90 3.10
C GLY A 37 -2.63 9.70 4.07
N LYS A 38 -3.03 9.69 5.33
CA LYS A 38 -2.31 10.43 6.36
C LYS A 38 -0.87 9.93 6.47
N LEU A 39 -0.71 8.62 6.60
CA LEU A 39 0.61 8.00 6.71
C LEU A 39 1.50 8.44 5.56
N ALA A 40 0.91 8.63 4.38
CA ALA A 40 1.66 9.04 3.20
C ALA A 40 2.48 10.29 3.50
N LYS A 41 1.82 11.30 4.01
CA LYS A 41 2.48 12.55 4.38
C LYS A 41 3.06 12.49 5.79
N GLU A 42 2.52 11.60 6.61
CA GLU A 42 2.92 11.49 8.02
C GLU A 42 4.28 10.80 8.22
N LEU A 43 4.36 9.50 7.94
CA LEU A 43 5.63 8.78 8.12
C LEU A 43 6.16 8.18 6.83
N SER A 44 5.34 8.20 5.78
CA SER A 44 5.77 7.65 4.50
C SER A 44 6.94 8.47 3.95
N ILE A 45 8.04 7.78 3.64
CA ILE A 45 9.23 8.45 3.15
C ILE A 45 9.50 8.23 1.66
N ASP A 46 9.01 7.13 1.12
CA ASP A 46 9.25 6.83 -0.30
C ASP A 46 7.97 6.51 -1.06
N GLY A 47 7.49 7.48 -1.84
CA GLY A 47 6.32 7.25 -2.65
C GLY A 47 5.87 8.48 -3.41
N GLY A 48 5.39 8.28 -4.62
CA GLY A 48 4.91 9.38 -5.43
C GLY A 48 3.50 9.76 -5.04
N SER A 49 2.76 8.76 -4.61
CA SER A 49 1.39 8.96 -4.18
C SER A 49 1.33 9.60 -2.79
N ALA A 50 2.48 10.02 -2.26
CA ALA A 50 2.51 10.66 -0.96
C ALA A 50 1.75 11.97 -1.05
N LYS A 51 1.69 12.48 -2.27
CA LYS A 51 0.98 13.71 -2.56
C LYS A 51 -0.48 13.40 -2.88
N ARG A 52 -0.73 12.15 -3.25
CA ARG A 52 -2.07 11.68 -3.60
C ARG A 52 -2.68 10.86 -2.47
N ASP A 53 -2.22 11.09 -1.25
CA ASP A 53 -2.70 10.36 -0.08
C ASP A 53 -2.41 8.86 -0.18
N GLY A 54 -1.22 8.53 -0.67
CA GLY A 54 -0.83 7.14 -0.79
C GLY A 54 -1.82 6.30 -1.57
N SER A 55 -2.52 6.92 -2.50
CA SER A 55 -3.52 6.21 -3.31
C SER A 55 -2.87 5.61 -4.55
N LEU A 56 -2.31 4.42 -4.40
CA LEU A 56 -1.66 3.73 -5.51
C LEU A 56 -2.65 3.52 -6.66
N GLY A 57 -3.92 3.35 -6.30
CA GLY A 57 -4.94 3.15 -7.31
C GLY A 57 -4.83 1.79 -7.98
N TYR A 58 -5.60 1.59 -9.05
CA TYR A 58 -5.60 0.32 -9.77
C TYR A 58 -4.22 -0.01 -10.33
N PHE A 59 -3.66 -1.11 -9.86
CA PHE A 59 -2.36 -1.59 -10.33
C PHE A 59 -2.50 -3.03 -10.77
N GLY A 60 -1.53 -3.52 -11.53
CA GLY A 60 -1.60 -4.89 -12.00
C GLY A 60 -0.26 -5.60 -11.93
N ARG A 61 -0.21 -6.82 -12.46
CA ARG A 61 1.01 -7.61 -12.44
C ARG A 61 1.99 -7.07 -13.46
N GLY A 62 2.74 -6.05 -13.04
CA GLY A 62 3.71 -5.46 -13.93
C GLY A 62 3.89 -3.97 -13.70
N LYS A 63 3.84 -3.55 -12.43
CA LYS A 63 4.01 -2.15 -12.10
C LYS A 63 4.91 -1.97 -10.87
N MET A 64 4.63 -2.74 -9.81
CA MET A 64 5.42 -2.64 -8.58
C MET A 64 6.29 -3.87 -8.39
N VAL A 65 7.20 -3.80 -7.43
CA VAL A 65 8.12 -4.90 -7.14
C VAL A 65 7.37 -6.20 -6.87
N LYS A 66 8.09 -7.32 -6.97
CA LYS A 66 7.51 -8.64 -6.75
C LYS A 66 6.96 -8.81 -5.33
N PRO A 67 7.73 -8.45 -4.30
CA PRO A 67 7.29 -8.59 -2.91
C PRO A 67 6.07 -7.73 -2.61
N PHE A 68 6.12 -6.51 -3.12
CA PHE A 68 5.03 -5.56 -2.92
C PHE A 68 3.82 -5.95 -3.76
N GLU A 69 4.04 -6.17 -5.05
CA GLU A 69 2.96 -6.54 -5.96
C GLU A 69 2.31 -7.85 -5.51
N ASP A 70 3.11 -8.73 -4.92
CA ASP A 70 2.62 -10.02 -4.44
C ASP A 70 1.55 -9.83 -3.37
N ALA A 71 1.85 -8.98 -2.39
CA ALA A 71 0.91 -8.72 -1.30
C ALA A 71 -0.25 -7.83 -1.75
N ALA A 72 -0.13 -7.28 -2.95
CA ALA A 72 -1.17 -6.40 -3.48
C ALA A 72 -2.48 -7.14 -3.69
N PHE A 73 -2.41 -8.31 -4.33
CA PHE A 73 -3.59 -9.13 -4.60
C PHE A 73 -3.84 -10.13 -3.48
N ARG A 74 -3.21 -9.92 -2.33
CA ARG A 74 -3.37 -10.82 -1.20
C ARG A 74 -4.36 -10.27 -0.18
N LEU A 75 -4.49 -8.95 -0.16
CA LEU A 75 -5.41 -8.29 0.77
C LEU A 75 -6.71 -7.89 0.08
N GLN A 76 -7.39 -8.87 -0.51
CA GLN A 76 -8.65 -8.61 -1.18
C GLN A 76 -9.68 -8.07 -0.19
N VAL A 77 -9.56 -8.51 1.06
CA VAL A 77 -10.46 -8.06 2.12
C VAL A 77 -10.28 -6.56 2.35
N GLY A 78 -9.08 -6.06 2.04
CA GLY A 78 -8.79 -4.65 2.22
C GLY A 78 -8.23 -4.37 3.58
N GLU A 79 -7.01 -4.82 3.78
CA GLU A 79 -6.34 -4.65 5.05
C GLU A 79 -4.88 -4.37 4.82
N VAL A 80 -4.14 -4.14 5.89
CA VAL A 80 -2.73 -3.88 5.75
C VAL A 80 -2.00 -5.20 5.57
N SER A 81 -0.88 -5.17 4.86
CA SER A 81 -0.14 -6.39 4.59
C SER A 81 1.12 -6.49 5.43
N GLU A 82 1.67 -7.70 5.49
CA GLU A 82 2.87 -7.98 6.25
C GLU A 82 3.98 -6.97 5.91
N PRO A 83 5.02 -6.90 6.75
CA PRO A 83 6.13 -5.98 6.53
C PRO A 83 6.97 -6.37 5.33
N VAL A 84 6.79 -5.65 4.23
CA VAL A 84 7.53 -5.93 3.01
C VAL A 84 8.68 -4.94 2.82
N LYS A 85 9.89 -5.39 3.09
CA LYS A 85 11.06 -4.54 2.93
C LYS A 85 11.77 -4.84 1.61
N SER A 86 11.73 -3.86 0.70
CA SER A 86 12.37 -4.02 -0.60
C SER A 86 13.56 -3.08 -0.74
N GLU A 87 14.18 -3.07 -1.92
CA GLU A 87 15.33 -2.22 -2.18
C GLU A 87 15.04 -0.77 -1.83
N PHE A 88 13.76 -0.40 -1.86
CA PHE A 88 13.34 0.96 -1.55
C PHE A 88 13.25 1.16 -0.03
N GLY A 89 12.74 0.16 0.67
CA GLY A 89 12.62 0.26 2.12
C GLY A 89 11.52 -0.63 2.67
N TYR A 90 11.12 -0.35 3.89
CA TYR A 90 10.08 -1.11 4.55
C TYR A 90 8.71 -0.63 4.06
N HIS A 91 8.13 -1.39 3.13
CA HIS A 91 6.85 -1.03 2.55
C HIS A 91 5.66 -1.50 3.37
N VAL A 92 4.51 -0.90 3.08
CA VAL A 92 3.24 -1.21 3.73
C VAL A 92 2.10 -1.04 2.73
N ILE A 93 1.30 -2.08 2.55
CA ILE A 93 0.21 -2.02 1.59
C ILE A 93 -1.16 -2.08 2.25
N LYS A 94 -1.98 -1.08 1.95
CA LYS A 94 -3.35 -1.00 2.47
C LYS A 94 -4.32 -0.77 1.31
N ARG A 95 -5.15 -1.77 1.05
CA ARG A 95 -6.09 -1.71 -0.06
C ARG A 95 -7.02 -0.50 0.05
N LEU A 96 -7.19 0.16 -1.10
CA LEU A 96 -8.04 1.32 -1.21
C LEU A 96 -8.50 1.49 -2.65
N GLY A 97 -9.78 1.39 -2.87
CA GLY A 97 -10.33 1.54 -4.21
C GLY A 97 -11.80 1.91 -4.20
N GLY A 1 -21.33 -12.46 -10.23
CA GLY A 1 -20.42 -11.27 -10.17
C GLY A 1 -19.01 -11.61 -10.59
N PRO A 2 -18.73 -11.67 -11.90
CA PRO A 2 -17.40 -11.98 -12.42
C PRO A 2 -16.32 -11.10 -11.81
N MET A 3 -15.47 -11.69 -10.98
CA MET A 3 -14.39 -10.96 -10.33
C MET A 3 -13.15 -10.91 -11.22
N GLY A 4 -12.61 -9.71 -11.41
CA GLY A 4 -11.43 -9.55 -12.24
C GLY A 4 -11.69 -8.68 -13.46
N SER A 5 -12.88 -8.81 -14.03
CA SER A 5 -13.25 -8.04 -15.21
C SER A 5 -13.62 -6.60 -14.83
N MET A 6 -12.92 -5.65 -15.44
CA MET A 6 -13.16 -4.22 -15.17
C MET A 6 -12.48 -3.77 -13.88
N ALA A 7 -11.89 -4.71 -13.15
CA ALA A 7 -11.21 -4.39 -11.90
C ALA A 7 -10.08 -5.38 -11.63
N ASP A 8 -9.50 -5.92 -12.69
CA ASP A 8 -8.40 -6.86 -12.57
C ASP A 8 -7.28 -6.29 -11.71
N LYS A 9 -7.18 -4.97 -11.67
CA LYS A 9 -6.16 -4.29 -10.91
C LYS A 9 -6.58 -4.13 -9.47
N ILE A 10 -5.61 -3.87 -8.60
CA ILE A 10 -5.87 -3.67 -7.20
C ILE A 10 -5.61 -2.23 -6.84
N LYS A 11 -6.59 -1.65 -6.18
CA LYS A 11 -6.49 -0.27 -5.76
C LYS A 11 -6.02 -0.22 -4.33
N CYS A 12 -4.72 0.00 -4.16
CA CYS A 12 -4.10 0.00 -2.85
C CYS A 12 -3.31 1.29 -2.60
N SER A 13 -2.71 1.38 -1.42
CA SER A 13 -1.90 2.52 -1.03
C SER A 13 -0.51 2.05 -0.62
N HIS A 14 0.47 2.94 -0.63
CA HIS A 14 1.84 2.57 -0.28
C HIS A 14 2.46 3.53 0.72
N ILE A 15 3.31 2.99 1.60
CA ILE A 15 3.99 3.79 2.61
C ILE A 15 5.36 3.19 2.95
N LEU A 16 6.39 4.03 2.98
CA LEU A 16 7.74 3.56 3.29
C LEU A 16 8.30 4.23 4.52
N VAL A 17 8.95 3.45 5.37
CA VAL A 17 9.56 3.96 6.59
C VAL A 17 10.81 3.16 6.94
N LYS A 18 11.89 3.85 7.29
CA LYS A 18 13.14 3.17 7.61
C LYS A 18 13.05 2.45 8.95
N LYS A 19 12.34 3.04 9.90
CA LYS A 19 12.17 2.41 11.21
C LYS A 19 11.18 1.25 11.06
N GLN A 20 11.70 0.15 10.55
CA GLN A 20 10.91 -1.05 10.28
C GLN A 20 9.98 -1.43 11.43
N GLY A 21 10.31 -1.03 12.64
CA GLY A 21 9.46 -1.38 13.75
C GLY A 21 8.13 -0.69 13.65
N GLU A 22 8.13 0.49 13.05
CA GLU A 22 6.91 1.25 12.84
C GLU A 22 6.07 0.58 11.77
N ALA A 23 6.76 0.09 10.74
CA ALA A 23 6.11 -0.58 9.62
C ALA A 23 5.16 -1.66 10.14
N LEU A 24 5.55 -2.29 11.24
CA LEU A 24 4.74 -3.33 11.86
C LEU A 24 3.54 -2.73 12.57
N ALA A 25 3.77 -1.59 13.23
CA ALA A 25 2.71 -0.90 13.95
C ALA A 25 1.74 -0.20 13.01
N VAL A 26 2.28 0.55 12.05
CA VAL A 26 1.44 1.28 11.10
C VAL A 26 0.34 0.38 10.54
N GLN A 27 0.67 -0.87 10.26
CA GLN A 27 -0.31 -1.79 9.73
C GLN A 27 -1.48 -1.93 10.71
N GLU A 28 -1.14 -2.09 11.99
CA GLU A 28 -2.13 -2.20 13.05
C GLU A 28 -2.77 -0.84 13.33
N ARG A 29 -1.99 0.22 13.17
CA ARG A 29 -2.44 1.58 13.43
C ARG A 29 -3.29 2.13 12.29
N LEU A 30 -3.01 1.67 11.07
CA LEU A 30 -3.73 2.12 9.89
C LEU A 30 -5.24 1.96 10.08
N LYS A 31 -5.67 0.72 10.33
CA LYS A 31 -7.09 0.45 10.54
C LYS A 31 -7.57 0.96 11.89
N ALA A 32 -6.62 1.41 12.72
CA ALA A 32 -6.96 1.92 14.05
C ALA A 32 -7.92 3.10 13.96
N GLY A 33 -7.90 3.78 12.82
CA GLY A 33 -8.76 4.92 12.63
C GLY A 33 -8.17 5.93 11.66
N GLU A 34 -6.86 5.84 11.46
CA GLU A 34 -6.17 6.75 10.54
C GLU A 34 -6.33 6.28 9.10
N LYS A 35 -6.18 7.21 8.17
CA LYS A 35 -6.30 6.90 6.75
C LYS A 35 -4.94 6.75 6.09
N PHE A 36 -4.83 5.79 5.18
CA PHE A 36 -3.59 5.54 4.46
C PHE A 36 -2.98 6.85 3.95
N GLY A 37 -3.86 7.80 3.65
CA GLY A 37 -3.40 9.10 3.17
C GLY A 37 -2.56 9.82 4.19
N LYS A 38 -2.99 9.76 5.45
CA LYS A 38 -2.27 10.41 6.54
C LYS A 38 -0.85 9.90 6.63
N LEU A 39 -0.69 8.58 6.68
CA LEU A 39 0.63 7.97 6.77
C LEU A 39 1.53 8.47 5.65
N ALA A 40 0.94 8.70 4.47
CA ALA A 40 1.68 9.19 3.32
C ALA A 40 2.51 10.41 3.68
N LYS A 41 1.84 11.40 4.24
CA LYS A 41 2.49 12.63 4.65
C LYS A 41 3.06 12.51 6.07
N GLU A 42 2.50 11.58 6.86
CA GLU A 42 2.91 11.40 8.24
C GLU A 42 4.26 10.69 8.40
N LEU A 43 4.33 9.40 8.06
CA LEU A 43 5.58 8.66 8.21
C LEU A 43 6.12 8.11 6.89
N SER A 44 5.34 8.21 5.82
CA SER A 44 5.78 7.72 4.53
C SER A 44 7.01 8.51 4.07
N ILE A 45 8.09 7.79 3.76
CA ILE A 45 9.33 8.43 3.35
C ILE A 45 9.63 8.27 1.86
N ASP A 46 9.12 7.21 1.25
CA ASP A 46 9.39 6.96 -0.16
C ASP A 46 8.14 6.73 -0.99
N GLY A 47 7.68 7.79 -1.65
CA GLY A 47 6.52 7.67 -2.52
C GLY A 47 6.10 8.99 -3.13
N GLY A 48 5.67 8.93 -4.39
CA GLY A 48 5.23 10.14 -5.06
C GLY A 48 3.82 10.50 -4.66
N SER A 49 2.97 9.48 -4.60
CA SER A 49 1.58 9.68 -4.22
C SER A 49 1.46 10.17 -2.78
N ALA A 50 2.59 10.34 -2.09
CA ALA A 50 2.56 10.81 -0.71
C ALA A 50 1.70 12.05 -0.56
N LYS A 51 1.59 12.82 -1.65
CA LYS A 51 0.80 14.05 -1.62
C LYS A 51 -0.65 13.79 -1.96
N ARG A 52 -0.88 12.67 -2.63
CA ARG A 52 -2.23 12.27 -3.03
C ARG A 52 -2.77 11.17 -2.13
N ASP A 53 -2.24 11.10 -0.90
CA ASP A 53 -2.68 10.09 0.07
C ASP A 53 -2.06 8.73 -0.23
N GLY A 54 -1.15 8.67 -1.19
CA GLY A 54 -0.51 7.42 -1.54
C GLY A 54 -1.46 6.50 -2.28
N SER A 55 -2.45 7.08 -2.94
CA SER A 55 -3.43 6.30 -3.69
C SER A 55 -2.78 5.63 -4.89
N LEU A 56 -2.26 4.42 -4.68
CA LEU A 56 -1.64 3.67 -5.75
C LEU A 56 -2.64 3.40 -6.87
N GLY A 57 -3.91 3.34 -6.52
CA GLY A 57 -4.94 3.09 -7.51
C GLY A 57 -4.86 1.71 -8.09
N TYR A 58 -5.67 1.44 -9.11
CA TYR A 58 -5.67 0.12 -9.74
C TYR A 58 -4.30 -0.23 -10.30
N PHE A 59 -3.73 -1.32 -9.79
CA PHE A 59 -2.46 -1.81 -10.26
C PHE A 59 -2.59 -3.28 -10.59
N GLY A 60 -1.64 -3.80 -11.34
CA GLY A 60 -1.70 -5.20 -11.72
C GLY A 60 -0.35 -5.88 -11.67
N ARG A 61 -0.29 -7.12 -12.11
CA ARG A 61 0.95 -7.88 -12.12
C ARG A 61 1.86 -7.38 -13.22
N GLY A 62 2.64 -6.38 -12.90
CA GLY A 62 3.55 -5.81 -13.88
C GLY A 62 3.78 -4.33 -13.70
N LYS A 63 3.82 -3.88 -12.44
CA LYS A 63 4.04 -2.47 -12.14
C LYS A 63 4.83 -2.30 -10.83
N MET A 64 4.41 -3.03 -9.80
CA MET A 64 5.08 -2.95 -8.51
C MET A 64 6.07 -4.10 -8.33
N VAL A 65 6.91 -4.00 -7.29
CA VAL A 65 7.90 -5.02 -7.01
C VAL A 65 7.22 -6.37 -6.71
N LYS A 66 7.98 -7.45 -6.81
CA LYS A 66 7.45 -8.79 -6.58
C LYS A 66 6.91 -8.97 -5.16
N PRO A 67 7.68 -8.56 -4.12
CA PRO A 67 7.24 -8.70 -2.73
C PRO A 67 6.01 -7.86 -2.44
N PHE A 68 6.01 -6.65 -2.97
CA PHE A 68 4.89 -5.73 -2.77
C PHE A 68 3.68 -6.16 -3.61
N GLU A 69 3.91 -6.37 -4.90
CA GLU A 69 2.84 -6.78 -5.80
C GLU A 69 2.22 -8.09 -5.33
N ASP A 70 3.03 -8.94 -4.72
CA ASP A 70 2.56 -10.23 -4.22
C ASP A 70 1.50 -10.03 -3.14
N ALA A 71 1.81 -9.20 -2.15
CA ALA A 71 0.89 -8.93 -1.05
C ALA A 71 -0.24 -8.00 -1.49
N ALA A 72 -0.13 -7.43 -2.68
CA ALA A 72 -1.14 -6.53 -3.20
C ALA A 72 -2.46 -7.25 -3.48
N PHE A 73 -2.37 -8.37 -4.18
CA PHE A 73 -3.55 -9.15 -4.51
C PHE A 73 -3.81 -10.25 -3.48
N ARG A 74 -3.18 -10.13 -2.31
CA ARG A 74 -3.35 -11.11 -1.26
C ARG A 74 -4.32 -10.61 -0.18
N LEU A 75 -4.37 -9.30 -0.03
CA LEU A 75 -5.25 -8.68 0.96
C LEU A 75 -6.49 -8.09 0.32
N GLN A 76 -7.21 -8.90 -0.44
CA GLN A 76 -8.43 -8.45 -1.09
C GLN A 76 -9.45 -8.03 -0.04
N VAL A 77 -9.26 -8.51 1.19
CA VAL A 77 -10.13 -8.19 2.30
C VAL A 77 -10.12 -6.68 2.55
N GLY A 78 -9.02 -6.04 2.19
CA GLY A 78 -8.90 -4.61 2.40
C GLY A 78 -8.19 -4.28 3.68
N GLU A 79 -7.01 -4.82 3.85
CA GLU A 79 -6.25 -4.61 5.06
C GLU A 79 -4.77 -4.39 4.76
N VAL A 80 -3.99 -4.10 5.79
CA VAL A 80 -2.57 -3.90 5.60
C VAL A 80 -1.85 -5.24 5.60
N SER A 81 -0.74 -5.32 4.86
CA SER A 81 0.02 -6.56 4.77
C SER A 81 1.30 -6.49 5.59
N GLU A 82 1.88 -7.66 5.83
CA GLU A 82 3.11 -7.77 6.62
C GLU A 82 4.20 -6.84 6.11
N PRO A 83 5.14 -6.47 7.01
CA PRO A 83 6.25 -5.59 6.67
C PRO A 83 7.05 -6.10 5.49
N VAL A 84 6.85 -5.46 4.34
CA VAL A 84 7.55 -5.86 3.12
C VAL A 84 8.72 -4.91 2.83
N LYS A 85 9.93 -5.39 3.09
CA LYS A 85 11.13 -4.59 2.86
C LYS A 85 11.71 -4.88 1.47
N SER A 86 11.66 -3.88 0.60
CA SER A 86 12.19 -4.02 -0.74
C SER A 86 13.48 -3.22 -0.91
N GLU A 87 14.01 -3.20 -2.12
CA GLU A 87 15.23 -2.46 -2.40
C GLU A 87 15.08 -0.98 -2.07
N PHE A 88 13.83 -0.52 -2.00
CA PHE A 88 13.54 0.88 -1.70
C PHE A 88 13.43 1.11 -0.20
N GLY A 89 12.78 0.17 0.50
CA GLY A 89 12.62 0.30 1.94
C GLY A 89 11.53 -0.59 2.49
N TYR A 90 11.11 -0.29 3.71
CA TYR A 90 10.07 -1.06 4.37
C TYR A 90 8.70 -0.58 3.88
N HIS A 91 8.15 -1.32 2.92
CA HIS A 91 6.86 -0.97 2.32
C HIS A 91 5.67 -1.42 3.17
N VAL A 92 4.50 -0.93 2.78
CA VAL A 92 3.25 -1.24 3.44
C VAL A 92 2.08 -1.11 2.47
N ILE A 93 1.31 -2.16 2.30
CA ILE A 93 0.18 -2.15 1.37
C ILE A 93 -1.17 -2.05 2.09
N LYS A 94 -1.93 -1.02 1.75
CA LYS A 94 -3.25 -0.81 2.32
C LYS A 94 -4.26 -0.61 1.20
N ARG A 95 -5.21 -1.54 1.08
CA ARG A 95 -6.22 -1.47 0.03
C ARG A 95 -7.03 -0.18 0.09
N LEU A 96 -7.23 0.39 -1.10
CA LEU A 96 -7.98 1.61 -1.25
C LEU A 96 -8.44 1.76 -2.70
N GLY A 97 -9.75 1.76 -2.89
CA GLY A 97 -10.31 1.89 -4.21
C GLY A 97 -11.73 2.39 -4.21
N GLY A 1 -20.75 -7.60 -6.78
CA GLY A 1 -21.11 -6.44 -7.62
C GLY A 1 -21.97 -6.83 -8.82
N PRO A 2 -22.44 -5.84 -9.60
CA PRO A 2 -23.28 -6.09 -10.78
C PRO A 2 -22.49 -6.75 -11.90
N MET A 3 -23.17 -7.01 -13.02
CA MET A 3 -22.53 -7.64 -14.18
C MET A 3 -21.53 -6.69 -14.82
N GLY A 4 -20.30 -7.16 -14.98
CA GLY A 4 -19.27 -6.35 -15.58
C GLY A 4 -18.27 -5.81 -14.56
N SER A 5 -17.86 -6.67 -13.63
CA SER A 5 -16.92 -6.28 -12.59
C SER A 5 -15.53 -6.06 -13.18
N MET A 6 -14.72 -5.26 -12.49
CA MET A 6 -13.38 -4.95 -12.95
C MET A 6 -12.41 -4.86 -11.77
N ALA A 7 -12.02 -6.01 -11.23
CA ALA A 7 -11.11 -6.06 -10.10
C ALA A 7 -9.88 -6.89 -10.42
N ASP A 8 -9.55 -7.00 -11.71
CA ASP A 8 -8.38 -7.76 -12.14
C ASP A 8 -7.13 -7.28 -11.42
N LYS A 9 -6.94 -5.96 -11.43
CA LYS A 9 -5.79 -5.35 -10.76
C LYS A 9 -6.11 -5.05 -9.31
N ILE A 10 -5.15 -4.52 -8.58
CA ILE A 10 -5.36 -4.23 -7.16
C ILE A 10 -5.44 -2.76 -6.91
N LYS A 11 -6.21 -2.43 -5.91
CA LYS A 11 -6.41 -1.05 -5.53
C LYS A 11 -6.07 -0.86 -4.06
N CYS A 12 -4.77 -0.82 -3.77
CA CYS A 12 -4.32 -0.65 -2.40
C CYS A 12 -3.54 0.65 -2.23
N SER A 13 -3.07 0.90 -1.01
CA SER A 13 -2.31 2.10 -0.68
C SER A 13 -0.85 1.74 -0.42
N HIS A 14 0.02 2.75 -0.44
CA HIS A 14 1.45 2.52 -0.22
C HIS A 14 2.00 3.40 0.89
N ILE A 15 2.91 2.81 1.67
CA ILE A 15 3.55 3.51 2.78
C ILE A 15 4.95 2.92 3.02
N LEU A 16 5.97 3.78 2.89
CA LEU A 16 7.35 3.34 3.07
C LEU A 16 8.00 3.97 4.30
N VAL A 17 8.72 3.14 5.06
CA VAL A 17 9.41 3.61 6.25
C VAL A 17 10.64 2.73 6.53
N LYS A 18 11.77 3.38 6.81
CA LYS A 18 13.00 2.65 7.11
C LYS A 18 12.93 1.99 8.47
N LYS A 19 12.26 2.66 9.40
CA LYS A 19 12.09 2.13 10.75
C LYS A 19 11.09 0.98 10.70
N GLN A 20 11.59 -0.18 10.30
CA GLN A 20 10.78 -1.38 10.15
C GLN A 20 9.83 -1.59 11.33
N GLY A 21 10.18 -1.07 12.49
CA GLY A 21 9.30 -1.25 13.64
C GLY A 21 8.01 -0.49 13.46
N GLU A 22 8.07 0.65 12.77
CA GLU A 22 6.88 1.44 12.51
C GLU A 22 5.97 0.69 11.54
N ALA A 23 6.60 0.11 10.52
CA ALA A 23 5.88 -0.64 9.51
C ALA A 23 4.90 -1.62 10.16
N LEU A 24 5.35 -2.24 11.25
CA LEU A 24 4.52 -3.18 12.00
C LEU A 24 3.46 -2.44 12.81
N ALA A 25 3.77 -1.22 13.21
CA ALA A 25 2.86 -0.41 14.01
C ALA A 25 1.77 0.23 13.16
N VAL A 26 2.18 0.89 12.07
CA VAL A 26 1.23 1.55 11.18
C VAL A 26 0.15 0.60 10.69
N GLN A 27 0.52 -0.64 10.41
CA GLN A 27 -0.46 -1.61 9.92
C GLN A 27 -1.66 -1.70 10.87
N GLU A 28 -1.38 -1.93 12.15
CA GLU A 28 -2.42 -2.02 13.16
C GLU A 28 -3.00 -0.63 13.47
N ARG A 29 -2.17 0.40 13.33
CA ARG A 29 -2.58 1.77 13.61
C ARG A 29 -3.42 2.36 12.48
N LEU A 30 -3.18 1.88 11.26
CA LEU A 30 -3.91 2.36 10.09
C LEU A 30 -5.42 2.16 10.28
N LYS A 31 -5.82 0.92 10.50
CA LYS A 31 -7.24 0.61 10.70
C LYS A 31 -7.74 1.11 12.05
N ALA A 32 -6.82 1.56 12.90
CA ALA A 32 -7.17 2.05 14.22
C ALA A 32 -8.15 3.21 14.13
N GLY A 33 -8.10 3.94 13.02
CA GLY A 33 -8.97 5.07 12.83
C GLY A 33 -8.41 6.09 11.86
N GLU A 34 -7.11 6.00 11.58
CA GLU A 34 -6.48 6.93 10.65
C GLU A 34 -6.57 6.42 9.22
N LYS A 35 -6.46 7.33 8.27
CA LYS A 35 -6.53 6.98 6.86
C LYS A 35 -5.14 6.85 6.24
N PHE A 36 -5.01 5.90 5.33
CA PHE A 36 -3.74 5.66 4.63
C PHE A 36 -3.17 6.97 4.10
N GLY A 37 -4.04 7.87 3.68
CA GLY A 37 -3.59 9.15 3.16
C GLY A 37 -2.79 9.93 4.18
N LYS A 38 -3.15 9.80 5.45
CA LYS A 38 -2.44 10.50 6.52
C LYS A 38 -1.02 9.99 6.67
N LEU A 39 -0.89 8.67 6.81
CA LEU A 39 0.44 8.05 6.97
C LEU A 39 1.36 8.46 5.83
N ALA A 40 0.79 8.62 4.64
CA ALA A 40 1.57 9.00 3.46
C ALA A 40 2.43 10.22 3.75
N LYS A 41 1.80 11.27 4.21
CA LYS A 41 2.49 12.51 4.55
C LYS A 41 3.02 12.47 5.98
N GLU A 42 2.43 11.63 6.82
CA GLU A 42 2.81 11.56 8.23
C GLU A 42 4.17 10.90 8.46
N LEU A 43 4.27 9.59 8.23
CA LEU A 43 5.55 8.89 8.43
C LEU A 43 6.07 8.25 7.15
N SER A 44 5.22 8.16 6.14
CA SER A 44 5.62 7.55 4.87
C SER A 44 6.72 8.35 4.20
N ILE A 45 7.82 7.69 3.86
CA ILE A 45 8.95 8.33 3.20
C ILE A 45 8.88 8.16 1.69
N ASP A 46 7.84 7.46 1.23
CA ASP A 46 7.63 7.21 -0.19
C ASP A 46 7.81 8.50 -1.00
N GLY A 47 8.51 8.40 -2.12
CA GLY A 47 8.75 9.56 -2.95
C GLY A 47 7.46 10.16 -3.49
N GLY A 48 7.60 11.21 -4.30
CA GLY A 48 6.46 11.93 -4.88
C GLY A 48 5.11 11.24 -4.73
N SER A 49 5.05 9.94 -4.94
CA SER A 49 3.80 9.20 -4.81
C SER A 49 3.09 9.49 -3.48
N ALA A 50 3.84 9.99 -2.49
CA ALA A 50 3.27 10.31 -1.20
C ALA A 50 2.37 11.55 -1.29
N LYS A 51 2.57 12.34 -2.33
CA LYS A 51 1.78 13.54 -2.55
C LYS A 51 0.37 13.16 -3.01
N ARG A 52 0.20 11.88 -3.33
CA ARG A 52 -1.08 11.36 -3.77
C ARG A 52 -1.74 10.56 -2.65
N ASP A 53 -1.37 10.89 -1.41
CA ASP A 53 -1.90 10.21 -0.22
C ASP A 53 -1.59 8.72 -0.26
N GLY A 54 -0.49 8.36 -0.93
CA GLY A 54 -0.10 6.97 -1.03
C GLY A 54 -1.18 6.09 -1.62
N SER A 55 -2.12 6.71 -2.33
CA SER A 55 -3.21 5.97 -2.94
C SER A 55 -2.73 5.29 -4.22
N LEU A 56 -2.29 4.04 -4.09
CA LEU A 56 -1.81 3.29 -5.22
C LEU A 56 -2.94 3.00 -6.21
N GLY A 57 -4.19 3.21 -5.77
CA GLY A 57 -5.33 2.96 -6.62
C GLY A 57 -5.22 1.66 -7.36
N TYR A 58 -6.04 1.49 -8.39
CA TYR A 58 -6.02 0.27 -9.15
C TYR A 58 -4.76 0.15 -10.01
N PHE A 59 -3.92 -0.79 -9.63
CA PHE A 59 -2.70 -1.07 -10.37
C PHE A 59 -2.59 -2.57 -10.57
N GLY A 60 -1.99 -2.95 -11.67
CA GLY A 60 -1.86 -4.36 -11.97
C GLY A 60 -0.44 -4.86 -11.82
N ARG A 61 -0.21 -6.11 -12.21
CA ARG A 61 1.11 -6.70 -12.11
C ARG A 61 1.93 -6.34 -13.34
N GLY A 62 3.08 -5.72 -13.12
CA GLY A 62 3.92 -5.35 -14.22
C GLY A 62 4.71 -4.07 -13.97
N LYS A 63 4.23 -3.27 -13.02
CA LYS A 63 4.91 -2.00 -12.70
C LYS A 63 5.35 -1.96 -11.23
N MET A 64 4.72 -2.76 -10.39
CA MET A 64 5.07 -2.79 -8.96
C MET A 64 6.13 -3.84 -8.68
N VAL A 65 6.78 -3.71 -7.53
CA VAL A 65 7.82 -4.65 -7.13
C VAL A 65 7.24 -6.04 -6.86
N LYS A 66 8.07 -7.06 -7.02
CA LYS A 66 7.63 -8.45 -6.81
C LYS A 66 7.12 -8.70 -5.40
N PRO A 67 7.84 -8.26 -4.36
CA PRO A 67 7.43 -8.49 -2.97
C PRO A 67 6.14 -7.77 -2.63
N PHE A 68 6.04 -6.53 -3.10
CA PHE A 68 4.86 -5.70 -2.85
C PHE A 68 3.70 -6.16 -3.73
N GLU A 69 3.97 -6.31 -5.03
CA GLU A 69 2.95 -6.74 -5.98
C GLU A 69 2.37 -8.09 -5.58
N ASP A 70 3.20 -8.91 -4.95
CA ASP A 70 2.78 -10.24 -4.52
C ASP A 70 1.73 -10.14 -3.40
N ALA A 71 2.02 -9.33 -2.39
CA ALA A 71 1.12 -9.16 -1.27
C ALA A 71 -0.08 -8.30 -1.62
N ALA A 72 -0.04 -7.67 -2.80
CA ALA A 72 -1.13 -6.81 -3.25
C ALA A 72 -2.43 -7.59 -3.41
N PHE A 73 -2.34 -8.76 -4.03
CA PHE A 73 -3.51 -9.60 -4.27
C PHE A 73 -3.74 -10.59 -3.13
N ARG A 74 -3.13 -10.34 -1.98
CA ARG A 74 -3.29 -11.21 -0.82
C ARG A 74 -4.30 -10.64 0.16
N LEU A 75 -4.39 -9.31 0.21
CA LEU A 75 -5.31 -8.65 1.11
C LEU A 75 -6.53 -8.12 0.39
N GLN A 76 -7.36 -9.04 -0.10
CA GLN A 76 -8.58 -8.67 -0.79
C GLN A 76 -9.65 -8.24 0.20
N VAL A 77 -9.43 -8.60 1.47
CA VAL A 77 -10.35 -8.26 2.54
C VAL A 77 -10.35 -6.75 2.81
N GLY A 78 -9.22 -6.12 2.51
CA GLY A 78 -9.11 -4.69 2.73
C GLY A 78 -8.41 -4.39 4.03
N GLU A 79 -7.18 -4.85 4.13
CA GLU A 79 -6.40 -4.67 5.34
C GLU A 79 -4.95 -4.38 5.03
N VAL A 80 -4.16 -4.12 6.05
CA VAL A 80 -2.75 -3.85 5.86
C VAL A 80 -1.97 -5.16 5.79
N SER A 81 -0.91 -5.18 5.00
CA SER A 81 -0.10 -6.40 4.85
C SER A 81 1.20 -6.30 5.61
N GLU A 82 1.81 -7.45 5.85
CA GLU A 82 3.07 -7.54 6.59
C GLU A 82 4.12 -6.59 6.03
N PRO A 83 5.10 -6.22 6.87
CA PRO A 83 6.18 -5.33 6.47
C PRO A 83 7.00 -5.91 5.33
N VAL A 84 6.80 -5.36 4.14
CA VAL A 84 7.51 -5.82 2.95
C VAL A 84 8.67 -4.89 2.63
N LYS A 85 9.89 -5.36 2.86
CA LYS A 85 11.07 -4.55 2.60
C LYS A 85 11.61 -4.79 1.19
N SER A 86 11.52 -3.77 0.35
CA SER A 86 12.00 -3.85 -1.01
C SER A 86 13.32 -3.10 -1.14
N GLU A 87 13.80 -2.95 -2.38
CA GLU A 87 15.05 -2.24 -2.63
C GLU A 87 14.95 -0.77 -2.22
N PHE A 88 13.74 -0.30 -1.96
CA PHE A 88 13.53 1.09 -1.57
C PHE A 88 13.35 1.23 -0.07
N GLY A 89 12.77 0.21 0.56
CA GLY A 89 12.54 0.26 2.00
C GLY A 89 11.42 -0.65 2.44
N TYR A 90 11.03 -0.53 3.71
CA TYR A 90 9.96 -1.35 4.25
C TYR A 90 8.61 -0.78 3.84
N HIS A 91 8.05 -1.38 2.78
CA HIS A 91 6.77 -0.95 2.23
C HIS A 91 5.58 -1.49 3.03
N VAL A 92 4.40 -0.98 2.71
CA VAL A 92 3.16 -1.40 3.35
C VAL A 92 2.00 -1.35 2.35
N ILE A 93 1.12 -2.34 2.41
CA ILE A 93 0.00 -2.40 1.48
C ILE A 93 -1.35 -2.38 2.20
N LYS A 94 -2.18 -1.40 1.84
CA LYS A 94 -3.52 -1.28 2.43
C LYS A 94 -4.56 -1.15 1.32
N ARG A 95 -5.35 -2.19 1.13
CA ARG A 95 -6.36 -2.21 0.09
C ARG A 95 -7.35 -1.06 0.22
N LEU A 96 -7.54 -0.35 -0.89
CA LEU A 96 -8.45 0.77 -0.97
C LEU A 96 -8.79 1.06 -2.44
N GLY A 97 -10.04 0.92 -2.79
CA GLY A 97 -10.47 1.16 -4.15
C GLY A 97 -11.95 1.46 -4.26
N GLY A 1 -3.90 -2.88 -26.94
CA GLY A 1 -4.96 -2.95 -27.98
C GLY A 1 -6.36 -2.93 -27.39
N PRO A 2 -6.93 -4.11 -27.09
CA PRO A 2 -8.28 -4.21 -26.52
C PRO A 2 -8.43 -3.36 -25.27
N MET A 3 -9.04 -2.18 -25.43
CA MET A 3 -9.25 -1.26 -24.32
C MET A 3 -10.68 -1.38 -23.79
N GLY A 4 -10.81 -1.56 -22.48
CA GLY A 4 -12.12 -1.67 -21.88
C GLY A 4 -12.14 -2.60 -20.68
N SER A 5 -11.14 -2.45 -19.81
CA SER A 5 -11.03 -3.29 -18.62
C SER A 5 -12.07 -2.88 -17.58
N MET A 6 -12.29 -3.75 -16.60
CA MET A 6 -13.25 -3.48 -15.53
C MET A 6 -12.55 -3.18 -14.23
N ALA A 7 -12.00 -4.20 -13.60
CA ALA A 7 -11.29 -4.04 -12.33
C ALA A 7 -10.18 -5.07 -12.17
N ASP A 8 -9.59 -5.48 -13.29
CA ASP A 8 -8.52 -6.47 -13.28
C ASP A 8 -7.39 -6.01 -12.35
N LYS A 9 -7.26 -4.70 -12.18
CA LYS A 9 -6.23 -4.12 -11.34
C LYS A 9 -6.68 -4.08 -9.89
N ILE A 10 -5.71 -3.91 -9.01
CA ILE A 10 -5.99 -3.82 -7.59
C ILE A 10 -5.74 -2.41 -7.11
N LYS A 11 -6.65 -1.93 -6.29
CA LYS A 11 -6.56 -0.57 -5.78
C LYS A 11 -6.14 -0.58 -4.32
N CYS A 12 -4.84 -0.38 -4.10
CA CYS A 12 -4.27 -0.39 -2.77
C CYS A 12 -3.48 0.90 -2.51
N SER A 13 -2.92 1.01 -1.30
CA SER A 13 -2.15 2.18 -0.92
C SER A 13 -0.75 1.74 -0.46
N HIS A 14 0.18 2.67 -0.40
CA HIS A 14 1.54 2.34 0.02
C HIS A 14 2.08 3.33 1.05
N ILE A 15 3.00 2.85 1.88
CA ILE A 15 3.61 3.66 2.91
C ILE A 15 5.02 3.16 3.21
N LEU A 16 6.01 3.99 2.93
CA LEU A 16 7.41 3.63 3.14
C LEU A 16 7.97 4.28 4.40
N VAL A 17 8.59 3.46 5.26
CA VAL A 17 9.19 3.96 6.48
C VAL A 17 10.49 3.22 6.79
N LYS A 18 11.53 3.98 7.14
CA LYS A 18 12.83 3.38 7.43
C LYS A 18 12.84 2.68 8.78
N LYS A 19 12.12 3.25 9.75
CA LYS A 19 12.03 2.66 11.07
C LYS A 19 11.15 1.41 10.97
N GLN A 20 11.74 0.33 10.48
CA GLN A 20 11.03 -0.92 10.25
C GLN A 20 10.15 -1.33 11.42
N GLY A 21 10.49 -0.88 12.63
CA GLY A 21 9.66 -1.24 13.76
C GLY A 21 8.29 -0.58 13.66
N GLU A 22 8.26 0.59 13.05
CA GLU A 22 7.02 1.31 12.88
C GLU A 22 6.15 0.60 11.85
N ALA A 23 6.79 0.10 10.81
CA ALA A 23 6.09 -0.62 9.75
C ALA A 23 5.17 -1.68 10.35
N LEU A 24 5.65 -2.32 11.42
CA LEU A 24 4.88 -3.34 12.11
C LEU A 24 3.75 -2.72 12.92
N ALA A 25 3.96 -1.49 13.37
CA ALA A 25 2.96 -0.79 14.16
C ALA A 25 1.92 -0.11 13.27
N VAL A 26 2.41 0.63 12.28
CA VAL A 26 1.53 1.34 11.35
C VAL A 26 0.46 0.41 10.80
N GLN A 27 0.81 -0.83 10.55
CA GLN A 27 -0.14 -1.80 10.03
C GLN A 27 -1.30 -1.94 11.01
N GLU A 28 -0.97 -2.13 12.29
CA GLU A 28 -1.97 -2.25 13.34
C GLU A 28 -2.60 -0.89 13.65
N ARG A 29 -1.82 0.17 13.44
CA ARG A 29 -2.26 1.53 13.69
C ARG A 29 -3.16 2.07 12.58
N LEU A 30 -2.88 1.67 11.35
CA LEU A 30 -3.66 2.11 10.21
C LEU A 30 -5.15 1.86 10.40
N LYS A 31 -5.50 0.60 10.69
CA LYS A 31 -6.90 0.24 10.91
C LYS A 31 -7.41 0.78 12.25
N ALA A 32 -6.49 1.30 13.06
CA ALA A 32 -6.86 1.85 14.37
C ALA A 32 -7.87 2.98 14.23
N GLY A 33 -7.89 3.60 13.05
CA GLY A 33 -8.81 4.70 12.81
C GLY A 33 -8.23 5.72 11.85
N GLU A 34 -6.91 5.67 11.65
CA GLU A 34 -6.24 6.61 10.75
C GLU A 34 -6.38 6.15 9.29
N LYS A 35 -6.25 7.09 8.38
CA LYS A 35 -6.35 6.80 6.96
C LYS A 35 -4.97 6.68 6.32
N PHE A 36 -4.86 5.78 5.35
CA PHE A 36 -3.61 5.55 4.65
C PHE A 36 -3.05 6.86 4.09
N GLY A 37 -3.94 7.75 3.69
CA GLY A 37 -3.53 9.02 3.13
C GLY A 37 -2.76 9.86 4.14
N LYS A 38 -3.11 9.73 5.41
CA LYS A 38 -2.45 10.48 6.47
C LYS A 38 -1.02 10.01 6.66
N LEU A 39 -0.85 8.69 6.85
CA LEU A 39 0.46 8.09 7.06
C LEU A 39 1.42 8.49 5.93
N ALA A 40 0.88 8.65 4.73
CA ALA A 40 1.68 9.02 3.58
C ALA A 40 2.53 10.25 3.88
N LYS A 41 1.88 11.30 4.35
CA LYS A 41 2.55 12.53 4.70
C LYS A 41 3.07 12.49 6.15
N GLU A 42 2.45 11.64 6.97
CA GLU A 42 2.81 11.55 8.38
C GLU A 42 4.18 10.88 8.62
N LEU A 43 4.29 9.58 8.35
CA LEU A 43 5.57 8.88 8.57
C LEU A 43 6.14 8.29 7.28
N SER A 44 5.33 8.23 6.23
CA SER A 44 5.78 7.68 4.96
C SER A 44 6.90 8.52 4.37
N ILE A 45 7.87 7.85 3.75
CA ILE A 45 9.01 8.53 3.14
C ILE A 45 8.89 8.54 1.62
N ASP A 46 7.88 7.83 1.10
CA ASP A 46 7.64 7.75 -0.34
C ASP A 46 7.72 9.15 -0.98
N GLY A 47 8.40 9.23 -2.11
CA GLY A 47 8.54 10.50 -2.80
C GLY A 47 7.21 11.08 -3.25
N GLY A 48 7.27 12.24 -3.91
CA GLY A 48 6.09 12.95 -4.41
C GLY A 48 4.79 12.16 -4.36
N SER A 49 4.83 10.89 -4.77
CA SER A 49 3.63 10.06 -4.76
C SER A 49 2.92 10.08 -3.41
N ALA A 50 3.63 10.50 -2.36
CA ALA A 50 3.06 10.58 -1.02
C ALA A 50 2.04 11.70 -0.93
N LYS A 51 2.15 12.65 -1.85
CA LYS A 51 1.23 13.78 -1.89
C LYS A 51 -0.11 13.37 -2.47
N ARG A 52 -0.18 12.13 -2.95
CA ARG A 52 -1.40 11.59 -3.53
C ARG A 52 -2.06 10.62 -2.55
N ASP A 53 -1.79 10.81 -1.26
CA ASP A 53 -2.34 9.97 -0.20
C ASP A 53 -1.95 8.51 -0.41
N GLY A 54 -0.80 8.30 -1.03
CA GLY A 54 -0.31 6.95 -1.27
C GLY A 54 -1.31 6.09 -2.02
N SER A 55 -2.22 6.74 -2.74
CA SER A 55 -3.23 6.01 -3.50
C SER A 55 -2.60 5.30 -4.69
N LEU A 56 -2.12 4.09 -4.46
CA LEU A 56 -1.50 3.29 -5.52
C LEU A 56 -2.46 3.12 -6.68
N GLY A 57 -3.75 3.13 -6.39
CA GLY A 57 -4.76 2.98 -7.42
C GLY A 57 -4.75 1.60 -8.06
N TYR A 58 -5.42 1.48 -9.19
CA TYR A 58 -5.50 0.20 -9.89
C TYR A 58 -4.14 -0.22 -10.45
N PHE A 59 -3.68 -1.38 -10.02
CA PHE A 59 -2.43 -1.95 -10.50
C PHE A 59 -2.64 -3.41 -10.85
N GLY A 60 -1.84 -3.93 -11.75
CA GLY A 60 -1.97 -5.32 -12.15
C GLY A 60 -0.71 -6.11 -11.92
N ARG A 61 -0.70 -7.36 -12.37
CA ARG A 61 0.46 -8.22 -12.21
C ARG A 61 1.50 -7.92 -13.27
N GLY A 62 2.34 -6.93 -12.99
CA GLY A 62 3.37 -6.56 -13.94
C GLY A 62 3.69 -5.09 -13.91
N LYS A 63 3.67 -4.49 -12.72
CA LYS A 63 3.97 -3.07 -12.57
C LYS A 63 4.80 -2.80 -11.31
N MET A 64 4.35 -3.36 -10.19
CA MET A 64 5.06 -3.17 -8.93
C MET A 64 6.08 -4.28 -8.69
N VAL A 65 6.92 -4.09 -7.67
CA VAL A 65 7.94 -5.08 -7.33
C VAL A 65 7.31 -6.44 -7.06
N LYS A 66 8.15 -7.48 -7.00
CA LYS A 66 7.66 -8.83 -6.77
C LYS A 66 7.03 -9.01 -5.38
N PRO A 67 7.70 -8.53 -4.31
CA PRO A 67 7.17 -8.67 -2.95
C PRO A 67 5.90 -7.84 -2.75
N PHE A 68 5.89 -6.65 -3.33
CA PHE A 68 4.75 -5.77 -3.22
C PHE A 68 3.61 -6.23 -4.11
N GLU A 69 3.91 -6.49 -5.38
CA GLU A 69 2.91 -6.96 -6.33
C GLU A 69 2.28 -8.26 -5.87
N ASP A 70 3.07 -9.08 -5.18
CA ASP A 70 2.59 -10.36 -4.68
C ASP A 70 1.56 -10.16 -3.58
N ALA A 71 1.86 -9.26 -2.63
CA ALA A 71 0.97 -8.98 -1.52
C ALA A 71 -0.22 -8.13 -1.96
N ALA A 72 -0.12 -7.54 -3.15
CA ALA A 72 -1.18 -6.69 -3.68
C ALA A 72 -2.52 -7.43 -3.75
N PHE A 73 -2.48 -8.64 -4.27
CA PHE A 73 -3.69 -9.46 -4.40
C PHE A 73 -3.91 -10.35 -3.18
N ARG A 74 -3.22 -10.03 -2.08
CA ARG A 74 -3.34 -10.82 -0.85
C ARG A 74 -4.36 -10.20 0.10
N LEU A 75 -4.55 -8.88 0.01
CA LEU A 75 -5.49 -8.20 0.88
C LEU A 75 -6.79 -7.87 0.15
N GLN A 76 -7.47 -8.90 -0.33
CA GLN A 76 -8.73 -8.70 -1.03
C GLN A 76 -9.79 -8.20 -0.06
N VAL A 77 -9.60 -8.50 1.22
CA VAL A 77 -10.52 -8.08 2.27
C VAL A 77 -10.41 -6.57 2.50
N GLY A 78 -9.24 -6.03 2.20
CA GLY A 78 -9.01 -4.60 2.39
C GLY A 78 -8.42 -4.32 3.74
N GLU A 79 -7.18 -4.73 3.91
CA GLU A 79 -6.48 -4.55 5.16
C GLU A 79 -5.03 -4.22 4.90
N VAL A 80 -4.27 -3.98 5.95
CA VAL A 80 -2.87 -3.68 5.77
C VAL A 80 -2.10 -4.98 5.54
N SER A 81 -0.99 -4.89 4.80
CA SER A 81 -0.22 -6.08 4.49
C SER A 81 1.06 -6.16 5.32
N GLU A 82 1.57 -7.36 5.46
CA GLU A 82 2.77 -7.62 6.23
C GLU A 82 3.92 -6.72 5.81
N PRO A 83 4.85 -6.48 6.75
CA PRO A 83 6.03 -5.66 6.50
C PRO A 83 6.82 -6.15 5.29
N VAL A 84 6.68 -5.45 4.17
CA VAL A 84 7.39 -5.82 2.95
C VAL A 84 8.60 -4.92 2.74
N LYS A 85 9.77 -5.43 3.10
CA LYS A 85 11.00 -4.66 2.95
C LYS A 85 11.66 -4.96 1.61
N SER A 86 11.69 -3.96 0.74
CA SER A 86 12.30 -4.10 -0.58
C SER A 86 13.53 -3.20 -0.69
N GLU A 87 14.13 -3.17 -1.87
CA GLU A 87 15.31 -2.34 -2.12
C GLU A 87 15.02 -0.87 -1.78
N PHE A 88 13.73 -0.51 -1.78
CA PHE A 88 13.32 0.85 -1.49
C PHE A 88 13.15 1.07 0.02
N GLY A 89 12.90 -0.03 0.75
CA GLY A 89 12.72 0.08 2.19
C GLY A 89 11.55 -0.74 2.69
N TYR A 90 11.20 -0.55 3.96
CA TYR A 90 10.10 -1.27 4.56
C TYR A 90 8.77 -0.71 4.06
N HIS A 91 8.19 -1.38 3.08
CA HIS A 91 6.94 -0.94 2.47
C HIS A 91 5.72 -1.45 3.23
N VAL A 92 4.55 -0.91 2.86
CA VAL A 92 3.28 -1.28 3.47
C VAL A 92 2.18 -1.22 2.41
N ILE A 93 1.12 -2.01 2.59
CA ILE A 93 0.03 -2.03 1.62
C ILE A 93 -1.34 -2.04 2.28
N LYS A 94 -2.16 -1.03 1.94
CA LYS A 94 -3.51 -0.93 2.47
C LYS A 94 -4.50 -0.73 1.31
N ARG A 95 -5.34 -1.73 1.09
CA ARG A 95 -6.30 -1.70 -0.01
C ARG A 95 -7.21 -0.48 0.05
N LEU A 96 -7.40 0.12 -1.12
CA LEU A 96 -8.24 1.28 -1.27
C LEU A 96 -8.67 1.42 -2.74
N GLY A 97 -9.96 1.33 -2.97
CA GLY A 97 -10.49 1.45 -4.31
C GLY A 97 -11.96 1.85 -4.33
N GLY A 1 -17.39 -15.38 -19.72
CA GLY A 1 -17.74 -14.25 -20.62
C GLY A 1 -16.84 -13.04 -20.43
N PRO A 2 -15.54 -13.17 -20.72
CA PRO A 2 -14.59 -12.07 -20.57
C PRO A 2 -14.79 -10.97 -21.60
N MET A 3 -15.58 -9.96 -21.23
CA MET A 3 -15.86 -8.85 -22.13
C MET A 3 -16.00 -7.54 -21.34
N GLY A 4 -15.06 -6.63 -21.55
CA GLY A 4 -15.09 -5.35 -20.86
C GLY A 4 -14.14 -5.30 -19.68
N SER A 5 -12.93 -5.80 -19.88
CA SER A 5 -11.91 -5.81 -18.83
C SER A 5 -11.39 -4.39 -18.59
N MET A 6 -11.50 -3.94 -17.33
CA MET A 6 -11.03 -2.60 -16.98
C MET A 6 -10.48 -2.57 -15.55
N ALA A 7 -11.19 -3.23 -14.63
CA ALA A 7 -10.76 -3.26 -13.24
C ALA A 7 -9.92 -4.49 -12.95
N ASP A 8 -9.18 -4.95 -13.95
CA ASP A 8 -8.32 -6.12 -13.79
C ASP A 8 -7.22 -5.85 -12.76
N LYS A 9 -7.00 -4.57 -12.48
CA LYS A 9 -5.98 -4.16 -11.53
C LYS A 9 -6.48 -4.19 -10.10
N ILE A 10 -5.55 -3.98 -9.18
CA ILE A 10 -5.86 -3.94 -7.76
C ILE A 10 -5.68 -2.54 -7.25
N LYS A 11 -6.59 -2.13 -6.40
CA LYS A 11 -6.56 -0.79 -5.85
C LYS A 11 -6.16 -0.83 -4.39
N CYS A 12 -4.87 -0.59 -4.14
CA CYS A 12 -4.32 -0.62 -2.80
C CYS A 12 -3.59 0.69 -2.48
N SER A 13 -3.05 0.80 -1.27
CA SER A 13 -2.31 1.97 -0.84
C SER A 13 -0.91 1.56 -0.39
N HIS A 14 0.01 2.52 -0.33
CA HIS A 14 1.37 2.20 0.07
C HIS A 14 1.95 3.22 1.05
N ILE A 15 2.90 2.75 1.86
CA ILE A 15 3.56 3.59 2.84
C ILE A 15 4.96 3.05 3.13
N LEU A 16 5.97 3.83 2.77
CA LEU A 16 7.35 3.43 2.96
C LEU A 16 7.97 4.07 4.20
N VAL A 17 8.57 3.24 5.05
CA VAL A 17 9.22 3.71 6.26
C VAL A 17 10.44 2.86 6.57
N LYS A 18 11.56 3.51 6.90
CA LYS A 18 12.80 2.80 7.19
C LYS A 18 12.77 2.15 8.57
N LYS A 19 12.14 2.82 9.54
CA LYS A 19 12.04 2.29 10.87
C LYS A 19 11.05 1.12 10.87
N GLN A 20 11.54 -0.04 10.42
CA GLN A 20 10.70 -1.23 10.29
C GLN A 20 9.83 -1.48 11.51
N GLY A 21 10.23 -1.00 12.67
CA GLY A 21 9.40 -1.21 13.84
C GLY A 21 8.11 -0.47 13.72
N GLU A 22 8.16 0.66 13.03
CA GLU A 22 6.97 1.47 12.80
C GLU A 22 6.09 0.80 11.76
N ALA A 23 6.73 0.21 10.77
CA ALA A 23 6.01 -0.49 9.71
C ALA A 23 5.07 -1.53 10.32
N LEU A 24 5.51 -2.15 11.41
CA LEU A 24 4.70 -3.15 12.11
C LEU A 24 3.57 -2.48 12.88
N ALA A 25 3.81 -1.24 13.32
CA ALA A 25 2.81 -0.50 14.07
C ALA A 25 1.81 0.18 13.15
N VAL A 26 2.33 0.87 12.13
CA VAL A 26 1.48 1.57 11.18
C VAL A 26 0.37 0.67 10.65
N GLN A 27 0.71 -0.60 10.41
CA GLN A 27 -0.27 -1.55 9.92
C GLN A 27 -1.43 -1.65 10.90
N GLU A 28 -1.12 -1.83 12.18
CA GLU A 28 -2.12 -1.91 13.23
C GLU A 28 -2.74 -0.54 13.51
N ARG A 29 -1.94 0.49 13.28
CA ARG A 29 -2.36 1.87 13.50
C ARG A 29 -3.24 2.39 12.38
N LEU A 30 -3.00 1.89 11.17
CA LEU A 30 -3.76 2.31 10.00
C LEU A 30 -5.25 2.09 10.20
N LYS A 31 -5.64 0.83 10.44
CA LYS A 31 -7.05 0.49 10.65
C LYS A 31 -7.55 1.00 12.00
N ALA A 32 -6.64 1.47 12.85
CA ALA A 32 -7.01 1.97 14.17
C ALA A 32 -8.00 3.13 14.07
N GLY A 33 -8.01 3.81 12.93
CA GLY A 33 -8.90 4.92 12.74
C GLY A 33 -8.35 5.95 11.78
N GLU A 34 -7.04 5.88 11.50
CA GLU A 34 -6.40 6.82 10.59
C GLU A 34 -6.45 6.31 9.15
N LYS A 35 -6.34 7.21 8.20
CA LYS A 35 -6.37 6.85 6.78
C LYS A 35 -4.97 6.80 6.20
N PHE A 36 -4.81 5.99 5.15
CA PHE A 36 -3.53 5.84 4.48
C PHE A 36 -2.96 7.19 4.08
N GLY A 37 -3.83 8.08 3.61
CA GLY A 37 -3.38 9.41 3.20
C GLY A 37 -2.64 10.15 4.29
N LYS A 38 -3.05 9.91 5.54
CA LYS A 38 -2.41 10.57 6.68
C LYS A 38 -0.98 10.07 6.85
N LEU A 39 -0.83 8.75 6.95
CA LEU A 39 0.48 8.14 7.12
C LEU A 39 1.43 8.57 6.00
N ALA A 40 0.88 8.79 4.82
CA ALA A 40 1.69 9.20 3.67
C ALA A 40 2.58 10.38 4.02
N LYS A 41 1.96 11.43 4.53
CA LYS A 41 2.69 12.63 4.92
C LYS A 41 3.21 12.51 6.35
N GLU A 42 2.57 11.64 7.15
CA GLU A 42 2.94 11.48 8.55
C GLU A 42 4.28 10.79 8.75
N LEU A 43 4.38 9.50 8.43
CA LEU A 43 5.65 8.78 8.60
C LEU A 43 6.18 8.22 7.27
N SER A 44 5.35 8.20 6.25
CA SER A 44 5.76 7.67 4.95
C SER A 44 6.88 8.51 4.35
N ILE A 45 7.91 7.82 3.85
CA ILE A 45 9.06 8.48 3.24
C ILE A 45 8.96 8.46 1.71
N ASP A 46 7.98 7.71 1.20
CA ASP A 46 7.76 7.60 -0.24
C ASP A 46 7.80 8.98 -0.90
N GLY A 47 8.50 9.06 -2.04
CA GLY A 47 8.62 10.31 -2.76
C GLY A 47 7.29 10.87 -3.23
N GLY A 48 7.35 12.00 -3.92
CA GLY A 48 6.16 12.69 -4.45
C GLY A 48 4.87 11.90 -4.39
N SER A 49 4.92 10.62 -4.75
CA SER A 49 3.72 9.78 -4.74
C SER A 49 2.99 9.85 -3.39
N ALA A 50 3.70 10.31 -2.35
CA ALA A 50 3.11 10.44 -1.02
C ALA A 50 2.10 11.57 -0.99
N LYS A 51 2.20 12.48 -1.94
CA LYS A 51 1.29 13.61 -2.03
C LYS A 51 -0.06 13.17 -2.60
N ARG A 52 -0.12 11.90 -2.98
CA ARG A 52 -1.33 11.32 -3.55
C ARG A 52 -2.03 10.44 -2.52
N ASP A 53 -1.77 10.71 -1.25
CA ASP A 53 -2.35 9.95 -0.15
C ASP A 53 -2.03 8.46 -0.28
N GLY A 54 -0.87 8.16 -0.85
CA GLY A 54 -0.46 6.78 -1.02
C GLY A 54 -1.49 5.93 -1.73
N SER A 55 -2.24 6.54 -2.65
CA SER A 55 -3.27 5.83 -3.39
C SER A 55 -2.67 5.12 -4.60
N LEU A 56 -2.24 3.88 -4.38
CA LEU A 56 -1.65 3.08 -5.46
C LEU A 56 -2.62 2.97 -6.63
N GLY A 57 -3.90 3.01 -6.33
CA GLY A 57 -4.90 2.91 -7.37
C GLY A 57 -4.87 1.56 -8.06
N TYR A 58 -5.54 1.46 -9.21
CA TYR A 58 -5.57 0.20 -9.94
C TYR A 58 -4.20 -0.14 -10.52
N PHE A 59 -3.59 -1.18 -9.98
CA PHE A 59 -2.30 -1.65 -10.47
C PHE A 59 -2.47 -3.06 -11.00
N GLY A 60 -1.62 -3.43 -11.94
CA GLY A 60 -1.71 -4.76 -12.51
C GLY A 60 -0.47 -5.60 -12.22
N ARG A 61 -0.41 -6.79 -12.81
CA ARG A 61 0.72 -7.66 -12.61
C ARG A 61 1.89 -7.22 -13.47
N GLY A 62 2.60 -6.21 -13.00
CA GLY A 62 3.73 -5.69 -13.74
C GLY A 62 3.91 -4.20 -13.57
N LYS A 63 3.64 -3.70 -12.37
CA LYS A 63 3.77 -2.27 -12.09
C LYS A 63 4.65 -2.03 -10.86
N MET A 64 4.48 -2.85 -9.83
CA MET A 64 5.27 -2.71 -8.61
C MET A 64 6.17 -3.92 -8.40
N VAL A 65 7.07 -3.82 -7.40
CA VAL A 65 8.00 -4.89 -7.10
C VAL A 65 7.27 -6.22 -6.90
N LYS A 66 8.04 -7.32 -6.97
CA LYS A 66 7.47 -8.65 -6.82
C LYS A 66 6.93 -8.90 -5.41
N PRO A 67 7.70 -8.56 -4.35
CA PRO A 67 7.26 -8.78 -2.98
C PRO A 67 6.03 -7.97 -2.63
N PHE A 68 6.01 -6.74 -3.11
CA PHE A 68 4.89 -5.83 -2.87
C PHE A 68 3.68 -6.21 -3.71
N GLU A 69 3.90 -6.34 -5.02
CA GLU A 69 2.81 -6.70 -5.94
C GLU A 69 2.18 -8.03 -5.54
N ASP A 70 3.00 -8.91 -4.98
CA ASP A 70 2.52 -10.22 -4.55
C ASP A 70 1.47 -10.09 -3.44
N ALA A 71 1.81 -9.32 -2.40
CA ALA A 71 0.91 -9.11 -1.29
C ALA A 71 -0.23 -8.16 -1.65
N ALA A 72 -0.13 -7.52 -2.81
CA ALA A 72 -1.15 -6.58 -3.25
C ALA A 72 -2.50 -7.29 -3.45
N PHE A 73 -2.46 -8.46 -4.06
CA PHE A 73 -3.66 -9.23 -4.31
C PHE A 73 -3.90 -10.28 -3.23
N ARG A 74 -3.23 -10.13 -2.09
CA ARG A 74 -3.37 -11.06 -0.99
C ARG A 74 -4.36 -10.54 0.04
N LEU A 75 -4.42 -9.22 0.17
CA LEU A 75 -5.33 -8.60 1.13
C LEU A 75 -6.54 -8.01 0.44
N GLN A 76 -7.39 -8.89 -0.09
CA GLN A 76 -8.61 -8.46 -0.77
C GLN A 76 -9.63 -7.98 0.26
N VAL A 77 -9.43 -8.37 1.52
CA VAL A 77 -10.30 -7.97 2.61
C VAL A 77 -10.22 -6.47 2.85
N GLY A 78 -9.09 -5.88 2.51
CA GLY A 78 -8.91 -4.45 2.71
C GLY A 78 -8.21 -4.17 4.01
N GLU A 79 -7.03 -4.73 4.17
CA GLU A 79 -6.27 -4.57 5.38
C GLU A 79 -4.80 -4.36 5.07
N VAL A 80 -4.01 -4.12 6.11
CA VAL A 80 -2.59 -3.91 5.92
C VAL A 80 -1.86 -5.25 5.87
N SER A 81 -0.80 -5.32 5.07
CA SER A 81 -0.04 -6.55 4.92
C SER A 81 1.29 -6.49 5.66
N GLU A 82 1.90 -7.65 5.87
CA GLU A 82 3.17 -7.75 6.57
C GLU A 82 4.22 -6.79 6.02
N PRO A 83 5.19 -6.41 6.86
CA PRO A 83 6.27 -5.51 6.45
C PRO A 83 7.07 -6.06 5.28
N VAL A 84 6.84 -5.51 4.10
CA VAL A 84 7.54 -5.94 2.90
C VAL A 84 8.67 -4.98 2.55
N LYS A 85 9.90 -5.38 2.88
CA LYS A 85 11.06 -4.56 2.61
C LYS A 85 11.67 -4.88 1.26
N SER A 86 11.60 -3.93 0.34
CA SER A 86 12.15 -4.10 -0.99
C SER A 86 13.43 -3.26 -1.14
N GLU A 87 13.95 -3.19 -2.36
CA GLU A 87 15.15 -2.41 -2.63
C GLU A 87 14.99 -0.95 -2.21
N PHE A 88 13.75 -0.51 -2.05
CA PHE A 88 13.47 0.87 -1.65
C PHE A 88 13.35 1.02 -0.14
N GLY A 89 12.69 0.05 0.49
CA GLY A 89 12.51 0.11 1.95
C GLY A 89 11.37 -0.75 2.42
N TYR A 90 11.04 -0.63 3.70
CA TYR A 90 9.98 -1.40 4.29
C TYR A 90 8.62 -0.85 3.85
N HIS A 91 8.06 -1.50 2.83
CA HIS A 91 6.78 -1.08 2.27
C HIS A 91 5.60 -1.60 3.07
N VAL A 92 4.42 -1.06 2.73
CA VAL A 92 3.17 -1.43 3.37
C VAL A 92 2.05 -1.39 2.34
N ILE A 93 1.07 -2.28 2.47
CA ILE A 93 -0.03 -2.32 1.50
C ILE A 93 -1.40 -2.35 2.19
N LYS A 94 -2.24 -1.37 1.84
CA LYS A 94 -3.59 -1.27 2.38
C LYS A 94 -4.59 -1.12 1.23
N ARG A 95 -5.38 -2.15 0.99
CA ARG A 95 -6.34 -2.15 -0.11
C ARG A 95 -7.31 -0.98 -0.02
N LEU A 96 -7.51 -0.34 -1.17
CA LEU A 96 -8.39 0.78 -1.30
C LEU A 96 -8.82 0.94 -2.76
N GLY A 97 -10.11 0.78 -3.00
CA GLY A 97 -10.63 0.91 -4.34
C GLY A 97 -12.12 1.23 -4.36
N GLY A 1 -21.77 5.81 -19.25
CA GLY A 1 -20.64 4.89 -18.92
C GLY A 1 -19.78 5.42 -17.80
N PRO A 2 -20.14 5.13 -16.54
CA PRO A 2 -19.37 5.59 -15.38
C PRO A 2 -18.04 4.88 -15.24
N MET A 3 -17.14 5.45 -14.45
CA MET A 3 -15.81 4.87 -14.24
C MET A 3 -15.90 3.58 -13.42
N GLY A 4 -14.99 2.66 -13.68
CA GLY A 4 -14.98 1.40 -12.96
C GLY A 4 -15.16 0.20 -13.87
N SER A 5 -14.67 0.32 -15.11
CA SER A 5 -14.78 -0.76 -16.07
C SER A 5 -13.61 -1.73 -15.94
N MET A 6 -13.92 -3.01 -15.72
CA MET A 6 -12.89 -4.03 -15.57
C MET A 6 -12.01 -3.72 -14.37
N ALA A 7 -12.23 -4.45 -13.28
CA ALA A 7 -11.46 -4.26 -12.06
C ALA A 7 -10.31 -5.26 -11.97
N ASP A 8 -9.72 -5.59 -13.12
CA ASP A 8 -8.61 -6.55 -13.16
C ASP A 8 -7.48 -6.07 -12.24
N LYS A 9 -7.41 -4.77 -12.02
CA LYS A 9 -6.38 -4.18 -11.18
C LYS A 9 -6.76 -4.24 -9.71
N ILE A 10 -5.77 -3.96 -8.87
CA ILE A 10 -5.98 -3.93 -7.44
C ILE A 10 -5.86 -2.51 -6.96
N LYS A 11 -6.73 -2.15 -6.04
CA LYS A 11 -6.74 -0.80 -5.51
C LYS A 11 -6.26 -0.78 -4.07
N CYS A 12 -4.97 -0.49 -3.90
CA CYS A 12 -4.35 -0.46 -2.59
C CYS A 12 -3.54 0.83 -2.41
N SER A 13 -2.93 0.98 -1.24
CA SER A 13 -2.12 2.15 -0.93
C SER A 13 -0.74 1.70 -0.46
N HIS A 14 0.23 2.62 -0.46
CA HIS A 14 1.58 2.27 -0.03
C HIS A 14 2.18 3.31 0.91
N ILE A 15 3.04 2.83 1.81
CA ILE A 15 3.71 3.69 2.79
C ILE A 15 5.12 3.15 3.05
N LEU A 16 6.12 4.03 3.00
CA LEU A 16 7.50 3.61 3.22
C LEU A 16 8.17 4.39 4.36
N VAL A 17 8.85 3.65 5.23
CA VAL A 17 9.55 4.26 6.35
C VAL A 17 10.76 3.42 6.75
N LYS A 18 11.88 4.07 6.99
CA LYS A 18 13.08 3.36 7.40
C LYS A 18 12.86 2.72 8.78
N LYS A 19 11.84 3.20 9.47
CA LYS A 19 11.48 2.70 10.78
C LYS A 19 10.85 1.32 10.64
N GLN A 20 11.69 0.31 10.44
CA GLN A 20 11.23 -1.06 10.25
C GLN A 20 10.18 -1.48 11.26
N GLY A 21 10.37 -1.11 12.52
CA GLY A 21 9.42 -1.49 13.55
C GLY A 21 8.09 -0.79 13.40
N GLU A 22 8.12 0.43 12.87
CA GLU A 22 6.90 1.20 12.67
C GLU A 22 6.02 0.52 11.62
N ALA A 23 6.64 0.10 10.54
CA ALA A 23 5.94 -0.56 9.45
C ALA A 23 5.01 -1.65 10.00
N LEU A 24 5.51 -2.37 11.00
CA LEU A 24 4.75 -3.44 11.65
C LEU A 24 3.66 -2.87 12.54
N ALA A 25 3.89 -1.66 13.06
CA ALA A 25 2.93 -1.02 13.95
C ALA A 25 1.81 -0.32 13.18
N VAL A 26 2.18 0.40 12.12
CA VAL A 26 1.19 1.12 11.31
C VAL A 26 0.12 0.21 10.75
N GLN A 27 0.44 -1.06 10.50
CA GLN A 27 -0.54 -1.98 9.96
C GLN A 27 -1.79 -2.01 10.87
N GLU A 28 -1.57 -2.25 12.14
CA GLU A 28 -2.66 -2.27 13.12
C GLU A 28 -3.15 -0.85 13.41
N ARG A 29 -2.23 0.11 13.28
CA ARG A 29 -2.52 1.51 13.56
C ARG A 29 -3.34 2.16 12.44
N LEU A 30 -3.09 1.75 11.21
CA LEU A 30 -3.78 2.30 10.05
C LEU A 30 -5.30 2.24 10.23
N LYS A 31 -5.79 1.07 10.61
CA LYS A 31 -7.23 0.89 10.82
C LYS A 31 -7.69 1.60 12.09
N ALA A 32 -6.74 2.08 12.88
CA ALA A 32 -7.06 2.75 14.15
C ALA A 32 -7.61 4.16 13.94
N GLY A 33 -8.60 4.29 13.07
CA GLY A 33 -9.22 5.58 12.82
C GLY A 33 -8.42 6.48 11.90
N GLU A 34 -7.18 6.12 11.60
CA GLU A 34 -6.34 6.93 10.73
C GLU A 34 -6.47 6.49 9.28
N LYS A 35 -6.22 7.41 8.37
CA LYS A 35 -6.32 7.11 6.94
C LYS A 35 -4.94 6.87 6.33
N PHE A 36 -4.88 5.94 5.39
CA PHE A 36 -3.63 5.59 4.72
C PHE A 36 -2.97 6.84 4.14
N GLY A 37 -3.79 7.77 3.66
CA GLY A 37 -3.28 9.00 3.10
C GLY A 37 -2.52 9.82 4.11
N LYS A 38 -3.00 9.81 5.35
CA LYS A 38 -2.37 10.56 6.42
C LYS A 38 -0.93 10.10 6.64
N LEU A 39 -0.77 8.79 6.84
CA LEU A 39 0.55 8.20 7.07
C LEU A 39 1.51 8.58 5.94
N ALA A 40 1.00 8.71 4.73
CA ALA A 40 1.82 9.06 3.58
C ALA A 40 2.65 10.30 3.88
N LYS A 41 1.98 11.36 4.29
CA LYS A 41 2.65 12.61 4.63
C LYS A 41 3.14 12.60 6.07
N GLU A 42 2.51 11.77 6.90
CA GLU A 42 2.85 11.70 8.32
C GLU A 42 4.23 11.07 8.57
N LEU A 43 4.39 9.78 8.30
CA LEU A 43 5.69 9.12 8.52
C LEU A 43 6.27 8.52 7.24
N SER A 44 5.45 8.37 6.20
CA SER A 44 5.91 7.79 4.96
C SER A 44 6.97 8.68 4.29
N ILE A 45 7.98 8.03 3.71
CA ILE A 45 9.05 8.73 3.03
C ILE A 45 8.91 8.61 1.52
N ASP A 46 7.99 7.75 1.09
CA ASP A 46 7.73 7.53 -0.33
C ASP A 46 7.65 8.86 -1.09
N GLY A 47 8.30 8.91 -2.24
CA GLY A 47 8.31 10.13 -3.05
C GLY A 47 6.92 10.55 -3.49
N GLY A 48 6.85 11.64 -4.26
CA GLY A 48 5.59 12.19 -4.76
C GLY A 48 4.36 11.31 -4.56
N SER A 49 4.48 10.02 -4.84
CA SER A 49 3.34 9.12 -4.68
C SER A 49 2.73 9.25 -3.28
N ALA A 50 3.56 9.58 -2.30
CA ALA A 50 3.12 9.76 -0.92
C ALA A 50 2.32 11.05 -0.79
N LYS A 51 2.62 12.00 -1.67
CA LYS A 51 1.97 13.29 -1.68
C LYS A 51 0.54 13.17 -2.19
N ARG A 52 0.24 12.03 -2.78
CA ARG A 52 -1.09 11.76 -3.32
C ARG A 52 -1.86 10.83 -2.40
N ASP A 53 -1.47 10.82 -1.12
CA ASP A 53 -2.12 9.98 -0.11
C ASP A 53 -1.71 8.51 -0.27
N GLY A 54 -0.74 8.26 -1.15
CA GLY A 54 -0.29 6.90 -1.37
C GLY A 54 -1.36 6.03 -1.99
N SER A 55 -2.30 6.67 -2.68
CA SER A 55 -3.38 5.95 -3.33
C SER A 55 -2.89 5.27 -4.60
N LEU A 56 -2.31 4.09 -4.43
CA LEU A 56 -1.79 3.32 -5.56
C LEU A 56 -2.87 3.11 -6.61
N GLY A 57 -4.12 3.16 -6.19
CA GLY A 57 -5.22 2.99 -7.12
C GLY A 57 -5.22 1.63 -7.79
N TYR A 58 -5.98 1.52 -8.88
CA TYR A 58 -6.06 0.26 -9.63
C TYR A 58 -4.78 -0.03 -10.40
N PHE A 59 -4.06 -1.04 -9.96
CA PHE A 59 -2.84 -1.47 -10.64
C PHE A 59 -2.96 -2.94 -11.02
N GLY A 60 -2.11 -3.38 -11.93
CA GLY A 60 -2.15 -4.78 -12.34
C GLY A 60 -0.85 -5.50 -12.07
N ARG A 61 -0.78 -6.75 -12.53
CA ARG A 61 0.42 -7.56 -12.34
C ARG A 61 1.44 -7.24 -13.42
N GLY A 62 2.35 -6.33 -13.10
CA GLY A 62 3.36 -5.95 -14.04
C GLY A 62 3.78 -4.50 -13.91
N LYS A 63 3.83 -3.99 -12.68
CA LYS A 63 4.21 -2.61 -12.43
C LYS A 63 4.99 -2.47 -11.13
N MET A 64 4.50 -3.13 -10.08
CA MET A 64 5.16 -3.07 -8.78
C MET A 64 6.18 -4.19 -8.62
N VAL A 65 7.03 -4.06 -7.60
CA VAL A 65 8.05 -5.07 -7.33
C VAL A 65 7.43 -6.42 -7.00
N LYS A 66 8.23 -7.46 -7.05
CA LYS A 66 7.75 -8.82 -6.78
C LYS A 66 7.16 -8.97 -5.37
N PRO A 67 7.88 -8.50 -4.33
CA PRO A 67 7.39 -8.61 -2.95
C PRO A 67 6.13 -7.78 -2.72
N PHE A 68 6.10 -6.61 -3.34
CA PHE A 68 4.96 -5.72 -3.21
C PHE A 68 3.77 -6.21 -4.03
N GLU A 69 4.01 -6.49 -5.30
CA GLU A 69 2.96 -6.98 -6.19
C GLU A 69 2.32 -8.24 -5.63
N ASP A 70 3.12 -9.03 -4.92
CA ASP A 70 2.63 -10.27 -4.32
C ASP A 70 1.59 -9.99 -3.25
N ALA A 71 1.95 -9.11 -2.31
CA ALA A 71 1.06 -8.75 -1.21
C ALA A 71 -0.06 -7.81 -1.67
N ALA A 72 0.04 -7.32 -2.91
CA ALA A 72 -0.96 -6.40 -3.45
C ALA A 72 -2.28 -7.10 -3.75
N PHE A 73 -2.21 -8.33 -4.25
CA PHE A 73 -3.40 -9.09 -4.58
C PHE A 73 -3.69 -10.20 -3.58
N ARG A 74 -3.07 -10.12 -2.40
CA ARG A 74 -3.27 -11.13 -1.37
C ARG A 74 -4.28 -10.66 -0.33
N LEU A 75 -4.37 -9.35 -0.16
CA LEU A 75 -5.30 -8.77 0.81
C LEU A 75 -6.53 -8.19 0.13
N GLN A 76 -7.33 -9.07 -0.46
CA GLN A 76 -8.55 -8.65 -1.13
C GLN A 76 -9.61 -8.27 -0.09
N VAL A 77 -9.39 -8.72 1.14
CA VAL A 77 -10.30 -8.44 2.24
C VAL A 77 -10.30 -6.95 2.57
N GLY A 78 -9.18 -6.29 2.28
CA GLY A 78 -9.06 -4.88 2.56
C GLY A 78 -8.38 -4.63 3.88
N GLU A 79 -7.17 -5.13 4.00
CA GLU A 79 -6.42 -4.99 5.23
C GLU A 79 -4.96 -4.71 4.95
N VAL A 80 -4.19 -4.49 6.01
CA VAL A 80 -2.78 -4.23 5.86
C VAL A 80 -2.01 -5.54 5.71
N SER A 81 -0.93 -5.51 4.92
CA SER A 81 -0.14 -6.71 4.69
C SER A 81 1.18 -6.68 5.46
N GLU A 82 1.80 -7.87 5.56
CA GLU A 82 3.04 -8.03 6.29
C GLU A 82 4.11 -7.01 5.87
N PRO A 83 5.07 -6.76 6.76
CA PRO A 83 6.16 -5.81 6.49
C PRO A 83 7.01 -6.24 5.30
N VAL A 84 6.83 -5.55 4.18
CA VAL A 84 7.59 -5.85 2.98
C VAL A 84 8.73 -4.86 2.79
N LYS A 85 9.92 -5.27 3.18
CA LYS A 85 11.10 -4.41 3.06
C LYS A 85 11.89 -4.76 1.80
N SER A 86 11.90 -3.83 0.85
CA SER A 86 12.63 -4.04 -0.40
C SER A 86 13.84 -3.12 -0.47
N GLU A 87 14.54 -3.15 -1.60
CA GLU A 87 15.72 -2.31 -1.80
C GLU A 87 15.38 -0.84 -1.59
N PHE A 88 14.10 -0.50 -1.72
CA PHE A 88 13.65 0.87 -1.55
C PHE A 88 13.39 1.20 -0.08
N GLY A 89 13.05 0.18 0.69
CA GLY A 89 12.77 0.39 2.11
C GLY A 89 11.67 -0.51 2.63
N TYR A 90 11.16 -0.17 3.81
CA TYR A 90 10.10 -0.93 4.43
C TYR A 90 8.74 -0.49 3.87
N HIS A 91 8.17 -1.34 3.04
CA HIS A 91 6.89 -1.02 2.39
C HIS A 91 5.70 -1.54 3.19
N VAL A 92 4.55 -0.93 2.93
CA VAL A 92 3.29 -1.30 3.56
C VAL A 92 2.17 -1.21 2.54
N ILE A 93 1.10 -1.99 2.73
CA ILE A 93 0.00 -1.98 1.77
C ILE A 93 -1.36 -2.08 2.44
N LYS A 94 -2.23 -1.11 2.15
CA LYS A 94 -3.58 -1.08 2.68
C LYS A 94 -4.57 -0.89 1.53
N ARG A 95 -5.38 -1.91 1.29
CA ARG A 95 -6.34 -1.89 0.18
C ARG A 95 -7.29 -0.70 0.28
N LEU A 96 -7.49 -0.07 -0.87
CA LEU A 96 -8.36 1.08 -0.99
C LEU A 96 -8.81 1.22 -2.44
N GLY A 97 -10.10 1.09 -2.66
CA GLY A 97 -10.64 1.22 -4.00
C GLY A 97 -12.11 1.56 -4.00
N GLY A 1 -13.46 9.97 -20.09
CA GLY A 1 -13.00 9.55 -21.45
C GLY A 1 -13.26 8.08 -21.71
N PRO A 2 -12.30 7.19 -21.41
CA PRO A 2 -12.44 5.76 -21.62
C PRO A 2 -13.72 5.20 -21.01
N MET A 3 -14.53 4.54 -21.83
CA MET A 3 -15.79 3.96 -21.36
C MET A 3 -15.70 2.43 -21.34
N GLY A 4 -16.02 1.85 -20.18
CA GLY A 4 -15.97 0.41 -20.04
C GLY A 4 -14.66 -0.09 -19.48
N SER A 5 -14.26 0.49 -18.35
CA SER A 5 -13.01 0.09 -17.70
C SER A 5 -13.23 -1.08 -16.76
N MET A 6 -12.27 -2.00 -16.74
CA MET A 6 -12.35 -3.18 -15.89
C MET A 6 -11.59 -2.97 -14.58
N ALA A 7 -11.95 -3.75 -13.56
CA ALA A 7 -11.30 -3.64 -12.26
C ALA A 7 -10.24 -4.72 -12.09
N ASP A 8 -9.63 -5.14 -13.20
CA ASP A 8 -8.61 -6.16 -13.15
C ASP A 8 -7.47 -5.76 -12.23
N LYS A 9 -7.33 -4.45 -12.00
CA LYS A 9 -6.29 -3.93 -11.14
C LYS A 9 -6.69 -3.97 -9.68
N ILE A 10 -5.71 -3.72 -8.83
CA ILE A 10 -5.93 -3.70 -7.39
C ILE A 10 -5.77 -2.28 -6.90
N LYS A 11 -6.63 -1.88 -6.00
CA LYS A 11 -6.61 -0.54 -5.47
C LYS A 11 -6.11 -0.56 -4.03
N CYS A 12 -4.83 -0.27 -3.87
CA CYS A 12 -4.19 -0.28 -2.56
C CYS A 12 -3.41 1.02 -2.33
N SER A 13 -2.78 1.13 -1.16
CA SER A 13 -1.99 2.31 -0.82
C SER A 13 -0.54 1.90 -0.55
N HIS A 14 0.37 2.87 -0.55
CA HIS A 14 1.78 2.58 -0.31
C HIS A 14 2.37 3.52 0.74
N ILE A 15 3.20 2.96 1.62
CA ILE A 15 3.84 3.73 2.67
C ILE A 15 5.17 3.09 3.10
N LEU A 16 6.27 3.83 2.93
CA LEU A 16 7.59 3.33 3.31
C LEU A 16 8.13 4.05 4.53
N VAL A 17 8.78 3.31 5.42
CA VAL A 17 9.35 3.90 6.62
C VAL A 17 10.60 3.14 7.05
N LYS A 18 11.65 3.88 7.39
CA LYS A 18 12.91 3.27 7.79
C LYS A 18 12.83 2.63 9.17
N LYS A 19 12.06 3.24 10.08
CA LYS A 19 11.89 2.69 11.40
C LYS A 19 10.99 1.47 11.29
N GLN A 20 11.59 0.37 10.86
CA GLN A 20 10.86 -0.87 10.62
C GLN A 20 9.92 -1.25 11.76
N GLY A 21 10.21 -0.79 12.97
CA GLY A 21 9.32 -1.12 14.07
C GLY A 21 7.98 -0.44 13.90
N GLU A 22 8.00 0.73 13.28
CA GLU A 22 6.78 1.48 13.03
C GLU A 22 5.96 0.80 11.95
N ALA A 23 6.64 0.27 10.95
CA ALA A 23 5.98 -0.43 9.85
C ALA A 23 5.05 -1.51 10.39
N LEU A 24 5.48 -2.16 11.47
CA LEU A 24 4.67 -3.20 12.10
C LEU A 24 3.49 -2.58 12.86
N ALA A 25 3.68 -1.36 13.34
CA ALA A 25 2.65 -0.67 14.09
C ALA A 25 1.65 0.02 13.17
N VAL A 26 2.16 0.64 12.10
CA VAL A 26 1.31 1.34 11.15
C VAL A 26 0.20 0.44 10.65
N GLN A 27 0.50 -0.84 10.45
CA GLN A 27 -0.50 -1.78 9.98
C GLN A 27 -1.66 -1.83 10.97
N GLU A 28 -1.32 -1.97 12.25
CA GLU A 28 -2.32 -2.00 13.30
C GLU A 28 -2.89 -0.61 13.55
N ARG A 29 -2.07 0.40 13.28
CA ARG A 29 -2.45 1.80 13.48
C ARG A 29 -3.33 2.32 12.35
N LEU A 30 -3.10 1.81 11.15
CA LEU A 30 -3.87 2.24 9.98
C LEU A 30 -5.37 2.13 10.23
N LYS A 31 -5.84 0.93 10.53
CA LYS A 31 -7.26 0.70 10.80
C LYS A 31 -7.66 1.28 12.15
N ALA A 32 -6.67 1.70 12.95
CA ALA A 32 -6.94 2.25 14.27
C ALA A 32 -7.84 3.47 14.19
N GLY A 33 -7.83 4.13 13.04
CA GLY A 33 -8.64 5.32 12.85
C GLY A 33 -8.04 6.28 11.85
N GLU A 34 -6.76 6.11 11.56
CA GLU A 34 -6.08 6.98 10.58
C GLU A 34 -6.26 6.46 9.17
N LYS A 35 -6.16 7.36 8.20
CA LYS A 35 -6.32 6.99 6.80
C LYS A 35 -4.96 6.86 6.11
N PHE A 36 -4.88 5.93 5.17
CA PHE A 36 -3.64 5.70 4.42
C PHE A 36 -3.07 7.03 3.93
N GLY A 37 -3.94 7.99 3.66
CA GLY A 37 -3.51 9.29 3.20
C GLY A 37 -2.65 9.99 4.22
N LYS A 38 -2.95 9.78 5.50
CA LYS A 38 -2.20 10.40 6.58
C LYS A 38 -0.77 9.85 6.62
N LEU A 39 -0.65 8.53 6.68
CA LEU A 39 0.65 7.88 6.74
C LEU A 39 1.56 8.35 5.60
N ALA A 40 0.95 8.58 4.43
CA ALA A 40 1.72 9.03 3.26
C ALA A 40 2.57 10.24 3.60
N LYS A 41 1.94 11.26 4.16
CA LYS A 41 2.62 12.47 4.56
C LYS A 41 3.22 12.33 5.95
N GLU A 42 2.65 11.42 6.74
CA GLU A 42 3.09 11.22 8.12
C GLU A 42 4.44 10.48 8.21
N LEU A 43 4.48 9.19 7.83
CA LEU A 43 5.73 8.44 7.92
C LEU A 43 6.23 7.92 6.57
N SER A 44 5.41 7.96 5.52
CA SER A 44 5.87 7.47 4.22
C SER A 44 7.03 8.31 3.72
N ILE A 45 8.13 7.64 3.40
CA ILE A 45 9.32 8.33 2.96
C ILE A 45 9.61 8.16 1.47
N ASP A 46 9.16 7.07 0.88
CA ASP A 46 9.42 6.82 -0.54
C ASP A 46 8.17 6.51 -1.34
N GLY A 47 7.69 7.50 -2.09
CA GLY A 47 6.52 7.29 -2.91
C GLY A 47 6.08 8.54 -3.64
N GLY A 48 5.61 8.37 -4.86
CA GLY A 48 5.12 9.50 -5.63
C GLY A 48 3.71 9.86 -5.22
N SER A 49 2.94 8.83 -4.91
CA SER A 49 1.56 9.01 -4.49
C SER A 49 1.50 9.50 -3.04
N ALA A 50 2.66 9.68 -2.39
CA ALA A 50 2.68 10.16 -1.02
C ALA A 50 2.06 11.55 -0.95
N LYS A 51 2.09 12.23 -2.09
CA LYS A 51 1.52 13.56 -2.21
C LYS A 51 0.05 13.47 -2.60
N ARG A 52 -0.40 12.25 -2.86
CA ARG A 52 -1.78 12.00 -3.25
C ARG A 52 -2.48 11.08 -2.24
N ASP A 53 -1.98 11.09 -1.00
CA ASP A 53 -2.53 10.26 0.07
C ASP A 53 -2.10 8.80 -0.07
N GLY A 54 -1.08 8.57 -0.89
CA GLY A 54 -0.58 7.22 -1.09
C GLY A 54 -1.58 6.32 -1.79
N SER A 55 -2.58 6.94 -2.42
CA SER A 55 -3.61 6.17 -3.13
C SER A 55 -3.04 5.55 -4.39
N LEU A 56 -2.45 4.36 -4.25
CA LEU A 56 -1.88 3.66 -5.39
C LEU A 56 -2.91 3.49 -6.50
N GLY A 57 -4.18 3.37 -6.11
CA GLY A 57 -5.25 3.21 -7.07
C GLY A 57 -5.22 1.87 -7.76
N TYR A 58 -6.03 1.71 -8.80
CA TYR A 58 -6.09 0.46 -9.53
C TYR A 58 -4.80 0.19 -10.30
N PHE A 59 -4.07 -0.83 -9.85
CA PHE A 59 -2.84 -1.23 -10.52
C PHE A 59 -2.92 -2.69 -10.91
N GLY A 60 -2.10 -3.10 -11.87
CA GLY A 60 -2.11 -4.48 -12.31
C GLY A 60 -0.80 -5.18 -11.98
N ARG A 61 -0.66 -6.42 -12.45
CA ARG A 61 0.53 -7.20 -12.19
C ARG A 61 1.57 -6.93 -13.26
N GLY A 62 2.50 -6.03 -12.96
CA GLY A 62 3.54 -5.70 -13.91
C GLY A 62 3.98 -4.26 -13.82
N LYS A 63 4.02 -3.71 -12.60
CA LYS A 63 4.43 -2.32 -12.39
C LYS A 63 5.25 -2.17 -11.12
N MET A 64 4.75 -2.74 -10.02
CA MET A 64 5.44 -2.66 -8.73
C MET A 64 6.38 -3.84 -8.53
N VAL A 65 7.25 -3.72 -7.53
CA VAL A 65 8.22 -4.78 -7.23
C VAL A 65 7.53 -6.12 -7.02
N LYS A 66 8.32 -7.19 -7.04
CA LYS A 66 7.79 -8.54 -6.88
C LYS A 66 7.16 -8.77 -5.50
N PRO A 67 7.84 -8.38 -4.40
CA PRO A 67 7.30 -8.58 -3.06
C PRO A 67 6.05 -7.74 -2.82
N PHE A 68 6.06 -6.53 -3.35
CA PHE A 68 4.94 -5.62 -3.20
C PHE A 68 3.78 -6.05 -4.10
N GLU A 69 4.06 -6.24 -5.38
CA GLU A 69 3.04 -6.65 -6.34
C GLU A 69 2.40 -7.96 -5.91
N ASP A 70 3.20 -8.82 -5.28
CA ASP A 70 2.70 -10.12 -4.83
C ASP A 70 1.73 -9.95 -3.67
N ALA A 71 2.11 -9.14 -2.68
CA ALA A 71 1.28 -8.90 -1.51
C ALA A 71 0.12 -7.96 -1.83
N ALA A 72 0.15 -7.36 -3.02
CA ALA A 72 -0.90 -6.43 -3.44
C ALA A 72 -2.24 -7.14 -3.62
N PHE A 73 -2.22 -8.25 -4.35
CA PHE A 73 -3.44 -9.02 -4.60
C PHE A 73 -3.64 -10.12 -3.58
N ARG A 74 -2.94 -10.02 -2.45
CA ARG A 74 -3.05 -11.02 -1.39
C ARG A 74 -4.06 -10.60 -0.34
N LEU A 75 -4.22 -9.30 -0.17
CA LEU A 75 -5.15 -8.76 0.81
C LEU A 75 -6.41 -8.23 0.13
N GLN A 76 -7.18 -9.13 -0.46
CA GLN A 76 -8.42 -8.76 -1.11
C GLN A 76 -9.46 -8.35 -0.08
N VAL A 77 -9.24 -8.78 1.16
CA VAL A 77 -10.14 -8.45 2.26
C VAL A 77 -10.14 -6.96 2.53
N GLY A 78 -9.04 -6.30 2.19
CA GLY A 78 -8.94 -4.87 2.41
C GLY A 78 -8.28 -4.56 3.72
N GLU A 79 -7.06 -5.04 3.88
CA GLU A 79 -6.33 -4.84 5.10
C GLU A 79 -4.87 -4.57 4.83
N VAL A 80 -4.12 -4.29 5.88
CA VAL A 80 -2.69 -4.03 5.73
C VAL A 80 -1.94 -5.35 5.63
N SER A 81 -0.87 -5.37 4.84
CA SER A 81 -0.10 -6.60 4.66
C SER A 81 1.21 -6.56 5.44
N GLU A 82 1.81 -7.74 5.59
CA GLU A 82 3.05 -7.90 6.34
C GLU A 82 4.12 -6.91 5.90
N PRO A 83 5.07 -6.60 6.80
CA PRO A 83 6.15 -5.68 6.51
C PRO A 83 7.01 -6.16 5.34
N VAL A 84 6.86 -5.50 4.20
CA VAL A 84 7.61 -5.87 3.01
C VAL A 84 8.78 -4.91 2.81
N LYS A 85 9.97 -5.35 3.21
CA LYS A 85 11.16 -4.53 3.06
C LYS A 85 11.90 -4.86 1.76
N SER A 86 11.92 -3.90 0.85
CA SER A 86 12.59 -4.09 -0.43
C SER A 86 13.83 -3.19 -0.51
N GLU A 87 14.44 -3.15 -1.69
CA GLU A 87 15.63 -2.32 -1.90
C GLU A 87 15.33 -0.86 -1.57
N PHE A 88 14.05 -0.50 -1.61
CA PHE A 88 13.63 0.87 -1.32
C PHE A 88 13.46 1.09 0.19
N GLY A 89 12.94 0.09 0.88
CA GLY A 89 12.73 0.19 2.31
C GLY A 89 11.59 -0.66 2.80
N TYR A 90 11.17 -0.43 4.04
CA TYR A 90 10.08 -1.16 4.63
C TYR A 90 8.75 -0.67 4.07
N HIS A 91 8.23 -1.40 3.09
CA HIS A 91 6.99 -1.04 2.42
C HIS A 91 5.75 -1.44 3.24
N VAL A 92 4.62 -0.87 2.86
CA VAL A 92 3.34 -1.15 3.51
C VAL A 92 2.21 -1.03 2.48
N ILE A 93 1.25 -1.94 2.53
CA ILE A 93 0.14 -1.92 1.58
C ILE A 93 -1.22 -1.98 2.28
N LYS A 94 -2.05 -0.97 2.02
CA LYS A 94 -3.39 -0.91 2.59
C LYS A 94 -4.40 -0.73 1.46
N ARG A 95 -5.22 -1.76 1.23
CA ARG A 95 -6.19 -1.73 0.15
C ARG A 95 -7.14 -0.55 0.27
N LEU A 96 -7.32 0.14 -0.86
CA LEU A 96 -8.18 1.29 -0.94
C LEU A 96 -8.65 1.47 -2.38
N GLY A 97 -9.94 1.35 -2.58
CA GLY A 97 -10.51 1.50 -3.91
C GLY A 97 -11.98 1.85 -3.87
N GLY A 1 -13.31 -19.24 -20.20
CA GLY A 1 -12.35 -18.16 -20.56
C GLY A 1 -13.03 -16.90 -21.03
N PRO A 2 -13.98 -16.36 -20.24
CA PRO A 2 -14.72 -15.15 -20.61
C PRO A 2 -13.84 -13.91 -20.55
N MET A 3 -13.82 -13.15 -21.65
CA MET A 3 -13.02 -11.93 -21.72
C MET A 3 -13.85 -10.71 -21.40
N GLY A 4 -13.24 -9.72 -20.76
CA GLY A 4 -13.94 -8.51 -20.41
C GLY A 4 -13.67 -8.06 -18.98
N SER A 5 -12.41 -8.13 -18.58
CA SER A 5 -12.00 -7.72 -17.24
C SER A 5 -11.98 -6.21 -17.11
N MET A 6 -12.42 -5.71 -15.95
CA MET A 6 -12.45 -4.28 -15.72
C MET A 6 -11.65 -3.92 -14.46
N ALA A 7 -11.78 -4.74 -13.42
CA ALA A 7 -11.07 -4.49 -12.17
C ALA A 7 -9.86 -5.40 -12.04
N ASP A 8 -9.24 -5.74 -13.17
CA ASP A 8 -8.06 -6.60 -13.17
C ASP A 8 -6.97 -6.02 -12.28
N LYS A 9 -7.02 -4.70 -12.08
CA LYS A 9 -6.05 -4.00 -11.25
C LYS A 9 -6.43 -4.04 -9.79
N ILE A 10 -5.45 -3.79 -8.94
CA ILE A 10 -5.69 -3.74 -7.50
C ILE A 10 -5.54 -2.32 -7.01
N LYS A 11 -6.55 -1.89 -6.30
CA LYS A 11 -6.56 -0.55 -5.76
C LYS A 11 -6.13 -0.59 -4.31
N CYS A 12 -4.83 -0.40 -4.11
CA CYS A 12 -4.25 -0.47 -2.78
C CYS A 12 -3.50 0.82 -2.43
N SER A 13 -2.92 0.86 -1.24
CA SER A 13 -2.17 2.01 -0.78
C SER A 13 -0.75 1.60 -0.40
N HIS A 14 0.16 2.56 -0.34
CA HIS A 14 1.54 2.26 0.00
C HIS A 14 2.13 3.28 0.98
N ILE A 15 3.01 2.80 1.84
CA ILE A 15 3.66 3.64 2.83
C ILE A 15 5.04 3.09 3.18
N LEU A 16 6.08 3.85 2.86
CA LEU A 16 7.45 3.43 3.13
C LEU A 16 8.02 4.09 4.38
N VAL A 17 8.63 3.27 5.23
CA VAL A 17 9.26 3.77 6.45
C VAL A 17 10.51 2.93 6.77
N LYS A 18 11.61 3.59 7.10
CA LYS A 18 12.85 2.88 7.40
C LYS A 18 12.79 2.21 8.78
N LYS A 19 12.15 2.88 9.73
CA LYS A 19 12.02 2.33 11.07
C LYS A 19 11.03 1.17 11.03
N GLN A 20 11.52 0.02 10.58
CA GLN A 20 10.72 -1.18 10.43
C GLN A 20 9.82 -1.47 11.62
N GLY A 21 10.19 -1.00 12.80
CA GLY A 21 9.35 -1.26 13.94
C GLY A 21 8.03 -0.54 13.81
N GLU A 22 8.07 0.60 13.15
CA GLU A 22 6.87 1.38 12.90
C GLU A 22 6.01 0.68 11.87
N ALA A 23 6.66 0.12 10.86
CA ALA A 23 5.98 -0.59 9.80
C ALA A 23 5.03 -1.63 10.39
N LEU A 24 5.46 -2.25 11.49
CA LEU A 24 4.65 -3.24 12.18
C LEU A 24 3.51 -2.60 12.93
N ALA A 25 3.72 -1.35 13.37
CA ALA A 25 2.71 -0.63 14.13
C ALA A 25 1.72 0.08 13.20
N VAL A 26 2.23 0.66 12.12
CA VAL A 26 1.38 1.37 11.17
C VAL A 26 0.29 0.46 10.63
N GLN A 27 0.63 -0.81 10.40
CA GLN A 27 -0.36 -1.76 9.90
C GLN A 27 -1.57 -1.80 10.83
N GLU A 28 -1.30 -1.99 12.12
CA GLU A 28 -2.36 -2.03 13.12
C GLU A 28 -2.91 -0.63 13.38
N ARG A 29 -2.04 0.37 13.20
CA ARG A 29 -2.41 1.76 13.42
C ARG A 29 -3.28 2.31 12.28
N LEU A 30 -3.03 1.82 11.07
CA LEU A 30 -3.77 2.27 9.91
C LEU A 30 -5.28 2.14 10.13
N LYS A 31 -5.73 0.92 10.40
CA LYS A 31 -7.15 0.66 10.65
C LYS A 31 -7.59 1.21 12.02
N ALA A 32 -6.63 1.66 12.82
CA ALA A 32 -6.93 2.19 14.14
C ALA A 32 -7.93 3.35 14.08
N GLY A 33 -8.05 3.97 12.90
CA GLY A 33 -8.96 5.07 12.76
C GLY A 33 -8.46 6.14 11.80
N GLU A 34 -7.20 6.04 11.40
CA GLU A 34 -6.61 7.01 10.47
C GLU A 34 -6.50 6.43 9.07
N LYS A 35 -6.43 7.29 8.07
CA LYS A 35 -6.35 6.85 6.69
C LYS A 35 -4.91 6.83 6.17
N PHE A 36 -4.66 5.99 5.19
CA PHE A 36 -3.34 5.86 4.58
C PHE A 36 -2.83 7.23 4.13
N GLY A 37 -3.75 8.07 3.68
CA GLY A 37 -3.38 9.40 3.24
C GLY A 37 -2.60 10.15 4.30
N LYS A 38 -2.93 9.90 5.55
CA LYS A 38 -2.26 10.55 6.67
C LYS A 38 -0.83 10.02 6.80
N LEU A 39 -0.70 8.70 6.90
CA LEU A 39 0.61 8.07 7.02
C LEU A 39 1.54 8.52 5.90
N ALA A 40 0.97 8.77 4.72
CA ALA A 40 1.75 9.20 3.57
C ALA A 40 2.64 10.39 3.92
N LYS A 41 2.01 11.41 4.46
CA LYS A 41 2.72 12.62 4.88
C LYS A 41 3.27 12.48 6.29
N GLU A 42 2.67 11.59 7.08
CA GLU A 42 3.06 11.40 8.47
C GLU A 42 4.43 10.71 8.63
N LEU A 43 4.51 9.43 8.30
CA LEU A 43 5.79 8.70 8.44
C LEU A 43 6.29 8.15 7.10
N SER A 44 5.45 8.18 6.08
CA SER A 44 5.84 7.66 4.78
C SER A 44 7.00 8.46 4.18
N ILE A 45 7.95 7.75 3.58
CA ILE A 45 9.10 8.38 2.94
C ILE A 45 8.98 8.38 1.43
N ASP A 46 8.02 7.62 0.92
CA ASP A 46 7.78 7.51 -0.51
C ASP A 46 7.79 8.88 -1.18
N GLY A 47 8.46 8.98 -2.31
CA GLY A 47 8.57 10.23 -3.03
C GLY A 47 7.22 10.75 -3.53
N GLY A 48 7.26 11.89 -4.22
CA GLY A 48 6.07 12.55 -4.76
C GLY A 48 4.79 11.72 -4.73
N SER A 49 4.87 10.45 -5.09
CA SER A 49 3.70 9.58 -5.09
C SER A 49 2.95 9.65 -3.76
N ALA A 50 3.64 10.07 -2.71
CA ALA A 50 3.03 10.19 -1.39
C ALA A 50 2.05 11.35 -1.33
N LYS A 51 2.21 12.29 -2.25
CA LYS A 51 1.36 13.48 -2.31
C LYS A 51 -0.09 13.13 -2.68
N ARG A 52 -0.33 11.88 -3.08
CA ARG A 52 -1.67 11.46 -3.44
C ARG A 52 -2.30 10.61 -2.33
N ASP A 53 -1.81 10.81 -1.10
CA ASP A 53 -2.31 10.08 0.06
C ASP A 53 -1.87 8.61 0.03
N GLY A 54 -0.92 8.29 -0.85
CA GLY A 54 -0.43 6.93 -0.96
C GLY A 54 -1.41 6.03 -1.70
N SER A 55 -2.34 6.63 -2.42
CA SER A 55 -3.33 5.87 -3.17
C SER A 55 -2.70 5.25 -4.41
N LEU A 56 -2.17 4.04 -4.26
CA LEU A 56 -1.55 3.33 -5.37
C LEU A 56 -2.52 3.19 -6.54
N GLY A 57 -3.80 3.16 -6.23
CA GLY A 57 -4.81 3.04 -7.27
C GLY A 57 -4.77 1.69 -7.96
N TYR A 58 -5.46 1.59 -9.09
CA TYR A 58 -5.51 0.33 -9.85
C TYR A 58 -4.16 -0.01 -10.46
N PHE A 59 -3.62 -1.15 -10.06
CA PHE A 59 -2.36 -1.64 -10.59
C PHE A 59 -2.52 -3.10 -10.97
N GLY A 60 -1.77 -3.52 -11.96
CA GLY A 60 -1.87 -4.89 -12.41
C GLY A 60 -0.58 -5.68 -12.17
N ARG A 61 -0.54 -6.91 -12.67
CA ARG A 61 0.63 -7.75 -12.50
C ARG A 61 1.74 -7.31 -13.45
N GLY A 62 2.47 -6.29 -13.04
CA GLY A 62 3.55 -5.78 -13.86
C GLY A 62 3.75 -4.29 -13.71
N LYS A 63 3.57 -3.78 -12.50
CA LYS A 63 3.74 -2.36 -12.23
C LYS A 63 4.56 -2.12 -10.96
N MET A 64 4.19 -2.81 -9.89
CA MET A 64 4.89 -2.67 -8.61
C MET A 64 5.91 -3.79 -8.43
N VAL A 65 6.74 -3.66 -7.39
CA VAL A 65 7.76 -4.65 -7.10
C VAL A 65 7.13 -6.04 -6.91
N LYS A 66 7.94 -7.08 -7.06
CA LYS A 66 7.47 -8.45 -6.91
C LYS A 66 6.93 -8.76 -5.50
N PRO A 67 7.67 -8.40 -4.44
CA PRO A 67 7.22 -8.66 -3.07
C PRO A 67 5.97 -7.89 -2.72
N PHE A 68 5.88 -6.66 -3.19
CA PHE A 68 4.72 -5.82 -2.93
C PHE A 68 3.54 -6.26 -3.78
N GLU A 69 3.75 -6.37 -5.08
CA GLU A 69 2.70 -6.78 -6.00
C GLU A 69 2.12 -8.13 -5.58
N ASP A 70 2.95 -8.97 -4.99
CA ASP A 70 2.52 -10.28 -4.54
C ASP A 70 1.48 -10.16 -3.42
N ALA A 71 1.82 -9.39 -2.39
CA ALA A 71 0.93 -9.19 -1.26
C ALA A 71 -0.23 -8.24 -1.61
N ALA A 72 -0.10 -7.56 -2.75
CA ALA A 72 -1.13 -6.62 -3.19
C ALA A 72 -2.47 -7.32 -3.41
N PHE A 73 -2.45 -8.43 -4.12
CA PHE A 73 -3.66 -9.19 -4.40
C PHE A 73 -3.88 -10.30 -3.37
N ARG A 74 -3.19 -10.19 -2.23
CA ARG A 74 -3.32 -11.18 -1.18
C ARG A 74 -4.28 -10.71 -0.10
N LEU A 75 -4.38 -9.40 0.06
CA LEU A 75 -5.26 -8.82 1.07
C LEU A 75 -6.52 -8.25 0.43
N GLN A 76 -7.30 -9.11 -0.20
CA GLN A 76 -8.55 -8.70 -0.82
C GLN A 76 -9.57 -8.31 0.24
N VAL A 77 -9.33 -8.75 1.47
CA VAL A 77 -10.19 -8.44 2.59
C VAL A 77 -10.19 -6.94 2.87
N GLY A 78 -9.09 -6.29 2.52
CA GLY A 78 -8.97 -4.86 2.75
C GLY A 78 -8.26 -4.57 4.05
N GLU A 79 -7.05 -5.09 4.16
CA GLU A 79 -6.27 -4.90 5.36
C GLU A 79 -4.82 -4.64 5.03
N VAL A 80 -4.01 -4.37 6.05
CA VAL A 80 -2.60 -4.13 5.85
C VAL A 80 -1.84 -5.45 5.78
N SER A 81 -0.78 -5.48 4.99
CA SER A 81 0.01 -6.70 4.82
C SER A 81 1.33 -6.62 5.58
N GLU A 82 1.95 -7.78 5.78
CA GLU A 82 3.21 -7.87 6.50
C GLU A 82 4.25 -6.88 5.99
N PRO A 83 5.20 -6.49 6.85
CA PRO A 83 6.25 -5.55 6.48
C PRO A 83 7.09 -6.07 5.33
N VAL A 84 6.87 -5.50 4.15
CA VAL A 84 7.60 -5.90 2.96
C VAL A 84 8.70 -4.90 2.65
N LYS A 85 9.93 -5.25 2.99
CA LYS A 85 11.07 -4.38 2.75
C LYS A 85 11.73 -4.67 1.41
N SER A 86 11.62 -3.72 0.49
CA SER A 86 12.22 -3.86 -0.84
C SER A 86 13.51 -3.05 -0.92
N GLU A 87 14.06 -2.96 -2.13
CA GLU A 87 15.30 -2.20 -2.33
C GLU A 87 15.11 -0.74 -1.96
N PHE A 88 13.86 -0.30 -1.85
CA PHE A 88 13.56 1.09 -1.50
C PHE A 88 13.36 1.26 0.01
N GLY A 89 12.66 0.31 0.63
CA GLY A 89 12.42 0.40 2.06
C GLY A 89 11.32 -0.54 2.52
N TYR A 90 10.96 -0.42 3.80
CA TYR A 90 9.93 -1.26 4.37
C TYR A 90 8.55 -0.78 3.94
N HIS A 91 8.01 -1.44 2.92
CA HIS A 91 6.71 -1.08 2.36
C HIS A 91 5.54 -1.57 3.20
N VAL A 92 4.35 -1.08 2.85
CA VAL A 92 3.11 -1.45 3.53
C VAL A 92 1.95 -1.35 2.55
N ILE A 93 1.15 -2.41 2.45
CA ILE A 93 0.03 -2.42 1.51
C ILE A 93 -1.33 -2.40 2.20
N LYS A 94 -2.14 -1.40 1.87
CA LYS A 94 -3.47 -1.26 2.42
C LYS A 94 -4.47 -1.09 1.28
N ARG A 95 -5.37 -2.06 1.13
CA ARG A 95 -6.36 -2.02 0.05
C ARG A 95 -7.23 -0.77 0.11
N LEU A 96 -7.42 -0.17 -1.05
CA LEU A 96 -8.22 1.02 -1.18
C LEU A 96 -8.64 1.22 -2.63
N GLY A 97 -9.93 1.17 -2.86
CA GLY A 97 -10.46 1.34 -4.21
C GLY A 97 -11.91 1.76 -4.21
N GLY A 1 -13.97 -18.06 -14.94
CA GLY A 1 -13.35 -16.88 -15.60
C GLY A 1 -14.37 -15.83 -16.01
N PRO A 2 -14.71 -14.89 -15.12
CA PRO A 2 -15.69 -13.84 -15.39
C PRO A 2 -15.36 -13.08 -16.69
N MET A 3 -16.35 -12.99 -17.57
CA MET A 3 -16.17 -12.30 -18.84
C MET A 3 -16.31 -10.79 -18.67
N GLY A 4 -15.54 -10.03 -19.44
CA GLY A 4 -15.61 -8.58 -19.35
C GLY A 4 -15.03 -8.06 -18.05
N SER A 5 -13.80 -8.44 -17.75
CA SER A 5 -13.14 -8.01 -16.53
C SER A 5 -12.62 -6.58 -16.67
N MET A 6 -13.06 -5.70 -15.77
CA MET A 6 -12.66 -4.30 -15.80
C MET A 6 -11.78 -3.96 -14.60
N ALA A 7 -11.89 -4.75 -13.54
CA ALA A 7 -11.10 -4.52 -12.32
C ALA A 7 -9.85 -5.39 -12.31
N ASP A 8 -9.32 -5.70 -13.49
CA ASP A 8 -8.13 -6.53 -13.60
C ASP A 8 -7.01 -5.97 -12.72
N LYS A 9 -7.06 -4.66 -12.48
CA LYS A 9 -6.08 -3.99 -11.66
C LYS A 9 -6.45 -4.07 -10.19
N ILE A 10 -5.46 -3.85 -9.33
CA ILE A 10 -5.70 -3.85 -7.90
C ILE A 10 -5.53 -2.45 -7.38
N LYS A 11 -6.45 -2.05 -6.53
CA LYS A 11 -6.44 -0.72 -5.96
C LYS A 11 -6.01 -0.76 -4.50
N CYS A 12 -4.71 -0.54 -4.27
CA CYS A 12 -4.16 -0.57 -2.94
C CYS A 12 -3.44 0.75 -2.62
N SER A 13 -2.89 0.85 -1.41
CA SER A 13 -2.17 2.04 -0.98
C SER A 13 -0.75 1.67 -0.55
N HIS A 14 0.13 2.66 -0.49
CA HIS A 14 1.51 2.40 -0.11
C HIS A 14 2.03 3.39 0.93
N ILE A 15 3.01 2.94 1.71
CA ILE A 15 3.62 3.76 2.75
C ILE A 15 5.01 3.23 3.06
N LEU A 16 6.02 4.09 2.93
CA LEU A 16 7.41 3.68 3.17
C LEU A 16 7.97 4.34 4.43
N VAL A 17 8.60 3.53 5.28
CA VAL A 17 9.21 4.04 6.51
C VAL A 17 10.50 3.29 6.80
N LYS A 18 11.55 4.04 7.15
CA LYS A 18 12.85 3.44 7.43
C LYS A 18 12.86 2.73 8.77
N LYS A 19 12.15 3.28 9.75
CA LYS A 19 12.08 2.69 11.06
C LYS A 19 11.18 1.45 10.98
N GLN A 20 11.75 0.37 10.48
CA GLN A 20 11.03 -0.88 10.28
C GLN A 20 10.16 -1.28 11.46
N GLY A 21 10.51 -0.83 12.66
CA GLY A 21 9.70 -1.18 13.80
C GLY A 21 8.34 -0.53 13.72
N GLU A 22 8.30 0.64 13.10
CA GLU A 22 7.05 1.36 12.92
C GLU A 22 6.21 0.65 11.87
N ALA A 23 6.86 0.13 10.85
CA ALA A 23 6.18 -0.59 9.79
C ALA A 23 5.26 -1.67 10.38
N LEU A 24 5.74 -2.31 11.45
CA LEU A 24 4.98 -3.34 12.13
C LEU A 24 3.83 -2.73 12.92
N ALA A 25 4.02 -1.50 13.39
CA ALA A 25 2.99 -0.82 14.16
C ALA A 25 1.98 -0.14 13.24
N VAL A 26 2.47 0.66 12.31
CA VAL A 26 1.62 1.37 11.36
C VAL A 26 0.58 0.43 10.75
N GLN A 27 0.98 -0.81 10.49
CA GLN A 27 0.05 -1.77 9.91
C GLN A 27 -1.14 -1.96 10.85
N GLU A 28 -0.83 -2.18 12.12
CA GLU A 28 -1.87 -2.35 13.14
C GLU A 28 -2.55 -1.01 13.44
N ARG A 29 -1.80 0.07 13.27
CA ARG A 29 -2.28 1.41 13.55
C ARG A 29 -3.16 1.93 12.41
N LEU A 30 -2.82 1.56 11.18
CA LEU A 30 -3.55 1.99 10.00
C LEU A 30 -5.04 1.70 10.13
N LYS A 31 -5.38 0.43 10.32
CA LYS A 31 -6.77 0.02 10.47
C LYS A 31 -7.33 0.47 11.82
N ALA A 32 -6.46 0.97 12.70
CA ALA A 32 -6.87 1.43 14.01
C ALA A 32 -7.90 2.56 13.90
N GLY A 33 -7.89 3.26 12.77
CA GLY A 33 -8.81 4.34 12.56
C GLY A 33 -8.23 5.43 11.68
N GLU A 34 -6.90 5.43 11.53
CA GLU A 34 -6.23 6.43 10.70
C GLU A 34 -6.35 6.09 9.23
N LYS A 35 -6.20 7.10 8.37
CA LYS A 35 -6.29 6.91 6.94
C LYS A 35 -4.90 6.79 6.32
N PHE A 36 -4.78 5.87 5.35
CA PHE A 36 -3.51 5.65 4.66
C PHE A 36 -2.94 6.97 4.15
N GLY A 37 -3.81 7.89 3.78
CA GLY A 37 -3.38 9.18 3.29
C GLY A 37 -2.61 9.95 4.33
N LYS A 38 -3.00 9.80 5.60
CA LYS A 38 -2.33 10.49 6.69
C LYS A 38 -0.90 10.00 6.85
N LEU A 39 -0.74 8.69 6.98
CA LEU A 39 0.59 8.09 7.13
C LEU A 39 1.50 8.54 6.01
N ALA A 40 0.93 8.76 4.83
CA ALA A 40 1.70 9.19 3.68
C ALA A 40 2.57 10.40 4.02
N LYS A 41 1.93 11.43 4.55
CA LYS A 41 2.61 12.64 4.95
C LYS A 41 3.17 12.52 6.37
N GLU A 42 2.56 11.64 7.16
CA GLU A 42 2.95 11.47 8.56
C GLU A 42 4.32 10.80 8.73
N LEU A 43 4.43 9.52 8.40
CA LEU A 43 5.71 8.82 8.55
C LEU A 43 6.24 8.28 7.21
N SER A 44 5.41 8.28 6.19
CA SER A 44 5.82 7.77 4.89
C SER A 44 6.94 8.61 4.29
N ILE A 45 7.90 7.94 3.66
CA ILE A 45 9.04 8.61 3.04
C ILE A 45 8.87 8.66 1.53
N ASP A 46 7.88 7.91 1.03
CA ASP A 46 7.59 7.86 -0.41
C ASP A 46 7.59 9.25 -1.03
N GLY A 47 8.24 9.38 -2.17
CA GLY A 47 8.32 10.66 -2.86
C GLY A 47 6.96 11.18 -3.28
N GLY A 48 6.97 12.34 -3.96
CA GLY A 48 5.75 13.01 -4.43
C GLY A 48 4.48 12.17 -4.37
N SER A 49 4.56 10.90 -4.76
CA SER A 49 3.39 10.02 -4.72
C SER A 49 2.70 10.04 -3.35
N ALA A 50 3.40 10.54 -2.33
CA ALA A 50 2.84 10.62 -0.98
C ALA A 50 1.77 11.71 -0.93
N LYS A 51 1.84 12.62 -1.89
CA LYS A 51 0.90 13.72 -2.00
C LYS A 51 -0.44 13.22 -2.52
N ARG A 52 -0.45 11.96 -2.95
CA ARG A 52 -1.63 11.32 -3.48
C ARG A 52 -2.23 10.38 -2.45
N ASP A 53 -1.96 10.64 -1.17
CA ASP A 53 -2.45 9.82 -0.08
C ASP A 53 -2.08 8.34 -0.29
N GLY A 54 -0.90 8.12 -0.86
CA GLY A 54 -0.44 6.77 -1.11
C GLY A 54 -1.43 5.97 -1.96
N SER A 55 -2.28 6.67 -2.69
CA SER A 55 -3.27 6.03 -3.53
C SER A 55 -2.63 5.36 -4.73
N LEU A 56 -2.20 4.11 -4.54
CA LEU A 56 -1.57 3.35 -5.61
C LEU A 56 -2.52 3.21 -6.78
N GLY A 57 -3.82 3.12 -6.47
CA GLY A 57 -4.83 2.99 -7.50
C GLY A 57 -4.80 1.64 -8.20
N TYR A 58 -5.49 1.56 -9.32
CA TYR A 58 -5.55 0.31 -10.09
C TYR A 58 -4.22 -0.02 -10.75
N PHE A 59 -3.67 -1.16 -10.37
CA PHE A 59 -2.41 -1.63 -10.95
C PHE A 59 -2.52 -3.10 -11.27
N GLY A 60 -2.06 -3.47 -12.44
CA GLY A 60 -2.14 -4.87 -12.86
C GLY A 60 -0.97 -5.69 -12.36
N ARG A 61 -0.89 -6.93 -12.80
CA ARG A 61 0.18 -7.82 -12.40
C ARG A 61 1.36 -7.71 -13.35
N GLY A 62 2.26 -6.79 -13.04
CA GLY A 62 3.42 -6.60 -13.88
C GLY A 62 3.90 -5.16 -13.92
N LYS A 63 3.79 -4.47 -12.80
CA LYS A 63 4.22 -3.07 -12.71
C LYS A 63 4.78 -2.72 -11.34
N MET A 64 4.95 -3.74 -10.49
CA MET A 64 5.48 -3.52 -9.15
C MET A 64 6.42 -4.67 -8.74
N VAL A 65 7.06 -4.52 -7.59
CA VAL A 65 7.98 -5.54 -7.10
C VAL A 65 7.22 -6.81 -6.70
N LYS A 66 7.91 -7.95 -6.75
CA LYS A 66 7.30 -9.23 -6.42
C LYS A 66 6.75 -9.29 -5.00
N PRO A 67 7.52 -8.83 -3.99
CA PRO A 67 7.07 -8.86 -2.60
C PRO A 67 5.86 -7.97 -2.37
N PHE A 68 5.90 -6.79 -2.98
CA PHE A 68 4.81 -5.83 -2.85
C PHE A 68 3.61 -6.26 -3.68
N GLU A 69 3.84 -6.56 -4.95
CA GLU A 69 2.77 -6.98 -5.84
C GLU A 69 2.05 -8.21 -5.29
N ASP A 70 2.81 -9.05 -4.59
CA ASP A 70 2.25 -10.27 -4.01
C ASP A 70 1.20 -9.94 -2.96
N ALA A 71 1.56 -9.07 -2.01
CA ALA A 71 0.65 -8.67 -0.95
C ALA A 71 -0.43 -7.71 -1.44
N ALA A 72 -0.27 -7.22 -2.68
CA ALA A 72 -1.23 -6.29 -3.26
C ALA A 72 -2.59 -6.95 -3.47
N PHE A 73 -2.59 -8.12 -4.10
CA PHE A 73 -3.82 -8.85 -4.38
C PHE A 73 -4.13 -9.86 -3.27
N ARG A 74 -3.48 -9.70 -2.12
CA ARG A 74 -3.69 -10.62 -1.00
C ARG A 74 -4.71 -10.05 -0.01
N LEU A 75 -4.74 -8.73 0.11
CA LEU A 75 -5.67 -8.07 1.03
C LEU A 75 -6.85 -7.46 0.29
N GLN A 76 -7.56 -8.29 -0.48
CA GLN A 76 -8.72 -7.80 -1.21
C GLN A 76 -9.76 -7.23 -0.25
N VAL A 77 -9.66 -7.65 1.00
CA VAL A 77 -10.58 -7.18 2.05
C VAL A 77 -10.29 -5.72 2.38
N GLY A 78 -9.05 -5.29 2.18
CA GLY A 78 -8.68 -3.91 2.45
C GLY A 78 -8.04 -3.77 3.81
N GLU A 79 -6.95 -4.47 4.01
CA GLU A 79 -6.22 -4.44 5.25
C GLU A 79 -4.74 -4.21 4.97
N VAL A 80 -3.94 -4.10 6.02
CA VAL A 80 -2.51 -3.91 5.84
C VAL A 80 -1.82 -5.25 5.74
N SER A 81 -0.74 -5.31 4.97
CA SER A 81 -0.02 -6.57 4.79
C SER A 81 1.28 -6.59 5.60
N GLU A 82 1.82 -7.78 5.77
CA GLU A 82 3.05 -7.97 6.54
C GLU A 82 4.15 -7.01 6.10
N PRO A 83 5.09 -6.71 7.01
CA PRO A 83 6.20 -5.81 6.72
C PRO A 83 6.99 -6.27 5.51
N VAL A 84 6.80 -5.59 4.39
CA VAL A 84 7.49 -5.92 3.15
C VAL A 84 8.65 -4.96 2.91
N LYS A 85 9.86 -5.42 3.22
CA LYS A 85 11.04 -4.61 3.02
C LYS A 85 11.70 -4.92 1.68
N SER A 86 11.66 -3.95 0.77
CA SER A 86 12.26 -4.12 -0.55
C SER A 86 13.47 -3.21 -0.71
N GLU A 87 14.06 -3.23 -1.90
CA GLU A 87 15.23 -2.40 -2.18
C GLU A 87 14.93 -0.93 -1.88
N PHE A 88 13.65 -0.57 -1.88
CA PHE A 88 13.23 0.79 -1.62
C PHE A 88 13.08 1.06 -0.11
N GLY A 89 12.78 0.00 0.63
CA GLY A 89 12.61 0.14 2.07
C GLY A 89 11.46 -0.66 2.61
N TYR A 90 11.12 -0.44 3.87
CA TYR A 90 10.03 -1.14 4.53
C TYR A 90 8.70 -0.60 4.03
N HIS A 91 8.08 -1.35 3.11
CA HIS A 91 6.83 -0.94 2.51
C HIS A 91 5.61 -1.40 3.32
N VAL A 92 4.45 -0.86 2.93
CA VAL A 92 3.18 -1.20 3.56
C VAL A 92 2.07 -1.15 2.52
N ILE A 93 1.18 -2.13 2.52
CA ILE A 93 0.12 -2.18 1.53
C ILE A 93 -1.27 -2.29 2.16
N LYS A 94 -2.13 -1.33 1.84
CA LYS A 94 -3.50 -1.31 2.33
C LYS A 94 -4.47 -1.13 1.16
N ARG A 95 -5.22 -2.18 0.85
CA ARG A 95 -6.14 -2.15 -0.28
C ARG A 95 -7.15 -1.02 -0.17
N LEU A 96 -7.35 -0.32 -1.27
CA LEU A 96 -8.26 0.78 -1.37
C LEU A 96 -8.72 0.95 -2.81
N GLY A 97 -10.01 0.76 -3.03
CA GLY A 97 -10.56 0.88 -4.37
C GLY A 97 -12.04 1.15 -4.35
N GLY A 1 -23.50 -5.83 -11.98
CA GLY A 1 -22.84 -4.50 -11.90
C GLY A 1 -22.88 -3.76 -13.22
N PRO A 2 -22.12 -2.65 -13.34
CA PRO A 2 -22.08 -1.85 -14.57
C PRO A 2 -21.41 -2.59 -15.71
N MET A 3 -21.80 -2.26 -16.94
CA MET A 3 -21.23 -2.89 -18.13
C MET A 3 -19.94 -2.19 -18.55
N GLY A 4 -19.03 -2.95 -19.14
CA GLY A 4 -17.77 -2.39 -19.59
C GLY A 4 -16.88 -1.96 -18.43
N SER A 5 -17.14 -2.50 -17.25
CA SER A 5 -16.35 -2.17 -16.08
C SER A 5 -15.13 -3.08 -15.94
N MET A 6 -13.95 -2.47 -15.89
CA MET A 6 -12.70 -3.22 -15.77
C MET A 6 -12.11 -3.05 -14.37
N ALA A 7 -11.78 -4.17 -13.73
CA ALA A 7 -11.22 -4.14 -12.39
C ALA A 7 -10.13 -5.20 -12.21
N ASP A 8 -9.49 -5.59 -13.31
CA ASP A 8 -8.43 -6.58 -13.25
C ASP A 8 -7.30 -6.12 -12.33
N LYS A 9 -7.21 -4.81 -12.12
CA LYS A 9 -6.19 -4.23 -11.28
C LYS A 9 -6.58 -4.25 -9.82
N ILE A 10 -5.62 -3.87 -8.97
CA ILE A 10 -5.84 -3.81 -7.54
C ILE A 10 -5.83 -2.37 -7.12
N LYS A 11 -6.76 -2.04 -6.26
CA LYS A 11 -6.88 -0.69 -5.76
C LYS A 11 -6.42 -0.64 -4.32
N CYS A 12 -5.12 -0.47 -4.12
CA CYS A 12 -4.56 -0.42 -2.78
C CYS A 12 -3.64 0.79 -2.63
N SER A 13 -3.07 0.95 -1.45
CA SER A 13 -2.18 2.07 -1.15
C SER A 13 -0.94 1.56 -0.42
N HIS A 14 0.14 2.34 -0.40
CA HIS A 14 1.37 1.91 0.27
C HIS A 14 2.06 3.04 1.02
N ILE A 15 2.85 2.64 2.03
CA ILE A 15 3.62 3.57 2.85
C ILE A 15 5.04 3.04 3.05
N LEU A 16 6.01 3.94 3.03
CA LEU A 16 7.41 3.55 3.21
C LEU A 16 8.05 4.23 4.40
N VAL A 17 8.68 3.44 5.26
CA VAL A 17 9.35 3.97 6.45
C VAL A 17 10.62 3.17 6.74
N LYS A 18 11.72 3.87 7.02
CA LYS A 18 12.98 3.19 7.32
C LYS A 18 12.91 2.48 8.66
N LYS A 19 12.23 3.09 9.61
CA LYS A 19 12.07 2.50 10.93
C LYS A 19 11.11 1.32 10.83
N GLN A 20 11.65 0.20 10.35
CA GLN A 20 10.88 -1.02 10.12
C GLN A 20 10.00 -1.39 11.30
N GLY A 21 10.36 -0.97 12.50
CA GLY A 21 9.54 -1.31 13.64
C GLY A 21 8.21 -0.61 13.57
N GLU A 22 8.20 0.57 12.98
CA GLU A 22 6.98 1.32 12.82
C GLU A 22 6.08 0.64 11.80
N ALA A 23 6.69 0.14 10.74
CA ALA A 23 5.96 -0.54 9.68
C ALA A 23 5.05 -1.62 10.27
N LEU A 24 5.55 -2.28 11.31
CA LEU A 24 4.79 -3.32 11.99
C LEU A 24 3.67 -2.72 12.82
N ALA A 25 3.88 -1.51 13.31
CA ALA A 25 2.89 -0.82 14.14
C ALA A 25 1.86 -0.09 13.29
N VAL A 26 2.33 0.59 12.24
CA VAL A 26 1.45 1.34 11.36
C VAL A 26 0.32 0.44 10.84
N GLN A 27 0.65 -0.80 10.54
CA GLN A 27 -0.36 -1.74 10.04
C GLN A 27 -1.50 -1.84 11.05
N GLU A 28 -1.14 -2.05 12.31
CA GLU A 28 -2.11 -2.15 13.39
C GLU A 28 -2.68 -0.77 13.74
N ARG A 29 -1.85 0.25 13.56
CA ARG A 29 -2.21 1.63 13.86
C ARG A 29 -3.11 2.24 12.78
N LEU A 30 -2.99 1.74 11.57
CA LEU A 30 -3.78 2.25 10.45
C LEU A 30 -5.27 2.06 10.70
N LYS A 31 -5.67 0.84 11.02
CA LYS A 31 -7.07 0.53 11.27
C LYS A 31 -7.57 1.19 12.56
N ALA A 32 -6.65 1.76 13.34
CA ALA A 32 -6.99 2.40 14.59
C ALA A 32 -8.04 3.50 14.38
N GLY A 33 -8.11 4.00 13.15
CA GLY A 33 -9.06 5.04 12.84
C GLY A 33 -8.45 6.13 11.96
N GLU A 34 -7.14 6.09 11.79
CA GLU A 34 -6.44 7.07 10.97
C GLU A 34 -6.61 6.76 9.49
N LYS A 35 -6.45 7.78 8.65
CA LYS A 35 -6.57 7.61 7.21
C LYS A 35 -5.25 7.23 6.58
N PHE A 36 -5.28 6.26 5.68
CA PHE A 36 -4.09 5.78 5.00
C PHE A 36 -3.34 6.93 4.35
N GLY A 37 -4.07 7.77 3.61
CA GLY A 37 -3.46 8.90 2.94
C GLY A 37 -2.66 9.77 3.90
N LYS A 38 -3.15 9.87 5.13
CA LYS A 38 -2.49 10.68 6.15
C LYS A 38 -1.07 10.19 6.40
N LEU A 39 -0.95 8.89 6.69
CA LEU A 39 0.36 8.29 6.96
C LEU A 39 1.34 8.59 5.83
N ALA A 40 0.84 8.69 4.60
CA ALA A 40 1.68 8.97 3.46
C ALA A 40 2.54 10.21 3.72
N LYS A 41 1.89 11.29 4.08
CA LYS A 41 2.58 12.54 4.39
C LYS A 41 3.04 12.58 5.84
N GLU A 42 2.37 11.79 6.69
CA GLU A 42 2.67 11.78 8.12
C GLU A 42 4.05 11.14 8.42
N LEU A 43 4.18 9.83 8.21
CA LEU A 43 5.46 9.15 8.48
C LEU A 43 6.05 8.51 7.24
N SER A 44 5.25 8.36 6.18
CA SER A 44 5.76 7.75 4.96
C SER A 44 6.84 8.60 4.32
N ILE A 45 7.93 7.94 3.90
CA ILE A 45 9.05 8.62 3.27
C ILE A 45 8.96 8.54 1.75
N ASP A 46 8.02 7.73 1.26
CA ASP A 46 7.82 7.55 -0.17
C ASP A 46 7.81 8.92 -0.89
N GLY A 47 8.51 8.98 -2.01
CA GLY A 47 8.59 10.21 -2.77
C GLY A 47 7.23 10.66 -3.29
N GLY A 48 7.22 11.77 -4.03
CA GLY A 48 5.99 12.36 -4.59
C GLY A 48 4.76 11.47 -4.53
N SER A 49 4.90 10.20 -4.90
CA SER A 49 3.76 9.27 -4.88
C SER A 49 3.06 9.29 -3.52
N ALA A 50 3.84 9.47 -2.45
CA ALA A 50 3.30 9.52 -1.11
C ALA A 50 2.51 10.80 -0.87
N LYS A 51 2.79 11.81 -1.69
CA LYS A 51 2.11 13.09 -1.58
C LYS A 51 0.72 13.01 -2.18
N ARG A 52 0.41 11.86 -2.79
CA ARG A 52 -0.88 11.62 -3.40
C ARG A 52 -1.72 10.71 -2.52
N ASP A 53 -1.41 10.69 -1.22
CA ASP A 53 -2.13 9.86 -0.26
C ASP A 53 -1.78 8.38 -0.43
N GLY A 54 -0.73 8.10 -1.21
CA GLY A 54 -0.32 6.72 -1.43
C GLY A 54 -1.40 5.89 -2.06
N SER A 55 -2.36 6.54 -2.72
CA SER A 55 -3.46 5.85 -3.37
C SER A 55 -2.97 5.18 -4.66
N LEU A 56 -2.44 3.98 -4.52
CA LEU A 56 -1.94 3.23 -5.66
C LEU A 56 -3.06 2.98 -6.68
N GLY A 57 -4.31 3.08 -6.21
CA GLY A 57 -5.44 2.86 -7.10
C GLY A 57 -5.31 1.58 -7.90
N TYR A 58 -6.21 1.40 -8.87
CA TYR A 58 -6.19 0.20 -9.71
C TYR A 58 -4.84 0.01 -10.39
N PHE A 59 -4.13 -1.02 -9.97
CA PHE A 59 -2.84 -1.35 -10.58
C PHE A 59 -2.83 -2.83 -10.96
N GLY A 60 -1.89 -3.20 -11.79
CA GLY A 60 -1.81 -4.60 -12.20
C GLY A 60 -0.42 -5.17 -12.00
N ARG A 61 -0.21 -6.40 -12.45
CA ARG A 61 1.08 -7.05 -12.29
C ARG A 61 1.99 -6.67 -13.45
N GLY A 62 3.08 -5.99 -13.13
CA GLY A 62 4.00 -5.59 -14.17
C GLY A 62 4.69 -4.26 -13.88
N LYS A 63 4.20 -3.53 -12.88
CA LYS A 63 4.78 -2.24 -12.52
C LYS A 63 5.03 -2.13 -11.02
N MET A 64 5.31 -3.25 -10.37
CA MET A 64 5.59 -3.26 -8.94
C MET A 64 6.52 -4.41 -8.56
N VAL A 65 7.32 -4.19 -7.51
CA VAL A 65 8.27 -5.20 -7.05
C VAL A 65 7.58 -6.54 -6.81
N LYS A 66 8.36 -7.61 -6.86
CA LYS A 66 7.82 -8.97 -6.66
C LYS A 66 7.13 -9.15 -5.32
N PRO A 67 7.76 -8.71 -4.21
CA PRO A 67 7.18 -8.86 -2.87
C PRO A 67 5.91 -8.04 -2.69
N PHE A 68 5.92 -6.86 -3.26
CA PHE A 68 4.76 -5.96 -3.17
C PHE A 68 3.65 -6.43 -4.10
N GLU A 69 4.01 -6.69 -5.35
CA GLU A 69 3.04 -7.16 -6.33
C GLU A 69 2.33 -8.40 -5.82
N ASP A 70 3.07 -9.24 -5.09
CA ASP A 70 2.51 -10.46 -4.52
C ASP A 70 1.51 -10.14 -3.42
N ALA A 71 1.91 -9.28 -2.49
CA ALA A 71 1.06 -8.89 -1.38
C ALA A 71 -0.02 -7.91 -1.82
N ALA A 72 0.10 -7.39 -3.05
CA ALA A 72 -0.86 -6.44 -3.58
C ALA A 72 -2.24 -7.07 -3.74
N PHE A 73 -2.28 -8.27 -4.31
CA PHE A 73 -3.54 -8.97 -4.54
C PHE A 73 -3.80 -10.02 -3.46
N ARG A 74 -3.10 -9.92 -2.34
CA ARG A 74 -3.27 -10.87 -1.24
C ARG A 74 -4.26 -10.35 -0.21
N LEU A 75 -4.34 -9.03 -0.10
CA LEU A 75 -5.26 -8.40 0.86
C LEU A 75 -6.49 -7.84 0.18
N GLN A 76 -7.29 -8.72 -0.38
CA GLN A 76 -8.52 -8.31 -1.05
C GLN A 76 -9.58 -7.92 -0.01
N VAL A 77 -9.35 -8.36 1.23
CA VAL A 77 -10.26 -8.06 2.33
C VAL A 77 -10.24 -6.58 2.67
N GLY A 78 -9.12 -5.92 2.37
CA GLY A 78 -9.00 -4.51 2.67
C GLY A 78 -8.30 -4.29 3.99
N GLU A 79 -7.09 -4.78 4.08
CA GLU A 79 -6.31 -4.67 5.30
C GLU A 79 -4.86 -4.37 5.00
N VAL A 80 -4.08 -4.17 6.05
CA VAL A 80 -2.67 -3.91 5.89
C VAL A 80 -1.91 -5.21 5.74
N SER A 81 -0.82 -5.20 4.97
CA SER A 81 -0.04 -6.41 4.76
C SER A 81 1.26 -6.38 5.56
N GLU A 82 1.82 -7.57 5.77
CA GLU A 82 3.05 -7.71 6.54
C GLU A 82 4.15 -6.77 6.05
N PRO A 83 5.15 -6.50 6.92
CA PRO A 83 6.26 -5.63 6.58
C PRO A 83 7.04 -6.13 5.37
N VAL A 84 6.81 -5.48 4.23
CA VAL A 84 7.50 -5.87 3.00
C VAL A 84 8.66 -4.93 2.70
N LYS A 85 9.87 -5.39 2.98
CA LYS A 85 11.06 -4.59 2.75
C LYS A 85 11.62 -4.86 1.37
N SER A 86 11.56 -3.86 0.50
CA SER A 86 12.09 -3.99 -0.85
C SER A 86 13.37 -3.19 -1.00
N GLU A 87 13.87 -3.11 -2.23
CA GLU A 87 15.10 -2.37 -2.50
C GLU A 87 14.94 -0.89 -2.16
N PHE A 88 13.70 -0.44 -2.02
CA PHE A 88 13.40 0.95 -1.70
C PHE A 88 13.27 1.16 -0.19
N GLY A 89 12.65 0.20 0.49
CA GLY A 89 12.47 0.32 1.94
C GLY A 89 11.36 -0.56 2.47
N TYR A 90 10.99 -0.34 3.72
CA TYR A 90 9.94 -1.11 4.36
C TYR A 90 8.58 -0.63 3.87
N HIS A 91 8.02 -1.38 2.92
CA HIS A 91 6.73 -1.03 2.33
C HIS A 91 5.55 -1.61 3.09
N VAL A 92 4.37 -1.08 2.79
CA VAL A 92 3.12 -1.52 3.40
C VAL A 92 2.01 -1.47 2.35
N ILE A 93 0.99 -2.31 2.49
CA ILE A 93 -0.10 -2.31 1.51
C ILE A 93 -1.47 -2.47 2.15
N LYS A 94 -2.33 -1.49 1.88
CA LYS A 94 -3.70 -1.50 2.38
C LYS A 94 -4.67 -1.25 1.23
N ARG A 95 -5.40 -2.29 0.84
CA ARG A 95 -6.35 -2.18 -0.26
C ARG A 95 -7.41 -1.11 -0.02
N LEU A 96 -7.66 -0.33 -1.06
CA LEU A 96 -8.63 0.73 -1.05
C LEU A 96 -9.12 0.98 -2.47
N GLY A 97 -10.41 0.75 -2.70
CA GLY A 97 -10.97 0.96 -4.02
C GLY A 97 -12.47 1.16 -3.97
N GLY A 1 -15.49 1.81 -26.13
CA GLY A 1 -14.11 1.41 -25.73
C GLY A 1 -13.88 -0.07 -25.90
N PRO A 2 -12.65 -0.48 -26.27
CA PRO A 2 -12.30 -1.89 -26.46
C PRO A 2 -12.62 -2.74 -25.24
N MET A 3 -13.13 -3.95 -25.48
CA MET A 3 -13.49 -4.85 -24.39
C MET A 3 -12.26 -5.20 -23.55
N GLY A 4 -12.45 -5.22 -22.23
CA GLY A 4 -11.34 -5.52 -21.34
C GLY A 4 -11.42 -4.77 -20.03
N SER A 5 -12.21 -3.69 -20.00
CA SER A 5 -12.35 -2.89 -18.79
C SER A 5 -12.97 -3.70 -17.66
N MET A 6 -12.37 -3.61 -16.47
CA MET A 6 -12.85 -4.34 -15.31
C MET A 6 -11.99 -4.05 -14.08
N ALA A 7 -12.26 -4.75 -12.99
CA ALA A 7 -11.51 -4.56 -11.75
C ALA A 7 -10.32 -5.51 -11.68
N ASP A 8 -9.74 -5.84 -12.82
CA ASP A 8 -8.60 -6.73 -12.89
C ASP A 8 -7.46 -6.20 -12.02
N LYS A 9 -7.44 -4.88 -11.82
CA LYS A 9 -6.42 -4.24 -11.02
C LYS A 9 -6.77 -4.29 -9.55
N ILE A 10 -5.77 -4.01 -8.72
CA ILE A 10 -5.96 -3.99 -7.28
C ILE A 10 -5.83 -2.57 -6.78
N LYS A 11 -6.70 -2.21 -5.88
CA LYS A 11 -6.70 -0.87 -5.33
C LYS A 11 -6.22 -0.89 -3.89
N CYS A 12 -4.92 -0.62 -3.72
CA CYS A 12 -4.30 -0.63 -2.41
C CYS A 12 -3.55 0.67 -2.13
N SER A 13 -2.95 0.77 -0.95
CA SER A 13 -2.20 1.96 -0.56
C SER A 13 -0.80 1.56 -0.12
N HIS A 14 0.14 2.51 -0.13
CA HIS A 14 1.51 2.21 0.26
C HIS A 14 2.10 3.30 1.16
N ILE A 15 3.03 2.87 2.02
CA ILE A 15 3.71 3.76 2.95
C ILE A 15 5.10 3.20 3.30
N LEU A 16 6.14 3.92 2.91
CA LEU A 16 7.51 3.48 3.15
C LEU A 16 8.14 4.17 4.36
N VAL A 17 8.88 3.39 5.16
CA VAL A 17 9.59 3.92 6.32
C VAL A 17 10.78 3.04 6.67
N LYS A 18 11.92 3.66 6.94
CA LYS A 18 13.10 2.91 7.33
C LYS A 18 12.86 2.24 8.67
N LYS A 19 11.86 2.76 9.38
CA LYS A 19 11.45 2.25 10.67
C LYS A 19 10.74 0.91 10.51
N GLN A 20 11.50 -0.15 10.30
CA GLN A 20 10.95 -1.48 10.09
C GLN A 20 9.87 -1.84 11.11
N GLY A 21 10.08 -1.48 12.38
CA GLY A 21 9.10 -1.80 13.40
C GLY A 21 7.83 -0.98 13.27
N GLU A 22 7.97 0.24 12.77
CA GLU A 22 6.83 1.12 12.59
C GLU A 22 5.89 0.55 11.55
N ALA A 23 6.49 0.00 10.49
CA ALA A 23 5.74 -0.58 9.38
C ALA A 23 4.58 -1.42 9.91
N LEU A 24 4.84 -2.20 10.95
CA LEU A 24 3.82 -3.03 11.59
C LEU A 24 2.85 -2.16 12.39
N ALA A 25 3.40 -1.22 13.15
CA ALA A 25 2.57 -0.32 13.95
C ALA A 25 1.49 0.32 13.10
N VAL A 26 1.92 1.03 12.05
CA VAL A 26 0.99 1.69 11.14
C VAL A 26 -0.04 0.70 10.61
N GLN A 27 0.37 -0.56 10.46
CA GLN A 27 -0.54 -1.59 9.96
C GLN A 27 -1.82 -1.60 10.79
N GLU A 28 -1.67 -1.85 12.08
CA GLU A 28 -2.80 -1.88 13.00
C GLU A 28 -3.34 -0.46 13.25
N ARG A 29 -2.46 0.53 13.09
CA ARG A 29 -2.83 1.93 13.31
C ARG A 29 -3.62 2.51 12.14
N LEU A 30 -3.35 2.02 10.94
CA LEU A 30 -4.02 2.51 9.74
C LEU A 30 -5.54 2.37 9.88
N LYS A 31 -6.00 1.14 10.08
CA LYS A 31 -7.43 0.88 10.22
C LYS A 31 -7.94 1.39 11.57
N ALA A 32 -7.03 1.80 12.44
CA ALA A 32 -7.40 2.29 13.77
C ALA A 32 -8.31 3.50 13.67
N GLY A 33 -8.21 4.22 12.55
CA GLY A 33 -9.03 5.40 12.35
C GLY A 33 -8.35 6.43 11.46
N GLU A 34 -7.04 6.30 11.29
CA GLU A 34 -6.27 7.22 10.47
C GLU A 34 -6.43 6.88 8.99
N LYS A 35 -6.19 7.87 8.14
CA LYS A 35 -6.29 7.68 6.71
C LYS A 35 -4.94 7.37 6.08
N PHE A 36 -4.92 6.40 5.17
CA PHE A 36 -3.69 6.02 4.49
C PHE A 36 -2.94 7.24 3.99
N GLY A 37 -3.70 8.26 3.59
CA GLY A 37 -3.11 9.48 3.09
C GLY A 37 -2.32 10.21 4.17
N LYS A 38 -2.82 10.13 5.41
CA LYS A 38 -2.16 10.78 6.53
C LYS A 38 -0.75 10.24 6.70
N LEU A 39 -0.63 8.92 6.82
CA LEU A 39 0.66 8.28 6.99
C LEU A 39 1.62 8.67 5.87
N ALA A 40 1.08 8.85 4.67
CA ALA A 40 1.89 9.22 3.51
C ALA A 40 2.76 10.42 3.85
N LYS A 41 2.14 11.48 4.32
CA LYS A 41 2.86 12.69 4.69
C LYS A 41 3.37 12.61 6.13
N GLU A 42 2.71 11.77 6.94
CA GLU A 42 3.09 11.64 8.35
C GLU A 42 4.44 10.96 8.57
N LEU A 43 4.52 9.66 8.27
CA LEU A 43 5.78 8.93 8.46
C LEU A 43 6.32 8.34 7.16
N SER A 44 5.52 8.35 6.10
CA SER A 44 5.97 7.78 4.83
C SER A 44 7.15 8.55 4.26
N ILE A 45 8.15 7.81 3.81
CA ILE A 45 9.35 8.41 3.24
C ILE A 45 9.25 8.51 1.72
N ASP A 46 8.32 7.75 1.14
CA ASP A 46 8.13 7.74 -0.31
C ASP A 46 8.11 9.17 -0.87
N GLY A 47 8.84 9.36 -1.96
CA GLY A 47 8.93 10.66 -2.59
C GLY A 47 7.59 11.16 -3.10
N GLY A 48 7.62 12.35 -3.72
CA GLY A 48 6.42 13.00 -4.28
C GLY A 48 5.19 12.11 -4.38
N SER A 49 5.37 10.87 -4.82
CA SER A 49 4.25 9.95 -4.95
C SER A 49 3.42 9.88 -3.67
N ALA A 50 4.01 10.26 -2.54
CA ALA A 50 3.31 10.25 -1.27
C ALA A 50 2.24 11.35 -1.22
N LYS A 51 2.40 12.35 -2.08
CA LYS A 51 1.46 13.47 -2.14
C LYS A 51 0.10 13.04 -2.67
N ARG A 52 -0.03 11.79 -3.06
CA ARG A 52 -1.29 11.26 -3.59
C ARG A 52 -2.00 10.42 -2.54
N ASP A 53 -1.70 10.69 -1.27
CA ASP A 53 -2.29 9.97 -0.15
C ASP A 53 -1.97 8.47 -0.22
N GLY A 54 -0.83 8.15 -0.81
CA GLY A 54 -0.42 6.76 -0.93
C GLY A 54 -1.48 5.90 -1.59
N SER A 55 -2.36 6.51 -2.37
CA SER A 55 -3.42 5.78 -3.04
C SER A 55 -2.88 5.08 -4.29
N LEU A 56 -2.43 3.86 -4.12
CA LEU A 56 -1.89 3.08 -5.22
C LEU A 56 -2.93 2.92 -6.33
N GLY A 57 -4.20 2.93 -5.94
CA GLY A 57 -5.27 2.78 -6.90
C GLY A 57 -5.21 1.46 -7.62
N TYR A 58 -5.97 1.34 -8.70
CA TYR A 58 -5.99 0.10 -9.48
C TYR A 58 -4.64 -0.19 -10.11
N PHE A 59 -4.03 -1.31 -9.72
CA PHE A 59 -2.77 -1.74 -10.27
C PHE A 59 -2.90 -3.19 -10.72
N GLY A 60 -2.02 -3.60 -11.61
CA GLY A 60 -2.09 -4.97 -12.10
C GLY A 60 -0.74 -5.67 -12.01
N ARG A 61 -0.67 -6.88 -12.56
CA ARG A 61 0.56 -7.66 -12.53
C ARG A 61 1.54 -7.11 -13.54
N GLY A 62 2.28 -6.09 -13.11
CA GLY A 62 3.26 -5.49 -14.00
C GLY A 62 3.43 -4.00 -13.76
N LYS A 63 3.36 -3.59 -12.49
CA LYS A 63 3.52 -2.18 -12.15
C LYS A 63 4.41 -2.01 -10.92
N MET A 64 4.12 -2.77 -9.87
CA MET A 64 4.89 -2.69 -8.62
C MET A 64 5.93 -3.81 -8.54
N VAL A 65 6.81 -3.71 -7.56
CA VAL A 65 7.85 -4.72 -7.36
C VAL A 65 7.24 -6.09 -7.10
N LYS A 66 8.06 -7.13 -7.21
CA LYS A 66 7.60 -8.50 -7.01
C LYS A 66 7.09 -8.76 -5.59
N PRO A 67 7.84 -8.35 -4.55
CA PRO A 67 7.42 -8.55 -3.17
C PRO A 67 6.17 -7.77 -2.83
N PHE A 68 6.10 -6.55 -3.35
CA PHE A 68 4.95 -5.69 -3.11
C PHE A 68 3.75 -6.13 -3.93
N GLU A 69 3.95 -6.29 -5.23
CA GLU A 69 2.88 -6.71 -6.12
C GLU A 69 2.29 -8.05 -5.68
N ASP A 70 3.14 -8.89 -5.11
CA ASP A 70 2.71 -10.20 -4.64
C ASP A 70 1.68 -10.07 -3.51
N ALA A 71 2.01 -9.26 -2.51
CA ALA A 71 1.12 -9.06 -1.37
C ALA A 71 -0.05 -8.15 -1.72
N ALA A 72 0.00 -7.53 -2.90
CA ALA A 72 -1.06 -6.64 -3.35
C ALA A 72 -2.37 -7.39 -3.56
N PHE A 73 -2.30 -8.50 -4.26
CA PHE A 73 -3.48 -9.32 -4.55
C PHE A 73 -3.67 -10.41 -3.51
N ARG A 74 -3.00 -10.28 -2.37
CA ARG A 74 -3.11 -11.29 -1.31
C ARG A 74 -4.10 -10.85 -0.24
N LEU A 75 -4.23 -9.53 -0.06
CA LEU A 75 -5.14 -8.98 0.94
C LEU A 75 -6.39 -8.44 0.29
N GLN A 76 -7.20 -9.32 -0.25
CA GLN A 76 -8.45 -8.93 -0.89
C GLN A 76 -9.48 -8.54 0.17
N VAL A 77 -9.22 -8.98 1.41
CA VAL A 77 -10.10 -8.67 2.53
C VAL A 77 -10.09 -7.19 2.83
N GLY A 78 -8.99 -6.53 2.49
CA GLY A 78 -8.87 -5.11 2.75
C GLY A 78 -8.17 -4.84 4.05
N GLU A 79 -6.95 -5.32 4.15
CA GLU A 79 -6.17 -5.16 5.37
C GLU A 79 -4.72 -4.87 5.06
N VAL A 80 -3.93 -4.63 6.10
CA VAL A 80 -2.52 -4.38 5.91
C VAL A 80 -1.77 -5.69 5.73
N SER A 81 -0.72 -5.67 4.93
CA SER A 81 0.06 -6.87 4.65
C SER A 81 1.38 -6.87 5.40
N GLU A 82 1.99 -8.04 5.49
CA GLU A 82 3.26 -8.22 6.20
C GLU A 82 4.31 -7.20 5.76
N PRO A 83 5.24 -6.87 6.68
CA PRO A 83 6.31 -5.93 6.40
C PRO A 83 7.16 -6.37 5.21
N VAL A 84 6.98 -5.69 4.08
CA VAL A 84 7.72 -6.02 2.88
C VAL A 84 8.87 -5.04 2.68
N LYS A 85 10.07 -5.47 3.03
CA LYS A 85 11.26 -4.64 2.89
C LYS A 85 11.92 -4.86 1.54
N SER A 86 11.88 -3.84 0.69
CA SER A 86 12.49 -3.93 -0.63
C SER A 86 13.65 -2.97 -0.76
N GLU A 87 14.18 -2.83 -1.97
CA GLU A 87 15.30 -1.93 -2.21
C GLU A 87 14.94 -0.49 -1.87
N PHE A 88 13.65 -0.21 -1.79
CA PHE A 88 13.18 1.14 -1.47
C PHE A 88 12.99 1.33 0.04
N GLY A 89 12.78 0.23 0.75
CA GLY A 89 12.59 0.31 2.20
C GLY A 89 11.54 -0.64 2.70
N TYR A 90 11.05 -0.38 3.90
CA TYR A 90 10.03 -1.22 4.51
C TYR A 90 8.65 -0.81 3.99
N HIS A 91 8.17 -1.55 2.99
CA HIS A 91 6.89 -1.25 2.37
C HIS A 91 5.71 -1.80 3.18
N VAL A 92 4.56 -1.15 2.99
CA VAL A 92 3.33 -1.52 3.66
C VAL A 92 2.16 -1.41 2.68
N ILE A 93 1.28 -2.40 2.66
CA ILE A 93 0.16 -2.39 1.73
C ILE A 93 -1.20 -2.51 2.44
N LYS A 94 -2.05 -1.51 2.21
CA LYS A 94 -3.40 -1.50 2.78
C LYS A 94 -4.42 -1.26 1.67
N ARG A 95 -5.23 -2.28 1.40
CA ARG A 95 -6.21 -2.21 0.32
C ARG A 95 -7.17 -1.05 0.48
N LEU A 96 -7.42 -0.38 -0.64
CA LEU A 96 -8.29 0.76 -0.70
C LEU A 96 -8.79 0.95 -2.13
N GLY A 97 -10.08 0.80 -2.33
CA GLY A 97 -10.66 0.96 -3.65
C GLY A 97 -12.14 1.30 -3.60
#